data_7X89
#
_entry.id   7X89
#
_entity_poly.entity_id   1
_entity_poly.type   'polypeptide(L)'
_entity_poly.pdbx_seq_one_letter_code
;HMLAKEDYYQILGVPRNASQKEIKKAYYQLAKKYHPDTNKDDPKAKEKFSQLAEAYEVLSDEVKRKQYDAYGS
;
_entity_poly.pdbx_strand_id   A
#
# COMPACT_ATOMS: atom_id res chain seq x y z
N HIS A 1 -17.69 1.28 -16.79
CA HIS A 1 -16.22 0.98 -16.93
C HIS A 1 -15.48 0.86 -15.59
N MET A 2 -15.07 -0.38 -15.22
CA MET A 2 -14.38 -0.63 -13.97
C MET A 2 -12.89 -0.76 -14.23
N LEU A 3 -12.07 -0.05 -13.44
CA LEU A 3 -10.62 -0.08 -13.51
C LEU A 3 -10.06 -1.30 -12.76
N ALA A 4 -8.89 -1.80 -13.20
CA ALA A 4 -8.20 -2.90 -12.54
C ALA A 4 -7.69 -2.53 -11.16
N LYS A 5 -7.65 -3.52 -10.23
CA LYS A 5 -7.36 -3.30 -8.84
C LYS A 5 -6.22 -4.23 -8.45
N GLU A 6 -5.32 -3.71 -7.60
CA GLU A 6 -4.27 -4.45 -6.94
C GLU A 6 -4.49 -4.26 -5.46
N ASP A 7 -4.11 -5.24 -4.60
CA ASP A 7 -4.45 -5.19 -3.21
C ASP A 7 -3.38 -4.48 -2.45
N TYR A 8 -3.72 -3.82 -1.34
CA TYR A 8 -2.84 -2.97 -0.55
C TYR A 8 -1.64 -3.67 0.06
N TYR A 9 -1.72 -4.99 0.14
CA TYR A 9 -0.79 -5.91 0.71
C TYR A 9 0.40 -5.97 -0.20
N GLN A 10 0.08 -6.02 -1.50
CA GLN A 10 0.94 -6.30 -2.61
C GLN A 10 1.77 -5.09 -2.90
N ILE A 11 1.14 -3.93 -2.69
CA ILE A 11 1.64 -2.58 -2.80
C ILE A 11 2.78 -2.41 -1.83
N LEU A 12 2.56 -2.95 -0.62
CA LEU A 12 3.39 -2.83 0.52
C LEU A 12 4.38 -3.97 0.62
N GLY A 13 4.17 -5.08 -0.12
CA GLY A 13 5.04 -6.25 -0.04
C GLY A 13 4.83 -7.00 1.26
N VAL A 14 3.63 -6.86 1.85
CA VAL A 14 3.29 -7.40 3.14
C VAL A 14 2.43 -8.63 2.91
N PRO A 15 2.41 -9.60 3.81
CA PRO A 15 1.62 -10.80 3.68
C PRO A 15 0.16 -10.54 3.85
N ARG A 16 -0.63 -11.54 3.44
CA ARG A 16 -2.07 -11.63 3.58
C ARG A 16 -2.48 -11.69 5.05
N ASN A 17 -1.57 -12.16 5.93
CA ASN A 17 -1.80 -12.34 7.33
C ASN A 17 -1.03 -11.33 8.15
N ALA A 18 -0.63 -10.21 7.51
CA ALA A 18 0.07 -9.10 8.14
C ALA A 18 -0.64 -8.49 9.32
N SER A 19 0.20 -8.02 10.25
CA SER A 19 -0.25 -7.38 11.48
C SER A 19 0.10 -5.97 11.25
N GLN A 20 -0.56 -5.01 11.92
CA GLN A 20 -0.47 -3.64 11.46
C GLN A 20 0.90 -3.03 11.72
N LYS A 21 1.64 -3.57 12.72
CA LYS A 21 3.04 -3.29 12.97
C LYS A 21 3.92 -3.68 11.77
N GLU A 22 3.62 -4.81 11.10
CA GLU A 22 4.32 -5.30 9.91
C GLU A 22 4.18 -4.33 8.77
N ILE A 23 2.94 -3.83 8.63
CA ILE A 23 2.56 -2.86 7.69
C ILE A 23 3.26 -1.54 7.90
N LYS A 24 3.47 -1.18 9.17
CA LYS A 24 4.21 0.04 9.51
C LYS A 24 5.65 -0.01 9.02
N LYS A 25 6.31 -1.19 9.10
CA LYS A 25 7.60 -1.47 8.70
C LYS A 25 7.85 -1.41 7.23
N ALA A 26 6.96 -2.03 6.42
CA ALA A 26 7.01 -1.92 4.99
C ALA A 26 6.80 -0.51 4.50
N TYR A 27 5.89 0.24 5.13
CA TYR A 27 5.52 1.57 4.70
C TYR A 27 6.73 2.50 4.62
N TYR A 28 7.67 2.42 5.58
CA TYR A 28 8.85 3.26 5.63
C TYR A 28 9.74 3.01 4.43
N GLN A 29 9.92 1.70 4.21
CA GLN A 29 10.88 0.98 3.43
C GLN A 29 10.71 1.26 1.96
N LEU A 30 9.45 1.18 1.57
CA LEU A 30 8.81 1.47 0.32
C LEU A 30 8.59 2.90 0.00
N ALA A 31 8.23 3.68 1.02
CA ALA A 31 7.98 5.12 0.84
C ALA A 31 9.17 5.86 0.30
N LYS A 32 10.37 5.44 0.72
CA LYS A 32 11.68 5.84 0.25
C LYS A 32 11.90 5.53 -1.22
N LYS A 33 11.41 4.37 -1.71
CA LYS A 33 11.57 3.83 -3.01
C LYS A 33 10.93 4.73 -4.02
N TYR A 34 9.73 5.22 -3.65
CA TYR A 34 8.82 5.86 -4.46
C TYR A 34 8.61 7.36 -4.17
N HIS A 35 9.39 7.97 -3.24
CA HIS A 35 9.35 9.41 -2.94
C HIS A 35 10.21 10.22 -3.92
N PRO A 36 10.03 11.51 -4.23
CA PRO A 36 11.05 12.28 -4.96
C PRO A 36 12.35 12.37 -4.16
N ASP A 37 13.55 12.36 -4.77
CA ASP A 37 13.96 12.62 -6.15
C ASP A 37 13.76 11.52 -7.19
N THR A 38 13.20 10.33 -6.84
CA THR A 38 13.14 9.14 -7.72
C THR A 38 12.21 9.34 -8.90
N ASN A 39 11.33 10.33 -8.73
CA ASN A 39 9.92 10.31 -9.09
C ASN A 39 9.81 11.09 -10.38
N LYS A 40 10.94 11.75 -10.63
CA LYS A 40 11.45 12.41 -11.78
C LYS A 40 11.68 11.45 -12.93
N ASP A 41 12.28 10.29 -12.59
CA ASP A 41 12.73 9.28 -13.54
C ASP A 41 11.83 8.08 -13.68
N ASP A 42 10.63 8.12 -13.08
CA ASP A 42 9.59 7.19 -13.36
C ASP A 42 8.34 8.03 -13.20
N PRO A 43 7.51 8.21 -14.19
CA PRO A 43 6.14 8.62 -13.97
C PRO A 43 5.32 7.58 -13.23
N LYS A 44 5.80 6.33 -13.08
CA LYS A 44 5.00 5.34 -12.37
C LYS A 44 5.19 5.46 -10.86
N ALA A 45 6.35 5.97 -10.38
CA ALA A 45 6.73 5.98 -8.97
C ALA A 45 5.76 6.76 -8.09
N LYS A 46 5.28 7.91 -8.58
CA LYS A 46 4.29 8.73 -7.90
C LYS A 46 2.94 8.03 -7.75
N GLU A 47 2.55 7.19 -8.73
CA GLU A 47 1.34 6.37 -8.72
C GLU A 47 1.43 5.29 -7.66
N LYS A 48 2.58 4.61 -7.57
CA LYS A 48 2.98 3.61 -6.67
C LYS A 48 3.01 4.06 -5.23
N PHE A 49 3.62 5.25 -4.95
CA PHE A 49 3.64 5.98 -3.69
C PHE A 49 2.23 6.33 -3.22
N SER A 50 1.34 6.69 -4.17
CA SER A 50 -0.02 7.04 -3.91
C SER A 50 -0.77 5.84 -3.40
N GLN A 51 -0.49 4.60 -3.91
CA GLN A 51 -1.02 3.46 -3.39
C GLN A 51 -0.48 3.22 -2.01
N LEU A 52 0.83 3.43 -1.74
CA LEU A 52 1.48 3.08 -0.58
C LEU A 52 0.87 3.75 0.65
N ALA A 53 0.54 5.06 0.56
CA ALA A 53 -0.20 5.73 1.61
C ALA A 53 -1.59 5.19 1.80
N GLU A 54 -2.36 4.95 0.71
CA GLU A 54 -3.73 4.48 0.77
C GLU A 54 -3.78 3.07 1.32
N ALA A 55 -2.84 2.23 0.84
CA ALA A 55 -2.65 0.88 1.24
C ALA A 55 -2.28 0.73 2.68
N TYR A 56 -1.28 1.50 3.14
CA TYR A 56 -0.83 1.50 4.52
C TYR A 56 -1.86 1.86 5.47
N GLU A 57 -2.45 2.99 5.11
CA GLU A 57 -3.38 3.69 5.97
C GLU A 57 -4.58 2.84 6.33
N VAL A 58 -5.16 2.09 5.36
CA VAL A 58 -6.23 1.12 5.54
C VAL A 58 -5.74 -0.07 6.32
N LEU A 59 -4.58 -0.64 5.96
CA LEU A 59 -4.12 -1.92 6.47
C LEU A 59 -3.51 -1.78 7.84
N SER A 60 -3.41 -0.52 8.27
CA SER A 60 -2.78 -0.08 9.49
C SER A 60 -3.79 -0.27 10.58
N ASP A 61 -5.05 -0.59 10.21
CA ASP A 61 -5.98 -0.94 11.27
C ASP A 61 -6.34 -2.39 11.21
N GLU A 62 -6.62 -2.92 12.40
CA GLU A 62 -7.31 -4.16 12.62
C GLU A 62 -8.70 -4.11 12.00
N VAL A 63 -9.41 -2.95 12.04
CA VAL A 63 -10.76 -2.85 11.52
C VAL A 63 -10.80 -2.69 10.02
N LYS A 64 -10.07 -1.67 9.56
CA LYS A 64 -9.96 -1.23 8.19
C LYS A 64 -9.29 -2.25 7.33
N ARG A 65 -8.20 -2.90 7.81
CA ARG A 65 -7.59 -3.95 7.02
C ARG A 65 -8.59 -5.08 6.73
N LYS A 66 -9.31 -5.52 7.77
CA LYS A 66 -10.28 -6.54 7.79
C LYS A 66 -11.53 -6.28 7.00
N GLN A 67 -12.12 -5.06 7.09
CA GLN A 67 -13.25 -4.67 6.26
C GLN A 67 -12.89 -4.63 4.79
N TYR A 68 -11.73 -4.05 4.40
CA TYR A 68 -11.31 -4.08 3.01
C TYR A 68 -10.96 -5.46 2.50
N ASP A 69 -10.37 -6.34 3.34
CA ASP A 69 -10.15 -7.74 2.97
C ASP A 69 -11.47 -8.48 2.70
N ALA A 70 -12.57 -8.06 3.36
CA ALA A 70 -13.85 -8.73 3.32
C ALA A 70 -14.59 -8.29 2.09
N TYR A 71 -14.53 -6.97 1.84
CA TYR A 71 -15.22 -6.28 0.78
C TYR A 71 -14.50 -6.33 -0.55
N GLY A 72 -13.20 -6.68 -0.56
CA GLY A 72 -12.45 -6.93 -1.80
C GLY A 72 -12.50 -8.37 -2.23
N SER A 73 -13.21 -9.24 -1.48
CA SER A 73 -13.32 -10.67 -1.78
C SER A 73 -14.02 -10.98 -3.13
N HIS A 1 -12.44 2.34 -18.94
CA HIS A 1 -13.43 3.17 -18.17
C HIS A 1 -13.21 3.26 -16.66
N MET A 2 -12.34 2.39 -16.10
CA MET A 2 -12.05 2.33 -14.68
C MET A 2 -10.58 1.96 -14.52
N LEU A 3 -10.00 2.25 -13.34
CA LEU A 3 -8.64 1.92 -13.02
C LEU A 3 -8.48 0.47 -12.61
N ALA A 4 -7.33 -0.16 -12.95
CA ALA A 4 -6.96 -1.46 -12.47
C ALA A 4 -6.48 -1.39 -11.03
N LYS A 5 -6.68 -2.48 -10.25
CA LYS A 5 -6.47 -2.47 -8.82
C LYS A 5 -5.67 -3.69 -8.45
N GLU A 6 -4.67 -3.51 -7.57
CA GLU A 6 -3.92 -4.55 -6.92
C GLU A 6 -4.15 -4.35 -5.44
N ASP A 7 -3.99 -5.40 -4.59
CA ASP A 7 -4.44 -5.33 -3.23
C ASP A 7 -3.43 -4.59 -2.39
N TYR A 8 -3.85 -3.91 -1.32
CA TYR A 8 -2.99 -3.05 -0.50
C TYR A 8 -1.81 -3.73 0.16
N TYR A 9 -1.87 -5.05 0.25
CA TYR A 9 -0.94 -5.97 0.84
C TYR A 9 0.27 -6.03 -0.04
N GLN A 10 -0.02 -6.08 -1.34
CA GLN A 10 0.86 -6.36 -2.44
C GLN A 10 1.69 -5.15 -2.72
N ILE A 11 1.04 -3.99 -2.53
CA ILE A 11 1.53 -2.64 -2.63
C ILE A 11 2.64 -2.45 -1.65
N LEU A 12 2.41 -2.98 -0.43
CA LEU A 12 3.21 -2.85 0.72
C LEU A 12 4.23 -3.98 0.83
N GLY A 13 4.04 -5.10 0.08
CA GLY A 13 4.93 -6.25 0.16
C GLY A 13 4.73 -7.00 1.45
N VAL A 14 3.51 -6.91 2.00
CA VAL A 14 3.17 -7.45 3.30
C VAL A 14 2.28 -8.66 3.06
N PRO A 15 2.23 -9.63 3.94
CA PRO A 15 1.39 -10.80 3.82
C PRO A 15 -0.06 -10.47 4.04
N ARG A 16 -0.90 -11.44 3.68
CA ARG A 16 -2.33 -11.48 3.89
C ARG A 16 -2.69 -11.50 5.37
N ASN A 17 -1.77 -12.01 6.21
CA ASN A 17 -1.95 -12.18 7.63
C ASN A 17 -1.11 -11.18 8.41
N ALA A 18 -0.68 -10.10 7.73
CA ALA A 18 0.07 -9.00 8.31
C ALA A 18 -0.62 -8.32 9.46
N SER A 19 0.21 -7.90 10.42
CA SER A 19 -0.24 -7.27 11.64
C SER A 19 0.14 -5.85 11.42
N GLN A 20 -0.53 -4.91 12.10
CA GLN A 20 -0.48 -3.54 11.63
C GLN A 20 0.88 -2.90 11.86
N LYS A 21 1.64 -3.41 12.86
CA LYS A 21 3.04 -3.09 13.07
C LYS A 21 3.91 -3.51 11.88
N GLU A 22 3.61 -4.65 11.21
CA GLU A 22 4.30 -5.14 10.02
C GLU A 22 4.11 -4.18 8.87
N ILE A 23 2.87 -3.69 8.74
CA ILE A 23 2.46 -2.73 7.81
C ILE A 23 3.13 -1.39 8.02
N LYS A 24 3.35 -1.03 9.29
CA LYS A 24 4.10 0.19 9.62
C LYS A 24 5.52 0.15 9.10
N LYS A 25 6.20 -1.01 9.17
CA LYS A 25 7.48 -1.27 8.74
C LYS A 25 7.69 -1.20 7.26
N ALA A 26 6.78 -1.85 6.48
CA ALA A 26 6.83 -1.78 5.04
C ALA A 26 6.62 -0.39 4.52
N TYR A 27 5.70 0.37 5.14
CA TYR A 27 5.35 1.69 4.70
C TYR A 27 6.55 2.63 4.60
N TYR A 28 7.53 2.53 5.53
CA TYR A 28 8.73 3.36 5.52
C TYR A 28 9.59 3.05 4.31
N GLN A 29 9.75 1.73 4.12
CA GLN A 29 10.74 0.99 3.39
C GLN A 29 10.57 1.22 1.90
N LEU A 30 9.30 1.15 1.51
CA LEU A 30 8.66 1.41 0.26
C LEU A 30 8.49 2.83 -0.12
N ALA A 31 8.16 3.67 0.88
CA ALA A 31 7.94 5.09 0.67
C ALA A 31 9.16 5.77 0.06
N LYS A 32 10.35 5.35 0.50
CA LYS A 32 11.67 5.70 0.03
C LYS A 32 11.88 5.34 -1.42
N LYS A 33 11.33 4.18 -1.88
CA LYS A 33 11.47 3.60 -3.17
C LYS A 33 10.82 4.49 -4.19
N TYR A 34 9.64 5.00 -3.81
CA TYR A 34 8.73 5.70 -4.60
C TYR A 34 8.68 7.20 -4.31
N HIS A 35 9.62 7.73 -3.50
CA HIS A 35 9.92 9.14 -3.32
C HIS A 35 10.58 9.81 -4.52
N PRO A 36 10.60 11.15 -4.65
CA PRO A 36 11.58 11.82 -5.51
C PRO A 36 12.99 11.55 -4.98
N ASP A 37 14.05 11.41 -5.80
CA ASP A 37 14.28 11.82 -7.17
C ASP A 37 13.64 10.95 -8.26
N THR A 38 12.95 9.82 -7.94
CA THR A 38 12.59 8.78 -8.92
C THR A 38 11.47 9.21 -9.85
N ASN A 39 10.76 10.23 -9.39
CA ASN A 39 9.31 10.31 -9.42
C ASN A 39 8.93 11.16 -10.62
N LYS A 40 10.00 11.79 -11.09
CA LYS A 40 10.17 12.75 -12.11
C LYS A 40 10.16 12.15 -13.50
N ASP A 41 10.85 11.00 -13.69
CA ASP A 41 10.88 10.31 -14.96
C ASP A 41 10.37 8.90 -15.02
N ASP A 42 9.77 8.42 -13.94
CA ASP A 42 8.88 7.38 -13.83
C ASP A 42 7.60 8.06 -13.38
N PRO A 43 6.60 8.32 -14.19
CA PRO A 43 5.29 8.78 -13.75
C PRO A 43 4.56 7.73 -12.96
N LYS A 44 5.08 6.50 -12.98
CA LYS A 44 4.57 5.35 -12.24
C LYS A 44 4.77 5.49 -10.76
N ALA A 45 5.94 5.99 -10.30
CA ALA A 45 6.35 5.99 -8.92
C ALA A 45 5.43 6.78 -8.00
N LYS A 46 4.94 7.95 -8.44
CA LYS A 46 3.97 8.73 -7.69
C LYS A 46 2.61 8.03 -7.60
N GLU A 47 2.23 7.22 -8.62
CA GLU A 47 1.01 6.41 -8.60
C GLU A 47 1.10 5.29 -7.57
N LYS A 48 2.25 4.60 -7.51
CA LYS A 48 2.66 3.58 -6.63
C LYS A 48 2.74 4.04 -5.19
N PHE A 49 3.37 5.20 -4.91
CA PHE A 49 3.40 5.92 -3.64
C PHE A 49 2.02 6.27 -3.16
N SER A 50 1.11 6.65 -4.09
CA SER A 50 -0.26 6.99 -3.78
C SER A 50 -0.99 5.78 -3.28
N GLN A 51 -0.71 4.55 -3.81
CA GLN A 51 -1.22 3.39 -3.27
C GLN A 51 -0.67 3.16 -1.90
N LEU A 52 0.64 3.38 -1.64
CA LEU A 52 1.30 3.03 -0.48
C LEU A 52 0.68 3.68 0.75
N ALA A 53 0.35 4.99 0.69
CA ALA A 53 -0.41 5.66 1.73
C ALA A 53 -1.81 5.12 1.88
N GLU A 54 -2.57 4.90 0.78
CA GLU A 54 -3.94 4.43 0.83
C GLU A 54 -3.99 3.01 1.37
N ALA A 55 -3.05 2.16 0.91
CA ALA A 55 -2.87 0.81 1.33
C ALA A 55 -2.52 0.67 2.77
N TYR A 56 -1.54 1.47 3.23
CA TYR A 56 -1.09 1.49 4.62
C TYR A 56 -2.15 1.85 5.55
N GLU A 57 -2.76 2.95 5.18
CA GLU A 57 -3.74 3.64 5.99
C GLU A 57 -4.93 2.75 6.34
N VAL A 58 -5.43 1.93 5.39
CA VAL A 58 -6.41 0.90 5.62
C VAL A 58 -5.84 -0.25 6.45
N LEU A 59 -4.66 -0.79 6.09
CA LEU A 59 -4.12 -2.04 6.62
C LEU A 59 -3.48 -1.87 7.97
N SER A 60 -3.38 -0.60 8.37
CA SER A 60 -2.75 -0.09 9.57
C SER A 60 -3.74 -0.22 10.68
N ASP A 61 -5.02 -0.50 10.34
CA ASP A 61 -5.93 -0.84 11.40
C ASP A 61 -6.24 -2.29 11.36
N GLU A 62 -6.50 -2.79 12.57
CA GLU A 62 -7.23 -4.00 12.77
C GLU A 62 -8.63 -4.00 12.20
N VAL A 63 -9.33 -2.85 12.26
CA VAL A 63 -10.70 -2.78 11.78
C VAL A 63 -10.78 -2.65 10.28
N LYS A 64 -10.07 -1.62 9.79
CA LYS A 64 -10.00 -1.20 8.42
C LYS A 64 -9.38 -2.23 7.52
N ARG A 65 -8.27 -2.88 7.97
CA ARG A 65 -7.69 -3.97 7.21
C ARG A 65 -8.68 -5.11 7.00
N LYS A 66 -9.37 -5.52 8.08
CA LYS A 66 -10.30 -6.57 8.14
C LYS A 66 -11.57 -6.37 7.38
N GLN A 67 -12.18 -5.15 7.41
CA GLN A 67 -13.35 -4.85 6.61
C GLN A 67 -13.03 -4.87 5.12
N TYR A 68 -11.85 -4.33 4.72
CA TYR A 68 -11.34 -4.40 3.36
C TYR A 68 -11.16 -5.83 2.87
N ASP A 69 -10.60 -6.71 3.72
CA ASP A 69 -10.47 -8.13 3.45
C ASP A 69 -11.82 -8.84 3.29
N ALA A 70 -12.87 -8.38 4.00
CA ALA A 70 -14.14 -9.06 4.14
C ALA A 70 -15.01 -8.75 2.95
N TYR A 71 -14.96 -7.47 2.55
CA TYR A 71 -15.79 -6.87 1.55
C TYR A 71 -15.13 -6.74 0.18
N GLY A 72 -13.84 -7.14 0.03
CA GLY A 72 -13.13 -7.07 -1.24
C GLY A 72 -13.45 -8.21 -2.16
N SER A 73 -14.73 -8.35 -2.56
CA SER A 73 -15.22 -9.42 -3.42
C SER A 73 -14.60 -9.44 -4.84
N HIS A 1 -16.27 -0.83 -17.10
CA HIS A 1 -16.44 0.24 -16.05
C HIS A 1 -15.38 0.28 -14.96
N MET A 2 -15.00 -0.87 -14.37
CA MET A 2 -14.02 -0.93 -13.30
C MET A 2 -12.60 -0.93 -13.84
N LEU A 3 -11.70 -0.17 -13.17
CA LEU A 3 -10.29 -0.12 -13.46
C LEU A 3 -9.59 -1.19 -12.65
N ALA A 4 -8.64 -1.95 -13.28
CA ALA A 4 -7.86 -2.95 -12.60
C ALA A 4 -6.90 -2.35 -11.57
N LYS A 5 -6.80 -3.01 -10.39
CA LYS A 5 -6.04 -2.56 -9.25
C LYS A 5 -5.38 -3.80 -8.70
N GLU A 6 -4.34 -3.59 -7.88
CA GLU A 6 -3.61 -4.63 -7.19
C GLU A 6 -3.75 -4.37 -5.71
N ASP A 7 -3.66 -5.42 -4.86
CA ASP A 7 -4.10 -5.32 -3.49
C ASP A 7 -3.12 -4.56 -2.65
N TYR A 8 -3.57 -3.88 -1.58
CA TYR A 8 -2.76 -3.00 -0.75
C TYR A 8 -1.58 -3.63 -0.06
N TYR A 9 -1.61 -4.95 0.05
CA TYR A 9 -0.65 -5.81 0.67
C TYR A 9 0.58 -5.85 -0.19
N GLN A 10 0.31 -5.95 -1.48
CA GLN A 10 1.22 -6.25 -2.56
C GLN A 10 1.99 -5.01 -2.93
N ILE A 11 1.31 -3.87 -2.73
CA ILE A 11 1.78 -2.51 -2.82
C ILE A 11 2.89 -2.32 -1.83
N LEU A 12 2.66 -2.88 -0.63
CA LEU A 12 3.45 -2.70 0.52
C LEU A 12 4.50 -3.79 0.66
N GLY A 13 4.36 -4.92 -0.07
CA GLY A 13 5.28 -6.04 0.05
C GLY A 13 5.05 -6.80 1.34
N VAL A 14 3.84 -6.67 1.90
CA VAL A 14 3.47 -7.23 3.17
C VAL A 14 2.67 -8.49 2.88
N PRO A 15 2.65 -9.47 3.78
CA PRO A 15 1.88 -10.68 3.60
C PRO A 15 0.40 -10.44 3.76
N ARG A 16 -0.36 -11.42 3.30
CA ARG A 16 -1.78 -11.54 3.43
C ARG A 16 -2.23 -11.70 4.88
N ASN A 17 -1.31 -12.15 5.76
CA ASN A 17 -1.54 -12.40 7.16
C ASN A 17 -0.83 -11.36 8.02
N ALA A 18 -0.45 -10.20 7.40
CA ALA A 18 0.19 -9.09 8.06
C ALA A 18 -0.59 -8.52 9.23
N SER A 19 0.20 -8.01 10.19
CA SER A 19 -0.31 -7.39 11.40
C SER A 19 -0.01 -5.95 11.17
N GLN A 20 -0.71 -5.03 11.82
CA GLN A 20 -0.64 -3.64 11.39
C GLN A 20 0.69 -3.00 11.69
N LYS A 21 1.41 -3.53 12.71
CA LYS A 21 2.79 -3.21 13.01
C LYS A 21 3.71 -3.56 11.84
N GLU A 22 3.48 -4.70 11.15
CA GLU A 22 4.23 -5.15 9.98
C GLU A 22 4.07 -4.19 8.84
N ILE A 23 2.82 -3.73 8.66
CA ILE A 23 2.45 -2.76 7.72
C ILE A 23 3.07 -1.42 7.94
N LYS A 24 3.23 -1.04 9.23
CA LYS A 24 3.92 0.19 9.58
C LYS A 24 5.37 0.18 9.13
N LYS A 25 6.07 -0.96 9.24
CA LYS A 25 7.38 -1.21 8.87
C LYS A 25 7.67 -1.14 7.41
N ALA A 26 6.82 -1.80 6.58
CA ALA A 26 6.93 -1.68 5.14
C ALA A 26 6.68 -0.28 4.64
N TYR A 27 5.71 0.43 5.24
CA TYR A 27 5.33 1.75 4.78
C TYR A 27 6.49 2.72 4.74
N TYR A 28 7.39 2.69 5.74
CA TYR A 28 8.53 3.57 5.83
C TYR A 28 9.50 3.34 4.68
N GLN A 29 9.73 2.04 4.47
CA GLN A 29 10.72 1.33 3.71
C GLN A 29 10.59 1.63 2.23
N LEU A 30 9.34 1.55 1.81
CA LEU A 30 8.71 1.86 0.57
C LEU A 30 8.46 3.30 0.27
N ALA A 31 8.06 4.05 1.29
CA ALA A 31 7.80 5.47 1.13
C ALA A 31 9.04 6.23 0.67
N LYS A 32 10.21 5.79 1.13
CA LYS A 32 11.54 6.18 0.70
C LYS A 32 11.82 5.86 -0.75
N LYS A 33 11.41 4.65 -1.23
CA LYS A 33 11.69 4.09 -2.48
C LYS A 33 11.00 4.88 -3.56
N TYR A 34 9.75 5.31 -3.29
CA TYR A 34 8.91 5.93 -4.21
C TYR A 34 8.77 7.45 -4.03
N HIS A 35 9.57 8.10 -3.16
CA HIS A 35 9.58 9.54 -2.94
C HIS A 35 10.41 10.27 -4.01
N PRO A 36 10.28 11.58 -4.30
CA PRO A 36 11.28 12.32 -5.09
C PRO A 36 12.66 12.28 -4.42
N ASP A 37 13.81 12.23 -5.12
CA ASP A 37 14.12 12.53 -6.50
C ASP A 37 13.77 11.44 -7.52
N THR A 38 13.22 10.26 -7.12
CA THR A 38 13.09 9.07 -7.99
C THR A 38 12.10 9.25 -9.11
N ASN A 39 11.24 10.26 -8.91
CA ASN A 39 9.82 10.28 -9.20
C ASN A 39 9.66 11.06 -10.48
N LYS A 40 10.79 11.71 -10.80
CA LYS A 40 11.28 12.27 -12.02
C LYS A 40 11.53 11.20 -13.07
N ASP A 41 12.14 10.07 -12.66
CA ASP A 41 12.64 9.03 -13.55
C ASP A 41 11.70 7.85 -13.73
N ASP A 42 10.52 7.93 -13.15
CA ASP A 42 9.44 7.05 -13.44
C ASP A 42 8.23 7.92 -13.26
N PRO A 43 7.39 8.13 -14.22
CA PRO A 43 6.03 8.57 -14.01
C PRO A 43 5.19 7.57 -13.26
N LYS A 44 5.64 6.30 -13.10
CA LYS A 44 4.85 5.34 -12.35
C LYS A 44 5.07 5.49 -10.86
N ALA A 45 6.26 5.98 -10.40
CA ALA A 45 6.66 5.98 -9.00
C ALA A 45 5.73 6.80 -8.11
N LYS A 46 5.26 7.95 -8.60
CA LYS A 46 4.29 8.79 -7.92
C LYS A 46 2.93 8.12 -7.75
N GLU A 47 2.53 7.26 -8.72
CA GLU A 47 1.30 6.49 -8.69
C GLU A 47 1.37 5.42 -7.63
N LYS A 48 2.52 4.72 -7.53
CA LYS A 48 2.91 3.71 -6.65
C LYS A 48 2.99 4.17 -5.21
N PHE A 49 3.62 5.34 -4.95
CA PHE A 49 3.61 6.08 -3.68
C PHE A 49 2.19 6.43 -3.25
N SER A 50 1.32 6.79 -4.20
CA SER A 50 -0.05 7.14 -3.95
C SER A 50 -0.84 5.91 -3.53
N GLN A 51 -0.50 4.67 -4.02
CA GLN A 51 -1.02 3.52 -3.49
C GLN A 51 -0.52 3.31 -2.09
N LEU A 52 0.78 3.54 -1.79
CA LEU A 52 1.40 3.17 -0.62
C LEU A 52 0.76 3.79 0.61
N ALA A 53 0.42 5.10 0.55
CA ALA A 53 -0.35 5.75 1.59
C ALA A 53 -1.75 5.20 1.74
N GLU A 54 -2.49 4.98 0.64
CA GLU A 54 -3.85 4.48 0.67
C GLU A 54 -3.89 3.05 1.18
N ALA A 55 -2.92 2.23 0.69
CA ALA A 55 -2.72 0.87 1.07
C ALA A 55 -2.37 0.67 2.50
N TYR A 56 -1.41 1.47 3.01
CA TYR A 56 -0.99 1.47 4.40
C TYR A 56 -2.08 1.77 5.32
N GLU A 57 -2.69 2.89 4.97
CA GLU A 57 -3.65 3.55 5.82
C GLU A 57 -4.83 2.66 6.18
N VAL A 58 -5.38 1.90 5.20
CA VAL A 58 -6.42 0.91 5.39
C VAL A 58 -5.91 -0.27 6.18
N LEU A 59 -4.72 -0.79 5.82
CA LEU A 59 -4.22 -2.05 6.34
C LEU A 59 -3.61 -1.89 7.70
N SER A 60 -3.55 -0.62 8.12
CA SER A 60 -2.92 -0.15 9.33
C SER A 60 -3.93 -0.32 10.42
N ASP A 61 -5.19 -0.68 10.08
CA ASP A 61 -6.11 -1.03 11.14
C ASP A 61 -6.45 -2.47 11.12
N GLU A 62 -6.72 -2.99 12.32
CA GLU A 62 -7.38 -4.24 12.57
C GLU A 62 -8.76 -4.24 11.94
N VAL A 63 -9.49 -3.10 11.96
CA VAL A 63 -10.85 -3.06 11.43
C VAL A 63 -10.87 -2.93 9.93
N LYS A 64 -10.17 -1.88 9.46
CA LYS A 64 -10.07 -1.48 8.08
C LYS A 64 -9.37 -2.49 7.23
N ARG A 65 -8.27 -3.10 7.73
CA ARG A 65 -7.61 -4.16 6.98
C ARG A 65 -8.57 -5.31 6.71
N LYS A 66 -9.30 -5.75 7.76
CA LYS A 66 -10.23 -6.77 7.78
C LYS A 66 -11.47 -6.57 6.94
N GLN A 67 -12.08 -5.36 6.96
CA GLN A 67 -13.21 -5.06 6.10
C GLN A 67 -12.80 -5.06 4.63
N TYR A 68 -11.63 -4.48 4.29
CA TYR A 68 -11.04 -4.52 2.95
C TYR A 68 -10.81 -5.94 2.48
N ASP A 69 -10.25 -6.81 3.35
CA ASP A 69 -10.04 -8.22 3.08
C ASP A 69 -11.34 -8.99 2.84
N ALA A 70 -12.45 -8.55 3.45
CA ALA A 70 -13.71 -9.27 3.48
C ALA A 70 -14.49 -8.96 2.23
N TYR A 71 -14.44 -7.66 1.86
CA TYR A 71 -15.27 -7.06 0.85
C TYR A 71 -14.57 -6.90 -0.48
N GLY A 72 -13.23 -7.02 -0.56
CA GLY A 72 -12.48 -6.85 -1.81
C GLY A 72 -12.50 -8.07 -2.70
N SER A 73 -13.70 -8.48 -3.16
CA SER A 73 -13.88 -9.59 -4.06
C SER A 73 -13.55 -9.29 -5.55
N HIS A 1 -17.31 -3.70 -19.31
CA HIS A 1 -15.85 -3.70 -18.94
C HIS A 1 -15.53 -3.77 -17.45
N MET A 2 -14.50 -4.54 -17.06
CA MET A 2 -14.03 -4.65 -15.69
C MET A 2 -12.61 -4.17 -15.64
N LEU A 3 -12.28 -3.32 -14.64
CA LEU A 3 -10.94 -2.79 -14.43
C LEU A 3 -10.14 -3.69 -13.50
N ALA A 4 -8.79 -3.70 -13.66
CA ALA A 4 -7.89 -4.33 -12.72
C ALA A 4 -7.79 -3.49 -11.44
N LYS A 5 -7.59 -4.16 -10.28
CA LYS A 5 -7.58 -3.51 -8.99
C LYS A 5 -6.43 -4.22 -8.35
N GLU A 6 -5.63 -3.53 -7.52
CA GLU A 6 -4.52 -4.19 -6.87
C GLU A 6 -4.74 -4.00 -5.38
N ASP A 7 -4.53 -5.06 -4.55
CA ASP A 7 -4.89 -5.00 -3.17
C ASP A 7 -3.81 -4.32 -2.37
N TYR A 8 -4.14 -3.66 -1.26
CA TYR A 8 -3.22 -2.86 -0.47
C TYR A 8 -2.01 -3.59 0.11
N TYR A 9 -2.11 -4.90 0.19
CA TYR A 9 -1.16 -5.84 0.72
C TYR A 9 0.00 -5.92 -0.24
N GLN A 10 -0.37 -5.96 -1.52
CA GLN A 10 0.44 -6.22 -2.67
C GLN A 10 1.26 -5.01 -2.99
N ILE A 11 0.62 -3.84 -2.76
CA ILE A 11 1.13 -2.50 -2.89
C ILE A 11 2.31 -2.32 -1.97
N LEU A 12 2.13 -2.86 -0.75
CA LEU A 12 3.03 -2.75 0.34
C LEU A 12 4.03 -3.89 0.38
N GLY A 13 3.80 -4.99 -0.37
CA GLY A 13 4.68 -6.15 -0.36
C GLY A 13 4.55 -6.92 0.92
N VAL A 14 3.37 -6.81 1.56
CA VAL A 14 3.08 -7.39 2.85
C VAL A 14 2.20 -8.61 2.62
N PRO A 15 2.20 -9.60 3.49
CA PRO A 15 1.34 -10.76 3.38
C PRO A 15 -0.10 -10.43 3.67
N ARG A 16 -0.96 -11.39 3.30
CA ARG A 16 -2.39 -11.43 3.59
C ARG A 16 -2.64 -11.50 5.08
N ASN A 17 -1.65 -12.07 5.80
CA ASN A 17 -1.67 -12.40 7.21
C ASN A 17 -0.86 -11.38 7.99
N ALA A 18 -0.56 -10.22 7.37
CA ALA A 18 0.17 -9.13 7.99
C ALA A 18 -0.50 -8.57 9.21
N SER A 19 0.37 -8.11 10.13
CA SER A 19 -0.05 -7.50 11.37
C SER A 19 0.31 -6.08 11.16
N GLN A 20 -0.33 -5.13 11.87
CA GLN A 20 -0.26 -3.75 11.41
C GLN A 20 1.11 -3.15 11.62
N LYS A 21 1.88 -3.66 12.60
CA LYS A 21 3.29 -3.36 12.78
C LYS A 21 4.14 -3.79 11.60
N GLU A 22 3.79 -4.89 10.88
CA GLU A 22 4.46 -5.35 9.68
C GLU A 22 4.27 -4.38 8.55
N ILE A 23 3.03 -3.87 8.47
CA ILE A 23 2.63 -2.88 7.56
C ILE A 23 3.33 -1.56 7.79
N LYS A 24 3.59 -1.24 9.07
CA LYS A 24 4.37 -0.05 9.41
C LYS A 24 5.79 -0.12 8.89
N LYS A 25 6.44 -1.31 8.92
CA LYS A 25 7.70 -1.59 8.44
C LYS A 25 7.88 -1.51 6.95
N ALA A 26 6.95 -2.11 6.18
CA ALA A 26 6.97 -1.99 4.74
C ALA A 26 6.79 -0.58 4.27
N TYR A 27 5.92 0.19 4.93
CA TYR A 27 5.58 1.53 4.53
C TYR A 27 6.81 2.43 4.44
N TYR A 28 7.78 2.31 5.37
CA TYR A 28 9.00 3.09 5.37
C TYR A 28 9.85 2.79 4.15
N GLN A 29 9.96 1.47 3.93
CA GLN A 29 10.86 0.72 3.10
C GLN A 29 10.66 1.03 1.64
N LEU A 30 9.37 1.05 1.30
CA LEU A 30 8.70 1.43 0.09
C LEU A 30 8.60 2.90 -0.18
N ALA A 31 8.34 3.67 0.87
CA ALA A 31 8.20 5.12 0.75
C ALA A 31 9.47 5.79 0.24
N LYS A 32 10.63 5.26 0.65
CA LYS A 32 11.96 5.56 0.18
C LYS A 32 12.16 5.26 -1.28
N LYS A 33 11.54 4.18 -1.83
CA LYS A 33 11.68 3.72 -3.17
C LYS A 33 11.16 4.77 -4.11
N TYR A 34 10.01 5.34 -3.71
CA TYR A 34 9.15 6.12 -4.48
C TYR A 34 9.09 7.59 -4.09
N HIS A 35 10.00 8.08 -3.21
CA HIS A 35 9.99 9.43 -2.67
C HIS A 35 10.39 10.52 -3.69
N PRO A 36 9.98 11.78 -3.64
CA PRO A 36 10.76 12.87 -4.25
C PRO A 36 12.04 13.03 -3.45
N ASP A 37 13.25 13.21 -4.02
CA ASP A 37 13.71 13.70 -5.31
C ASP A 37 13.66 12.73 -6.52
N THR A 38 13.23 11.45 -6.40
CA THR A 38 13.41 10.43 -7.46
C THR A 38 12.58 10.73 -8.71
N ASN A 39 11.58 11.58 -8.48
CA ASN A 39 10.19 11.45 -8.90
C ASN A 39 9.97 12.40 -10.04
N LYS A 40 11.08 13.12 -10.25
CA LYS A 40 11.50 13.91 -11.33
C LYS A 40 11.68 13.08 -12.59
N ASP A 41 12.27 11.88 -12.41
CA ASP A 41 12.58 10.94 -13.48
C ASP A 41 11.63 9.76 -13.62
N ASP A 42 10.47 9.77 -12.94
CA ASP A 42 9.40 8.88 -13.23
C ASP A 42 8.15 9.65 -12.85
N PRO A 43 7.22 9.93 -13.72
CA PRO A 43 5.87 10.23 -13.31
C PRO A 43 5.15 9.07 -12.67
N LYS A 44 5.67 7.82 -12.76
CA LYS A 44 4.98 6.70 -12.15
C LYS A 44 5.28 6.60 -10.67
N ALA A 45 6.44 7.14 -10.21
CA ALA A 45 6.89 7.01 -8.84
C ALA A 45 5.94 7.62 -7.81
N LYS A 46 5.42 8.85 -8.08
CA LYS A 46 4.44 9.56 -7.29
C LYS A 46 3.10 8.84 -7.20
N GLU A 47 2.68 8.17 -8.30
CA GLU A 47 1.47 7.37 -8.37
C GLU A 47 1.58 6.16 -7.46
N LYS A 48 2.75 5.48 -7.49
CA LYS A 48 3.05 4.37 -6.62
C LYS A 48 3.11 4.79 -5.16
N PHE A 49 3.78 5.91 -4.81
CA PHE A 49 3.87 6.52 -3.48
C PHE A 49 2.51 6.87 -2.93
N SER A 50 1.59 7.39 -3.78
CA SER A 50 0.22 7.64 -3.38
C SER A 50 -0.49 6.35 -2.98
N GLN A 51 -0.24 5.24 -3.70
CA GLN A 51 -0.81 3.95 -3.32
C GLN A 51 -0.31 3.48 -1.98
N LEU A 52 1.00 3.66 -1.65
CA LEU A 52 1.63 3.18 -0.51
C LEU A 52 0.97 3.75 0.73
N ALA A 53 0.69 5.08 0.74
CA ALA A 53 -0.05 5.73 1.82
C ALA A 53 -1.48 5.26 1.92
N GLU A 54 -2.22 5.15 0.80
CA GLU A 54 -3.62 4.77 0.78
C GLU A 54 -3.79 3.34 1.26
N ALA A 55 -2.90 2.44 0.79
CA ALA A 55 -2.81 1.08 1.22
C ALA A 55 -2.45 0.91 2.68
N TYR A 56 -1.42 1.63 3.14
CA TYR A 56 -0.91 1.61 4.52
C TYR A 56 -1.92 1.98 5.51
N GLU A 57 -2.50 3.11 5.20
CA GLU A 57 -3.42 3.82 6.06
C GLU A 57 -4.64 2.97 6.44
N VAL A 58 -5.16 2.17 5.49
CA VAL A 58 -6.16 1.16 5.77
C VAL A 58 -5.59 -0.01 6.55
N LEU A 59 -4.45 -0.59 6.11
CA LEU A 59 -3.99 -1.88 6.59
C LEU A 59 -3.25 -1.78 7.90
N SER A 60 -3.05 -0.54 8.33
CA SER A 60 -2.29 -0.14 9.49
C SER A 60 -3.24 -0.17 10.64
N ASP A 61 -4.54 -0.41 10.37
CA ASP A 61 -5.41 -0.70 11.49
C ASP A 61 -5.85 -2.11 11.49
N GLU A 62 -6.05 -2.59 12.71
CA GLU A 62 -6.84 -3.73 13.03
C GLU A 62 -8.27 -3.63 12.58
N VAL A 63 -8.87 -2.43 12.63
CA VAL A 63 -10.26 -2.27 12.24
C VAL A 63 -10.41 -2.17 10.74
N LYS A 64 -9.66 -1.22 10.18
CA LYS A 64 -9.62 -0.86 8.77
C LYS A 64 -9.10 -1.93 7.87
N ARG A 65 -8.00 -2.64 8.27
CA ARG A 65 -7.53 -3.78 7.49
C ARG A 65 -8.60 -4.87 7.39
N LYS A 66 -9.24 -5.20 8.53
CA LYS A 66 -10.25 -6.17 8.69
C LYS A 66 -11.53 -5.90 7.96
N GLN A 67 -12.06 -4.64 7.97
CA GLN A 67 -13.22 -4.29 7.18
C GLN A 67 -12.94 -4.37 5.69
N TYR A 68 -11.76 -3.89 5.24
CA TYR A 68 -11.30 -4.00 3.86
C TYR A 68 -11.21 -5.46 3.40
N ASP A 69 -10.65 -6.34 4.25
CA ASP A 69 -10.60 -7.76 4.01
C ASP A 69 -11.99 -8.40 3.91
N ALA A 70 -12.99 -7.88 4.65
CA ALA A 70 -14.28 -8.50 4.84
C ALA A 70 -15.20 -8.14 3.71
N TYR A 71 -15.14 -6.85 3.32
CA TYR A 71 -15.87 -6.25 2.24
C TYR A 71 -15.24 -6.41 0.87
N GLY A 72 -13.95 -6.79 0.78
CA GLY A 72 -13.24 -6.95 -0.48
C GLY A 72 -13.51 -8.25 -1.19
N SER A 73 -14.78 -8.48 -1.58
CA SER A 73 -15.23 -9.69 -2.25
C SER A 73 -14.55 -9.96 -3.62
N HIS A 1 -18.34 -1.88 -13.53
CA HIS A 1 -17.52 -0.68 -13.91
C HIS A 1 -16.18 -0.51 -13.22
N MET A 2 -15.93 -1.24 -12.10
CA MET A 2 -14.69 -1.19 -11.36
C MET A 2 -13.59 -1.98 -12.04
N LEU A 3 -12.36 -1.40 -12.07
CA LEU A 3 -11.19 -2.03 -12.64
C LEU A 3 -10.49 -2.86 -11.58
N ALA A 4 -9.97 -4.05 -11.96
CA ALA A 4 -9.16 -4.85 -11.08
C ALA A 4 -7.72 -4.36 -11.03
N LYS A 5 -7.09 -4.42 -9.84
CA LYS A 5 -5.72 -4.08 -9.65
C LYS A 5 -5.27 -4.93 -8.49
N GLU A 6 -3.96 -5.01 -8.26
CA GLU A 6 -3.35 -5.70 -7.14
C GLU A 6 -3.73 -5.11 -5.78
N ASP A 7 -3.81 -5.98 -4.74
CA ASP A 7 -4.34 -5.63 -3.45
C ASP A 7 -3.39 -4.76 -2.66
N TYR A 8 -3.87 -4.02 -1.64
CA TYR A 8 -3.07 -3.09 -0.84
C TYR A 8 -1.90 -3.71 -0.11
N TYR A 9 -1.97 -5.02 0.09
CA TYR A 9 -1.02 -5.89 0.75
C TYR A 9 0.22 -5.97 -0.10
N GLN A 10 -0.05 -6.13 -1.40
CA GLN A 10 0.88 -6.44 -2.46
C GLN A 10 1.66 -5.21 -2.84
N ILE A 11 0.97 -4.06 -2.70
CA ILE A 11 1.45 -2.71 -2.87
C ILE A 11 2.53 -2.47 -1.86
N LEU A 12 2.30 -2.98 -0.64
CA LEU A 12 3.10 -2.78 0.51
C LEU A 12 4.14 -3.87 0.69
N GLY A 13 4.02 -5.01 -0.03
CA GLY A 13 4.92 -6.13 0.11
C GLY A 13 4.70 -6.87 1.39
N VAL A 14 3.48 -6.76 1.95
CA VAL A 14 3.11 -7.29 3.23
C VAL A 14 2.30 -8.56 3.00
N PRO A 15 2.31 -9.52 3.91
CA PRO A 15 1.54 -10.73 3.79
C PRO A 15 0.07 -10.50 3.98
N ARG A 16 -0.70 -11.51 3.60
CA ARG A 16 -2.13 -11.64 3.77
C ARG A 16 -2.52 -11.68 5.24
N ASN A 17 -1.59 -12.12 6.11
CA ASN A 17 -1.80 -12.31 7.53
C ASN A 17 -1.08 -11.23 8.31
N ALA A 18 -0.71 -10.12 7.63
CA ALA A 18 -0.06 -8.97 8.23
C ALA A 18 -0.84 -8.33 9.35
N SER A 19 -0.07 -7.82 10.32
CA SER A 19 -0.60 -7.14 11.48
C SER A 19 -0.20 -5.73 11.24
N GLN A 20 -0.89 -4.75 11.84
CA GLN A 20 -0.75 -3.39 11.34
C GLN A 20 0.60 -2.79 11.65
N LYS A 21 1.29 -3.26 12.70
CA LYS A 21 2.68 -2.94 12.95
C LYS A 21 3.63 -3.40 11.86
N GLU A 22 3.33 -4.53 11.16
CA GLU A 22 4.07 -5.05 10.02
C GLU A 22 3.96 -4.11 8.85
N ILE A 23 2.73 -3.60 8.65
CA ILE A 23 2.38 -2.67 7.67
C ILE A 23 3.05 -1.34 7.88
N LYS A 24 3.21 -0.95 9.15
CA LYS A 24 3.93 0.27 9.50
C LYS A 24 5.38 0.20 9.08
N LYS A 25 6.05 -0.97 9.21
CA LYS A 25 7.33 -1.27 8.82
C LYS A 25 7.59 -1.24 7.33
N ALA A 26 6.70 -1.89 6.54
CA ALA A 26 6.81 -1.82 5.10
C ALA A 26 6.62 -0.44 4.57
N TYR A 27 5.68 0.34 5.15
CA TYR A 27 5.34 1.66 4.67
C TYR A 27 6.55 2.58 4.60
N TYR A 28 7.48 2.51 5.58
CA TYR A 28 8.67 3.35 5.62
C TYR A 28 9.58 3.04 4.45
N GLN A 29 9.75 1.72 4.27
CA GLN A 29 10.73 0.98 3.54
C GLN A 29 10.56 1.22 2.04
N LEU A 30 9.30 1.15 1.65
CA LEU A 30 8.67 1.44 0.39
C LEU A 30 8.53 2.88 0.04
N ALA A 31 8.18 3.69 1.04
CA ALA A 31 8.00 5.13 0.84
C ALA A 31 9.25 5.80 0.35
N LYS A 32 10.41 5.39 0.88
CA LYS A 32 11.76 5.77 0.50
C LYS A 32 12.06 5.43 -0.95
N LYS A 33 11.54 4.29 -1.45
CA LYS A 33 11.78 3.72 -2.73
C LYS A 33 11.26 4.66 -3.78
N TYR A 34 10.07 5.22 -3.50
CA TYR A 34 9.30 6.00 -4.35
C TYR A 34 9.29 7.51 -4.03
N HIS A 35 10.17 7.98 -3.12
CA HIS A 35 10.54 9.38 -2.94
C HIS A 35 11.32 10.02 -4.10
N PRO A 36 11.40 11.36 -4.22
CA PRO A 36 12.43 12.00 -5.03
C PRO A 36 13.81 11.69 -4.47
N ASP A 37 14.88 11.48 -5.26
CA ASP A 37 15.11 11.85 -6.65
C ASP A 37 14.49 10.98 -7.76
N THR A 38 13.74 9.89 -7.45
CA THR A 38 13.32 8.86 -8.43
C THR A 38 12.26 9.36 -9.38
N ASN A 39 11.64 10.46 -8.95
CA ASN A 39 10.24 10.76 -9.10
C ASN A 39 10.11 11.74 -10.25
N LYS A 40 11.29 12.25 -10.57
CA LYS A 40 11.73 13.09 -11.63
C LYS A 40 11.91 12.33 -12.94
N ASP A 41 12.52 11.13 -12.86
CA ASP A 41 12.77 10.26 -14.01
C ASP A 41 11.83 9.08 -14.14
N ASP A 42 10.74 9.04 -13.36
CA ASP A 42 9.62 8.21 -13.62
C ASP A 42 8.47 9.10 -13.25
N PRO A 43 7.58 9.47 -14.13
CA PRO A 43 6.26 9.94 -13.75
C PRO A 43 5.43 8.88 -13.07
N LYS A 44 5.81 7.59 -13.12
CA LYS A 44 5.00 6.57 -12.48
C LYS A 44 5.30 6.47 -10.99
N ALA A 45 6.51 6.86 -10.54
CA ALA A 45 6.98 6.69 -9.17
C ALA A 45 6.13 7.43 -8.15
N LYS A 46 5.68 8.66 -8.48
CA LYS A 46 4.77 9.43 -7.66
C LYS A 46 3.38 8.80 -7.55
N GLU A 47 2.91 8.11 -8.62
CA GLU A 47 1.65 7.36 -8.67
C GLU A 47 1.70 6.14 -7.77
N LYS A 48 2.84 5.41 -7.78
CA LYS A 48 3.22 4.33 -6.99
C LYS A 48 3.35 4.66 -5.51
N PHE A 49 4.02 5.79 -5.16
CA PHE A 49 4.04 6.41 -3.83
C PHE A 49 2.65 6.77 -3.35
N SER A 50 1.77 7.23 -4.25
CA SER A 50 0.37 7.48 -3.91
C SER A 50 -0.34 6.19 -3.53
N GLN A 51 -0.04 5.04 -4.20
CA GLN A 51 -0.61 3.77 -3.82
C GLN A 51 -0.20 3.35 -2.44
N LEU A 52 1.08 3.55 -2.02
CA LEU A 52 1.63 3.11 -0.83
C LEU A 52 0.88 3.71 0.35
N ALA A 53 0.58 5.04 0.32
CA ALA A 53 -0.23 5.71 1.31
C ALA A 53 -1.67 5.24 1.32
N GLU A 54 -2.31 5.11 0.14
CA GLU A 54 -3.70 4.71 0.01
C GLU A 54 -3.91 3.30 0.51
N ALA A 55 -2.98 2.39 0.14
CA ALA A 55 -2.92 1.04 0.61
C ALA A 55 -2.66 0.92 2.10
N TYR A 56 -1.66 1.65 2.61
CA TYR A 56 -1.21 1.64 4.02
C TYR A 56 -2.26 2.01 4.96
N GLU A 57 -2.85 3.12 4.61
CA GLU A 57 -3.82 3.82 5.43
C GLU A 57 -5.02 2.95 5.75
N VAL A 58 -5.48 2.14 4.77
CA VAL A 58 -6.47 1.10 4.99
C VAL A 58 -5.91 -0.04 5.84
N LEU A 59 -4.73 -0.57 5.50
CA LEU A 59 -4.22 -1.80 6.01
C LEU A 59 -3.62 -1.64 7.39
N SER A 60 -3.50 -0.38 7.83
CA SER A 60 -2.81 0.07 9.00
C SER A 60 -3.82 0.07 10.11
N ASP A 61 -5.10 -0.20 9.79
CA ASP A 61 -6.03 -0.45 10.86
C ASP A 61 -6.43 -1.88 10.89
N GLU A 62 -6.69 -2.31 12.11
CA GLU A 62 -7.47 -3.47 12.41
C GLU A 62 -8.86 -3.44 11.84
N VAL A 63 -9.52 -2.27 11.82
CA VAL A 63 -10.87 -2.18 11.30
C VAL A 63 -10.93 -2.14 9.80
N LYS A 64 -10.17 -1.17 9.26
CA LYS A 64 -10.05 -0.86 7.86
C LYS A 64 -9.44 -1.95 7.03
N ARG A 65 -8.34 -2.60 7.53
CA ARG A 65 -7.77 -3.73 6.82
C ARG A 65 -8.79 -4.87 6.69
N LYS A 66 -9.49 -5.19 7.78
CA LYS A 66 -10.47 -6.19 7.90
C LYS A 66 -11.73 -6.00 7.08
N GLN A 67 -12.28 -4.77 7.02
CA GLN A 67 -13.40 -4.45 6.14
C GLN A 67 -13.02 -4.59 4.67
N TYR A 68 -11.82 -4.12 4.27
CA TYR A 68 -11.27 -4.29 2.93
C TYR A 68 -11.11 -5.77 2.56
N ASP A 69 -10.57 -6.59 3.49
CA ASP A 69 -10.41 -8.02 3.33
C ASP A 69 -11.75 -8.76 3.17
N ALA A 70 -12.84 -8.22 3.77
CA ALA A 70 -14.12 -8.88 3.86
C ALA A 70 -14.91 -8.64 2.60
N TYR A 71 -14.82 -7.38 2.13
CA TYR A 71 -15.58 -6.85 1.04
C TYR A 71 -14.86 -6.83 -0.30
N GLY A 72 -13.52 -7.00 -0.34
CA GLY A 72 -12.76 -7.04 -1.59
C GLY A 72 -12.81 -8.38 -2.27
N SER A 73 -14.02 -8.83 -2.66
CA SER A 73 -14.21 -10.11 -3.34
C SER A 73 -13.83 -10.12 -4.85
N HIS A 1 -14.68 0.54 -18.02
CA HIS A 1 -14.92 1.36 -16.78
C HIS A 1 -14.16 0.91 -15.54
N MET A 2 -14.06 -0.41 -15.30
CA MET A 2 -13.34 -0.95 -14.15
C MET A 2 -11.85 -0.99 -14.39
N LEU A 3 -11.06 -0.53 -13.39
CA LEU A 3 -9.61 -0.56 -13.41
C LEU A 3 -9.10 -1.87 -12.83
N ALA A 4 -7.94 -2.35 -13.32
CA ALA A 4 -7.24 -3.49 -12.77
C ALA A 4 -6.65 -3.18 -11.40
N LYS A 5 -6.66 -4.16 -10.48
CA LYS A 5 -6.43 -3.92 -9.07
C LYS A 5 -5.31 -4.79 -8.54
N GLU A 6 -4.61 -4.26 -7.52
CA GLU A 6 -3.67 -4.98 -6.69
C GLU A 6 -4.37 -5.07 -5.34
N ASP A 7 -4.09 -6.09 -4.49
CA ASP A 7 -4.53 -6.02 -3.12
C ASP A 7 -3.50 -5.22 -2.35
N TYR A 8 -3.89 -4.51 -1.30
CA TYR A 8 -3.03 -3.61 -0.54
C TYR A 8 -1.82 -4.22 0.13
N TYR A 9 -1.84 -5.55 0.25
CA TYR A 9 -0.90 -6.41 0.88
C TYR A 9 0.31 -6.50 -0.02
N GLN A 10 -0.02 -6.64 -1.30
CA GLN A 10 0.85 -6.94 -2.41
C GLN A 10 1.63 -5.73 -2.79
N ILE A 11 0.95 -4.58 -2.65
CA ILE A 11 1.41 -3.23 -2.86
C ILE A 11 2.57 -2.95 -1.94
N LEU A 12 2.39 -3.40 -0.68
CA LEU A 12 3.23 -3.17 0.42
C LEU A 12 4.26 -4.28 0.59
N GLY A 13 4.06 -5.46 -0.05
CA GLY A 13 4.97 -6.59 0.12
C GLY A 13 4.79 -7.25 1.46
N VAL A 14 3.58 -7.11 2.03
CA VAL A 14 3.23 -7.59 3.35
C VAL A 14 2.41 -8.86 3.18
N PRO A 15 2.39 -9.77 4.14
CA PRO A 15 1.58 -10.97 4.07
C PRO A 15 0.12 -10.69 4.21
N ARG A 16 -0.67 -11.70 3.85
CA ARG A 16 -2.12 -11.78 4.00
C ARG A 16 -2.51 -11.74 5.46
N ASN A 17 -1.58 -12.18 6.33
CA ASN A 17 -1.74 -12.38 7.76
C ASN A 17 -1.01 -11.27 8.51
N ALA A 18 -0.68 -10.16 7.81
CA ALA A 18 0.00 -9.02 8.38
C ALA A 18 -0.72 -8.36 9.54
N SER A 19 0.11 -7.83 10.45
CA SER A 19 -0.36 -7.11 11.62
C SER A 19 0.02 -5.71 11.31
N GLN A 20 -0.63 -4.72 11.93
CA GLN A 20 -0.51 -3.36 11.44
C GLN A 20 0.86 -2.76 11.67
N LYS A 21 1.62 -3.26 12.66
CA LYS A 21 3.03 -2.98 12.85
C LYS A 21 3.87 -3.40 11.65
N GLU A 22 3.57 -4.55 11.01
CA GLU A 22 4.24 -5.07 9.84
C GLU A 22 4.07 -4.15 8.66
N ILE A 23 2.83 -3.65 8.53
CA ILE A 23 2.42 -2.70 7.60
C ILE A 23 3.10 -1.37 7.76
N LYS A 24 3.37 -0.96 9.01
CA LYS A 24 4.14 0.25 9.26
C LYS A 24 5.57 0.15 8.73
N LYS A 25 6.21 -1.02 8.88
CA LYS A 25 7.48 -1.36 8.46
C LYS A 25 7.68 -1.40 6.97
N ALA A 26 6.73 -2.04 6.26
CA ALA A 26 6.68 -2.01 4.82
C ALA A 26 6.46 -0.64 4.26
N TYR A 27 5.56 0.15 4.85
CA TYR A 27 5.24 1.46 4.32
C TYR A 27 6.45 2.36 4.23
N TYR A 28 7.32 2.39 5.25
CA TYR A 28 8.50 3.21 5.33
C TYR A 28 9.49 2.87 4.22
N GLN A 29 9.73 1.56 4.05
CA GLN A 29 10.72 0.88 3.25
C GLN A 29 10.58 1.20 1.78
N LEU A 30 9.32 1.05 1.37
CA LEU A 30 8.69 1.27 0.10
C LEU A 30 8.47 2.70 -0.24
N ALA A 31 8.09 3.48 0.77
CA ALA A 31 7.88 4.92 0.61
C ALA A 31 9.14 5.66 0.17
N LYS A 32 10.30 5.23 0.68
CA LYS A 32 11.64 5.63 0.31
C LYS A 32 11.97 5.31 -1.13
N LYS A 33 11.46 4.18 -1.67
CA LYS A 33 11.72 3.67 -2.97
C LYS A 33 11.19 4.64 -4.00
N TYR A 34 9.99 5.16 -3.72
CA TYR A 34 9.15 5.90 -4.56
C TYR A 34 8.98 7.37 -4.21
N HIS A 35 9.77 7.94 -3.27
CA HIS A 35 9.61 9.30 -2.77
C HIS A 35 10.02 10.39 -3.76
N PRO A 36 9.51 11.63 -3.79
CA PRO A 36 10.25 12.76 -4.37
C PRO A 36 11.47 13.02 -3.50
N ASP A 37 12.70 13.27 -3.99
CA ASP A 37 13.22 13.73 -5.26
C ASP A 37 13.32 12.72 -6.42
N THR A 38 12.97 11.42 -6.29
CA THR A 38 13.27 10.38 -7.32
C THR A 38 12.51 10.59 -8.61
N ASN A 39 11.44 11.38 -8.49
CA ASN A 39 10.11 11.09 -8.98
C ASN A 39 9.88 11.98 -10.18
N LYS A 40 10.88 12.82 -10.35
CA LYS A 40 11.08 13.89 -11.25
C LYS A 40 11.18 13.42 -12.68
N ASP A 41 11.93 12.31 -12.93
CA ASP A 41 11.99 11.69 -14.24
C ASP A 41 11.45 10.31 -14.40
N ASP A 42 10.73 9.79 -13.42
CA ASP A 42 9.92 8.69 -13.40
C ASP A 42 8.53 9.18 -13.03
N PRO A 43 7.60 9.50 -13.91
CA PRO A 43 6.23 9.83 -13.54
C PRO A 43 5.48 8.66 -12.95
N LYS A 44 6.09 7.47 -13.02
CA LYS A 44 5.61 6.24 -12.45
C LYS A 44 5.67 6.25 -10.94
N ALA A 45 6.74 6.79 -10.34
CA ALA A 45 7.04 6.67 -8.93
C ALA A 45 5.99 7.29 -8.02
N LYS A 46 5.41 8.46 -8.39
CA LYS A 46 4.30 9.07 -7.69
C LYS A 46 3.01 8.25 -7.76
N GLU A 47 2.76 7.55 -8.90
CA GLU A 47 1.62 6.66 -9.08
C GLU A 47 1.71 5.47 -8.13
N LYS A 48 2.92 4.89 -8.03
CA LYS A 48 3.34 3.88 -7.16
C LYS A 48 3.31 4.26 -5.70
N PHE A 49 3.85 5.44 -5.31
CA PHE A 49 3.79 6.03 -3.97
C PHE A 49 2.35 6.26 -3.52
N SER A 50 1.46 6.64 -4.46
CA SER A 50 0.03 6.78 -4.19
C SER A 50 -0.59 5.46 -3.77
N GLN A 51 -0.20 4.32 -4.41
CA GLN A 51 -0.64 3.00 -3.97
C GLN A 51 -0.21 2.66 -2.57
N LEU A 52 1.05 2.96 -2.17
CA LEU A 52 1.62 2.61 -0.95
C LEU A 52 0.86 3.25 0.20
N ALA A 53 0.53 4.57 0.08
CA ALA A 53 -0.24 5.28 1.07
C ALA A 53 -1.67 4.79 1.17
N GLU A 54 -2.37 4.56 0.04
CA GLU A 54 -3.75 4.11 0.02
C GLU A 54 -3.87 2.72 0.59
N ALA A 55 -2.93 1.82 0.23
CA ALA A 55 -2.83 0.50 0.77
C ALA A 55 -2.52 0.46 2.25
N TYR A 56 -1.53 1.26 2.69
CA TYR A 56 -1.09 1.37 4.08
C TYR A 56 -2.14 1.80 5.00
N GLU A 57 -2.75 2.88 4.56
CA GLU A 57 -3.73 3.63 5.34
C GLU A 57 -4.93 2.78 5.73
N VAL A 58 -5.39 1.88 4.83
CA VAL A 58 -6.36 0.86 5.18
C VAL A 58 -5.78 -0.20 6.09
N LEU A 59 -4.61 -0.76 5.74
CA LEU A 59 -4.13 -2.00 6.33
C LEU A 59 -3.47 -1.77 7.67
N SER A 60 -3.30 -0.50 7.99
CA SER A 60 -2.59 0.02 9.14
C SER A 60 -3.58 0.04 10.25
N ASP A 61 -4.88 -0.26 9.95
CA ASP A 61 -5.78 -0.45 11.06
C ASP A 61 -6.22 -1.87 11.16
N GLU A 62 -6.46 -2.25 12.41
CA GLU A 62 -7.19 -3.43 12.82
C GLU A 62 -8.60 -3.34 12.28
N VAL A 63 -9.23 -2.14 12.22
CA VAL A 63 -10.61 -2.03 11.77
C VAL A 63 -10.70 -2.03 10.27
N LYS A 64 -9.95 -1.11 9.65
CA LYS A 64 -9.89 -0.85 8.25
C LYS A 64 -9.34 -1.99 7.43
N ARG A 65 -8.25 -2.66 7.91
CA ARG A 65 -7.77 -3.85 7.23
C ARG A 65 -8.84 -4.94 7.16
N LYS A 66 -9.52 -5.19 8.30
CA LYS A 66 -10.57 -6.11 8.47
C LYS A 66 -11.84 -5.83 7.70
N GLN A 67 -12.29 -4.55 7.62
CA GLN A 67 -13.42 -4.17 6.79
C GLN A 67 -13.13 -4.36 5.30
N TYR A 68 -11.90 -4.03 4.84
CA TYR A 68 -11.43 -4.31 3.49
C TYR A 68 -11.46 -5.81 3.16
N ASP A 69 -11.03 -6.67 4.11
CA ASP A 69 -11.19 -8.12 4.01
C ASP A 69 -12.64 -8.58 3.88
N ALA A 70 -13.60 -7.86 4.49
CA ALA A 70 -14.97 -8.29 4.61
C ALA A 70 -15.71 -7.94 3.36
N TYR A 71 -15.43 -6.71 2.89
CA TYR A 71 -16.19 -6.02 1.88
C TYR A 71 -15.56 -6.13 0.50
N GLY A 72 -14.27 -6.55 0.41
CA GLY A 72 -13.61 -6.88 -0.85
C GLY A 72 -13.71 -8.35 -1.16
N SER A 73 -14.49 -9.12 -0.37
CA SER A 73 -14.65 -10.54 -0.52
C SER A 73 -15.51 -10.99 -1.74
N HIS A 1 -14.24 -0.52 -11.46
CA HIS A 1 -13.65 -1.30 -12.62
C HIS A 1 -12.66 -0.55 -13.50
N MET A 2 -12.63 0.80 -13.41
CA MET A 2 -11.75 1.68 -14.18
C MET A 2 -10.28 1.49 -13.84
N LEU A 3 -9.97 1.36 -12.53
CA LEU A 3 -8.63 1.08 -12.04
C LEU A 3 -8.43 -0.42 -11.95
N ALA A 4 -7.19 -0.90 -12.24
CA ALA A 4 -6.83 -2.29 -12.06
C ALA A 4 -6.75 -2.66 -10.59
N LYS A 5 -7.19 -3.89 -10.23
CA LYS A 5 -7.35 -4.27 -8.84
C LYS A 5 -6.06 -4.81 -8.25
N GLU A 6 -5.60 -4.19 -7.15
CA GLU A 6 -4.52 -4.69 -6.31
C GLU A 6 -5.14 -4.87 -4.94
N ASP A 7 -4.66 -5.84 -4.12
CA ASP A 7 -4.92 -5.80 -2.71
C ASP A 7 -3.84 -4.97 -2.07
N TYR A 8 -4.13 -4.30 -0.96
CA TYR A 8 -3.24 -3.40 -0.26
C TYR A 8 -1.96 -4.01 0.29
N TYR A 9 -1.99 -5.33 0.44
CA TYR A 9 -0.98 -6.18 1.00
C TYR A 9 0.17 -6.22 0.05
N GLN A 10 -0.20 -6.31 -1.24
CA GLN A 10 0.62 -6.56 -2.38
C GLN A 10 1.38 -5.32 -2.73
N ILE A 11 0.69 -4.18 -2.51
CA ILE A 11 1.12 -2.82 -2.68
C ILE A 11 2.29 -2.56 -1.77
N LEU A 12 2.15 -3.08 -0.53
CA LEU A 12 3.02 -2.91 0.56
C LEU A 12 4.08 -4.00 0.64
N GLY A 13 3.89 -5.12 -0.08
CA GLY A 13 4.83 -6.24 -0.02
C GLY A 13 4.72 -7.01 1.27
N VAL A 14 3.53 -6.95 1.90
CA VAL A 14 3.26 -7.50 3.20
C VAL A 14 2.39 -8.75 2.99
N PRO A 15 2.38 -9.70 3.90
CA PRO A 15 1.51 -10.85 3.85
C PRO A 15 0.08 -10.51 4.13
N ARG A 16 -0.80 -11.46 3.81
CA ARG A 16 -2.23 -11.47 4.09
C ARG A 16 -2.49 -11.46 5.59
N ASN A 17 -1.51 -11.99 6.34
CA ASN A 17 -1.55 -12.25 7.77
C ASN A 17 -0.78 -11.16 8.49
N ALA A 18 -0.40 -10.06 7.79
CA ALA A 18 0.36 -8.97 8.34
C ALA A 18 -0.26 -8.27 9.49
N SER A 19 0.61 -7.91 10.44
CA SER A 19 0.22 -7.15 11.60
C SER A 19 0.37 -5.73 11.29
N GLN A 20 -0.32 -4.88 12.04
CA GLN A 20 -0.36 -3.49 11.64
C GLN A 20 0.97 -2.80 11.90
N LYS A 21 1.75 -3.30 12.88
CA LYS A 21 3.15 -2.95 13.04
C LYS A 21 4.03 -3.39 11.88
N GLU A 22 3.75 -4.55 11.23
CA GLU A 22 4.44 -5.02 10.03
C GLU A 22 4.22 -4.10 8.88
N ILE A 23 2.96 -3.66 8.75
CA ILE A 23 2.53 -2.70 7.83
C ILE A 23 3.15 -1.34 8.02
N LYS A 24 3.40 -0.97 9.29
CA LYS A 24 4.13 0.26 9.57
C LYS A 24 5.55 0.24 9.04
N LYS A 25 6.25 -0.91 9.12
CA LYS A 25 7.52 -1.17 8.68
C LYS A 25 7.72 -1.16 7.19
N ALA A 26 6.80 -1.83 6.45
CA ALA A 26 6.81 -1.77 5.01
C ALA A 26 6.56 -0.39 4.48
N TYR A 27 5.65 0.37 5.11
CA TYR A 27 5.25 1.68 4.65
C TYR A 27 6.43 2.63 4.50
N TYR A 28 7.39 2.61 5.43
CA TYR A 28 8.56 3.46 5.41
C TYR A 28 9.45 3.15 4.22
N GLN A 29 9.64 1.84 4.06
CA GLN A 29 10.57 1.07 3.29
C GLN A 29 10.38 1.30 1.81
N LEU A 30 9.11 1.24 1.45
CA LEU A 30 8.44 1.51 0.22
C LEU A 30 8.25 2.95 -0.13
N ALA A 31 7.92 3.74 0.89
CA ALA A 31 7.71 5.19 0.72
C ALA A 31 8.94 5.90 0.20
N LYS A 32 10.13 5.44 0.61
CA LYS A 32 11.45 5.81 0.15
C LYS A 32 11.64 5.52 -1.33
N LYS A 33 11.11 4.37 -1.82
CA LYS A 33 11.29 3.81 -3.12
C LYS A 33 10.69 4.73 -4.14
N TYR A 34 9.50 5.25 -3.78
CA TYR A 34 8.60 5.94 -4.58
C TYR A 34 8.56 7.45 -4.31
N HIS A 35 9.48 7.97 -3.47
CA HIS A 35 9.65 9.38 -3.16
C HIS A 35 10.45 10.10 -4.26
N PRO A 36 10.42 11.42 -4.48
CA PRO A 36 11.43 12.09 -5.32
C PRO A 36 12.82 11.96 -4.69
N ASP A 37 13.96 11.89 -5.41
CA ASP A 37 14.30 12.29 -6.77
C ASP A 37 13.85 11.36 -7.89
N THR A 38 13.19 10.21 -7.62
CA THR A 38 12.92 9.12 -8.59
C THR A 38 11.95 9.53 -9.69
N ASN A 39 11.22 10.60 -9.37
CA ASN A 39 9.82 10.75 -9.65
C ASN A 39 9.70 11.81 -10.72
N LYS A 40 10.88 12.36 -10.99
CA LYS A 40 11.32 13.21 -12.04
C LYS A 40 11.24 12.53 -13.39
N ASP A 41 11.65 11.25 -13.49
CA ASP A 41 11.58 10.50 -14.73
C ASP A 41 10.74 9.26 -14.79
N ASP A 42 10.04 8.96 -13.71
CA ASP A 42 9.01 8.06 -13.55
C ASP A 42 7.83 8.92 -13.10
N PRO A 43 6.86 9.31 -13.89
CA PRO A 43 5.59 9.84 -13.42
C PRO A 43 4.77 8.79 -12.72
N LYS A 44 5.22 7.53 -12.81
CA LYS A 44 4.63 6.38 -12.16
C LYS A 44 4.82 6.40 -10.67
N ALA A 45 6.00 6.82 -10.16
CA ALA A 45 6.38 6.67 -8.77
C ALA A 45 5.48 7.42 -7.80
N LYS A 46 5.02 8.64 -8.14
CA LYS A 46 4.06 9.41 -7.37
C LYS A 46 2.68 8.75 -7.32
N GLU A 47 2.28 8.03 -8.40
CA GLU A 47 1.02 7.28 -8.47
C GLU A 47 1.06 6.11 -7.51
N LYS A 48 2.19 5.37 -7.50
CA LYS A 48 2.56 4.29 -6.70
C LYS A 48 2.66 4.61 -5.23
N PHE A 49 3.33 5.74 -4.88
CA PHE A 49 3.40 6.35 -3.56
C PHE A 49 2.02 6.67 -3.01
N SER A 50 1.08 7.11 -3.87
CA SER A 50 -0.31 7.31 -3.47
C SER A 50 -0.96 6.00 -3.04
N GLN A 51 -0.69 4.88 -3.74
CA GLN A 51 -1.19 3.58 -3.32
C GLN A 51 -0.68 3.16 -1.98
N LEU A 52 0.61 3.39 -1.65
CA LEU A 52 1.26 2.96 -0.50
C LEU A 52 0.57 3.52 0.72
N ALA A 53 0.22 4.84 0.72
CA ALA A 53 -0.55 5.47 1.77
C ALA A 53 -1.95 4.93 1.87
N GLU A 54 -2.68 4.76 0.75
CA GLU A 54 -4.05 4.29 0.72
C GLU A 54 -4.15 2.87 1.22
N ALA A 55 -3.20 2.01 0.79
CA ALA A 55 -3.04 0.66 1.24
C ALA A 55 -2.68 0.55 2.71
N TYR A 56 -1.68 1.34 3.15
CA TYR A 56 -1.19 1.38 4.53
C TYR A 56 -2.22 1.71 5.52
N GLU A 57 -2.86 2.81 5.19
CA GLU A 57 -3.81 3.47 6.05
C GLU A 57 -4.98 2.56 6.42
N VAL A 58 -5.48 1.75 5.46
CA VAL A 58 -6.45 0.71 5.69
C VAL A 58 -5.86 -0.43 6.52
N LEU A 59 -4.67 -0.95 6.15
CA LEU A 59 -4.13 -2.20 6.66
C LEU A 59 -3.48 -2.01 8.01
N SER A 60 -3.40 -0.73 8.41
CA SER A 60 -2.75 -0.23 9.60
C SER A 60 -3.74 -0.34 10.71
N ASP A 61 -5.01 -0.71 10.39
CA ASP A 61 -5.89 -1.09 11.47
C ASP A 61 -6.18 -2.55 11.42
N GLU A 62 -6.43 -3.09 12.62
CA GLU A 62 -7.06 -4.37 12.82
C GLU A 62 -8.45 -4.38 12.21
N VAL A 63 -9.22 -3.26 12.31
CA VAL A 63 -10.61 -3.23 11.84
C VAL A 63 -10.69 -3.04 10.35
N LYS A 64 -10.02 -1.96 9.91
CA LYS A 64 -9.96 -1.48 8.54
C LYS A 64 -9.33 -2.48 7.62
N ARG A 65 -8.22 -3.12 8.04
CA ARG A 65 -7.62 -4.17 7.23
C ARG A 65 -8.60 -5.31 6.97
N LYS A 66 -9.28 -5.77 8.03
CA LYS A 66 -10.19 -6.84 8.05
C LYS A 66 -11.48 -6.61 7.31
N GLN A 67 -12.10 -5.42 7.45
CA GLN A 67 -13.30 -5.08 6.71
C GLN A 67 -13.03 -4.95 5.22
N TYR A 68 -11.91 -4.30 4.79
CA TYR A 68 -11.57 -4.28 3.37
C TYR A 68 -11.19 -5.64 2.81
N ASP A 69 -10.54 -6.53 3.61
CA ASP A 69 -10.22 -7.89 3.21
C ASP A 69 -11.46 -8.73 2.92
N ALA A 70 -12.60 -8.41 3.55
CA ALA A 70 -13.82 -9.20 3.57
C ALA A 70 -14.52 -9.12 2.23
N TYR A 71 -14.26 -7.99 1.56
CA TYR A 71 -14.69 -7.62 0.26
C TYR A 71 -13.78 -8.16 -0.83
N GLY A 72 -12.64 -8.81 -0.49
CA GLY A 72 -11.66 -9.32 -1.44
C GLY A 72 -12.05 -10.65 -2.03
N SER A 73 -13.22 -10.69 -2.71
CA SER A 73 -13.76 -11.90 -3.34
C SER A 73 -12.88 -12.46 -4.49
N HIS A 1 -15.09 2.12 -17.74
CA HIS A 1 -15.76 2.79 -16.56
C HIS A 1 -15.17 2.47 -15.19
N MET A 2 -14.80 1.20 -14.93
CA MET A 2 -14.27 0.76 -13.65
C MET A 2 -12.75 0.82 -13.67
N LEU A 3 -12.13 1.38 -12.62
CA LEU A 3 -10.70 1.51 -12.49
C LEU A 3 -10.06 0.19 -12.09
N ALA A 4 -8.87 -0.11 -12.65
CA ALA A 4 -8.06 -1.24 -12.25
C ALA A 4 -7.32 -0.95 -10.95
N LYS A 5 -7.09 -1.98 -10.10
CA LYS A 5 -6.45 -1.81 -8.83
C LYS A 5 -5.79 -3.12 -8.48
N GLU A 6 -4.81 -3.04 -7.56
CA GLU A 6 -4.11 -4.14 -6.95
C GLU A 6 -4.31 -4.00 -5.45
N ASP A 7 -4.15 -5.06 -4.64
CA ASP A 7 -4.49 -4.98 -3.25
C ASP A 7 -3.41 -4.30 -2.47
N TYR A 8 -3.76 -3.67 -1.36
CA TYR A 8 -2.91 -2.84 -0.55
C TYR A 8 -1.73 -3.53 0.10
N TYR A 9 -1.80 -4.85 0.16
CA TYR A 9 -0.87 -5.78 0.75
C TYR A 9 0.35 -5.80 -0.12
N GLN A 10 0.07 -5.83 -1.43
CA GLN A 10 0.94 -6.10 -2.53
C GLN A 10 1.77 -4.89 -2.81
N ILE A 11 1.12 -3.73 -2.60
CA ILE A 11 1.60 -2.38 -2.68
C ILE A 11 2.71 -2.20 -1.68
N LEU A 12 2.46 -2.74 -0.47
CA LEU A 12 3.26 -2.63 0.69
C LEU A 12 4.28 -3.75 0.77
N GLY A 13 4.11 -4.83 -0.03
CA GLY A 13 5.03 -5.97 0.00
C GLY A 13 4.81 -6.81 1.23
N VAL A 14 3.59 -6.72 1.81
CA VAL A 14 3.26 -7.31 3.08
C VAL A 14 2.36 -8.51 2.80
N PRO A 15 2.33 -9.53 3.64
CA PRO A 15 1.44 -10.65 3.49
C PRO A 15 0.02 -10.31 3.84
N ARG A 16 -0.88 -11.22 3.44
CA ARG A 16 -2.28 -11.23 3.79
C ARG A 16 -2.54 -11.50 5.26
N ASN A 17 -1.54 -12.07 5.99
CA ASN A 17 -1.61 -12.36 7.39
C ASN A 17 -0.74 -11.40 8.20
N ALA A 18 -0.37 -10.26 7.58
CA ALA A 18 0.36 -9.16 8.19
C ALA A 18 -0.33 -8.56 9.38
N SER A 19 0.51 -8.05 10.29
CA SER A 19 0.05 -7.29 11.43
C SER A 19 0.30 -5.88 11.10
N GLN A 20 -0.41 -5.00 11.82
CA GLN A 20 -0.35 -3.60 11.46
C GLN A 20 0.99 -2.97 11.82
N LYS A 21 1.70 -3.57 12.80
CA LYS A 21 3.10 -3.30 13.08
C LYS A 21 4.00 -3.63 11.90
N GLU A 22 3.75 -4.75 11.18
CA GLU A 22 4.48 -5.16 9.98
C GLU A 22 4.31 -4.17 8.86
N ILE A 23 3.07 -3.72 8.69
CA ILE A 23 2.67 -2.74 7.78
C ILE A 23 3.30 -1.40 8.03
N LYS A 24 3.50 -1.06 9.32
CA LYS A 24 4.19 0.17 9.69
C LYS A 24 5.62 0.19 9.20
N LYS A 25 6.33 -0.95 9.25
CA LYS A 25 7.62 -1.17 8.83
C LYS A 25 7.84 -1.08 7.35
N ALA A 26 6.97 -1.77 6.57
CA ALA A 26 7.01 -1.68 5.13
C ALA A 26 6.74 -0.30 4.62
N TYR A 27 5.79 0.42 5.24
CA TYR A 27 5.38 1.74 4.79
C TYR A 27 6.54 2.71 4.71
N TYR A 28 7.48 2.68 5.68
CA TYR A 28 8.62 3.57 5.72
C TYR A 28 9.55 3.32 4.55
N GLN A 29 9.79 2.02 4.36
CA GLN A 29 10.75 1.29 3.59
C GLN A 29 10.57 1.56 2.11
N LEU A 30 9.30 1.48 1.73
CA LEU A 30 8.66 1.76 0.48
C LEU A 30 8.44 3.20 0.18
N ALA A 31 8.06 3.96 1.20
CA ALA A 31 7.82 5.39 1.02
C ALA A 31 9.07 6.14 0.56
N LYS A 32 10.25 5.67 1.00
CA LYS A 32 11.57 6.03 0.56
C LYS A 32 11.82 5.68 -0.90
N LYS A 33 11.40 4.47 -1.36
CA LYS A 33 11.67 3.87 -2.59
C LYS A 33 11.00 4.66 -3.68
N TYR A 34 9.75 5.10 -3.41
CA TYR A 34 8.91 5.75 -4.29
C TYR A 34 8.85 7.27 -4.09
N HIS A 35 9.76 7.83 -3.28
CA HIS A 35 9.93 9.24 -2.99
C HIS A 35 10.63 9.98 -4.14
N PRO A 36 10.54 11.29 -4.40
CA PRO A 36 11.50 11.98 -5.25
C PRO A 36 12.90 11.92 -4.63
N ASP A 37 14.02 11.82 -5.36
CA ASP A 37 14.32 12.12 -6.74
C ASP A 37 13.87 11.08 -7.78
N THR A 38 13.26 9.92 -7.39
CA THR A 38 13.06 8.76 -8.27
C THR A 38 12.02 9.00 -9.34
N ASN A 39 11.19 10.01 -9.06
CA ASN A 39 9.75 9.99 -9.23
C ASN A 39 9.44 10.69 -10.53
N LYS A 40 10.52 11.29 -11.00
CA LYS A 40 10.85 11.97 -12.21
C LYS A 40 11.13 10.99 -13.34
N ASP A 41 11.88 9.91 -13.03
CA ASP A 41 12.33 8.91 -13.98
C ASP A 41 11.49 7.66 -14.05
N ASP A 42 10.34 7.65 -13.35
CA ASP A 42 9.28 6.74 -13.59
C ASP A 42 8.08 7.64 -13.38
N PRO A 43 7.22 7.87 -14.33
CA PRO A 43 5.88 8.37 -14.04
C PRO A 43 5.04 7.40 -13.25
N LYS A 44 5.46 6.12 -13.09
CA LYS A 44 4.66 5.19 -12.33
C LYS A 44 4.90 5.34 -10.84
N ALA A 45 6.11 5.77 -10.41
CA ALA A 45 6.54 5.79 -9.01
C ALA A 45 5.64 6.63 -8.12
N LYS A 46 5.20 7.80 -8.61
CA LYS A 46 4.28 8.69 -7.92
C LYS A 46 2.90 8.09 -7.72
N GLU A 47 2.44 7.24 -8.68
CA GLU A 47 1.19 6.49 -8.64
C GLU A 47 1.26 5.41 -7.56
N LYS A 48 2.40 4.69 -7.49
CA LYS A 48 2.79 3.71 -6.58
C LYS A 48 2.92 4.18 -5.15
N PHE A 49 3.57 5.34 -4.90
CA PHE A 49 3.60 6.08 -3.64
C PHE A 49 2.21 6.47 -3.18
N SER A 50 1.34 6.83 -4.14
CA SER A 50 -0.02 7.22 -3.86
C SER A 50 -0.84 6.05 -3.43
N GLN A 51 -0.57 4.79 -3.90
CA GLN A 51 -1.10 3.65 -3.36
C GLN A 51 -0.60 3.45 -1.97
N LEU A 52 0.70 3.66 -1.66
CA LEU A 52 1.32 3.27 -0.48
C LEU A 52 0.67 3.92 0.73
N ALA A 53 0.35 5.23 0.67
CA ALA A 53 -0.43 5.89 1.70
C ALA A 53 -1.85 5.38 1.80
N GLU A 54 -2.57 5.16 0.68
CA GLU A 54 -3.94 4.69 0.67
C GLU A 54 -4.01 3.28 1.21
N ALA A 55 -3.06 2.43 0.78
CA ALA A 55 -2.91 1.07 1.16
C ALA A 55 -2.62 0.89 2.61
N TYR A 56 -1.61 1.63 3.12
CA TYR A 56 -1.16 1.61 4.51
C TYR A 56 -2.20 1.96 5.46
N GLU A 57 -2.83 3.05 5.10
CA GLU A 57 -3.81 3.71 5.93
C GLU A 57 -4.99 2.79 6.27
N VAL A 58 -5.43 1.96 5.30
CA VAL A 58 -6.36 0.87 5.49
C VAL A 58 -5.74 -0.28 6.28
N LEU A 59 -4.54 -0.75 5.89
CA LEU A 59 -3.99 -1.99 6.31
C LEU A 59 -3.36 -1.89 7.69
N SER A 60 -3.27 -0.65 8.18
CA SER A 60 -2.61 -0.22 9.39
C SER A 60 -3.60 -0.34 10.49
N ASP A 61 -4.87 -0.67 10.16
CA ASP A 61 -5.76 -1.03 11.23
C ASP A 61 -6.08 -2.48 11.19
N GLU A 62 -6.31 -3.00 12.39
CA GLU A 62 -7.02 -4.22 12.62
C GLU A 62 -8.42 -4.22 12.07
N VAL A 63 -9.12 -3.08 12.13
CA VAL A 63 -10.50 -3.02 11.65
C VAL A 63 -10.59 -2.89 10.15
N LYS A 64 -9.89 -1.87 9.65
CA LYS A 64 -9.81 -1.47 8.27
C LYS A 64 -9.17 -2.48 7.38
N ARG A 65 -8.04 -3.10 7.80
CA ARG A 65 -7.45 -4.19 7.03
C ARG A 65 -8.43 -5.34 6.84
N LYS A 66 -9.10 -5.76 7.93
CA LYS A 66 -10.04 -6.80 8.01
C LYS A 66 -11.33 -6.58 7.25
N GLN A 67 -11.93 -5.36 7.32
CA GLN A 67 -13.07 -4.98 6.51
C GLN A 67 -12.74 -4.99 5.02
N TYR A 68 -11.55 -4.47 4.60
CA TYR A 68 -11.10 -4.55 3.22
C TYR A 68 -10.95 -6.00 2.75
N ASP A 69 -10.35 -6.87 3.59
CA ASP A 69 -10.18 -8.28 3.31
C ASP A 69 -11.51 -9.03 3.15
N ALA A 70 -12.59 -8.56 3.83
CA ALA A 70 -13.88 -9.21 3.90
C ALA A 70 -14.68 -8.91 2.66
N TYR A 71 -14.50 -7.68 2.17
CA TYR A 71 -15.31 -7.00 1.20
C TYR A 71 -14.62 -6.90 -0.15
N GLY A 72 -13.51 -7.65 -0.35
CA GLY A 72 -12.68 -7.51 -1.54
C GLY A 72 -12.08 -8.82 -1.93
N SER A 73 -11.18 -8.80 -2.94
CA SER A 73 -10.59 -10.02 -3.52
C SER A 73 -9.74 -10.85 -2.53
N HIS A 1 -11.46 2.75 -19.16
CA HIS A 1 -11.70 3.70 -18.01
C HIS A 1 -11.58 3.13 -16.60
N MET A 2 -11.73 1.80 -16.43
CA MET A 2 -11.57 1.13 -15.16
C MET A 2 -10.11 0.85 -14.86
N LEU A 3 -9.71 1.00 -13.57
CA LEU A 3 -8.37 0.70 -13.10
C LEU A 3 -8.14 -0.78 -12.86
N ALA A 4 -6.86 -1.22 -12.87
CA ALA A 4 -6.48 -2.58 -12.56
C ALA A 4 -6.41 -2.81 -11.07
N LYS A 5 -6.92 -3.95 -10.57
CA LYS A 5 -7.03 -4.21 -9.15
C LYS A 5 -5.75 -4.78 -8.57
N GLU A 6 -5.30 -4.20 -7.43
CA GLU A 6 -4.27 -4.74 -6.57
C GLU A 6 -4.94 -4.90 -5.22
N ASP A 7 -4.52 -5.86 -4.36
CA ASP A 7 -4.90 -5.78 -2.98
C ASP A 7 -3.87 -4.93 -2.27
N TYR A 8 -4.22 -4.22 -1.19
CA TYR A 8 -3.33 -3.31 -0.49
C TYR A 8 -2.09 -3.94 0.14
N TYR A 9 -2.15 -5.25 0.35
CA TYR A 9 -1.17 -6.11 0.96
C TYR A 9 0.03 -6.17 0.06
N GLN A 10 -0.29 -6.30 -1.23
CA GLN A 10 0.58 -6.60 -2.33
C GLN A 10 1.36 -5.38 -2.70
N ILE A 11 0.69 -4.23 -2.54
CA ILE A 11 1.14 -2.88 -2.74
C ILE A 11 2.26 -2.60 -1.79
N LEU A 12 2.07 -3.08 -0.55
CA LEU A 12 2.89 -2.88 0.58
C LEU A 12 3.94 -3.97 0.72
N GLY A 13 3.78 -5.10 0.01
CA GLY A 13 4.71 -6.22 0.10
C GLY A 13 4.56 -6.95 1.40
N VAL A 14 3.37 -6.84 2.02
CA VAL A 14 3.07 -7.35 3.34
C VAL A 14 2.27 -8.61 3.16
N PRO A 15 2.31 -9.56 4.10
CA PRO A 15 1.55 -10.78 4.03
C PRO A 15 0.09 -10.54 4.27
N ARG A 16 -0.69 -11.57 3.92
CA ARG A 16 -2.10 -11.71 4.14
C ARG A 16 -2.44 -11.74 5.63
N ASN A 17 -1.47 -12.16 6.48
CA ASN A 17 -1.62 -12.32 7.89
C ASN A 17 -0.85 -11.25 8.64
N ALA A 18 -0.53 -10.14 7.94
CA ALA A 18 0.15 -8.98 8.50
C ALA A 18 -0.55 -8.35 9.67
N SER A 19 0.28 -7.80 10.57
CA SER A 19 -0.17 -7.11 11.76
C SER A 19 0.17 -5.70 11.44
N GLN A 20 -0.49 -4.72 12.06
CA GLN A 20 -0.42 -3.37 11.53
C GLN A 20 0.93 -2.72 11.75
N LYS A 21 1.69 -3.18 12.78
CA LYS A 21 3.09 -2.83 12.96
C LYS A 21 3.98 -3.29 11.82
N GLU A 22 3.66 -4.44 11.16
CA GLU A 22 4.35 -4.97 9.99
C GLU A 22 4.17 -4.04 8.82
N ILE A 23 2.93 -3.55 8.67
CA ILE A 23 2.52 -2.63 7.71
C ILE A 23 3.18 -1.29 7.86
N LYS A 24 3.38 -0.88 9.13
CA LYS A 24 4.12 0.35 9.42
C LYS A 24 5.55 0.30 8.94
N LYS A 25 6.23 -0.87 9.07
CA LYS A 25 7.50 -1.16 8.62
C LYS A 25 7.71 -1.17 7.15
N ALA A 26 6.79 -1.84 6.40
CA ALA A 26 6.81 -1.78 4.95
C ALA A 26 6.59 -0.41 4.42
N TYR A 27 5.68 0.37 5.03
CA TYR A 27 5.31 1.68 4.54
C TYR A 27 6.50 2.61 4.40
N TYR A 28 7.47 2.58 5.35
CA TYR A 28 8.65 3.42 5.33
C TYR A 28 9.55 3.08 4.14
N GLN A 29 9.71 1.78 3.98
CA GLN A 29 10.62 1.00 3.19
C GLN A 29 10.41 1.23 1.71
N LEU A 30 9.13 1.17 1.37
CA LEU A 30 8.45 1.43 0.14
C LEU A 30 8.28 2.86 -0.22
N ALA A 31 8.02 3.69 0.80
CA ALA A 31 7.83 5.12 0.60
C ALA A 31 9.07 5.78 0.01
N LYS A 32 10.25 5.35 0.47
CA LYS A 32 11.57 5.70 0.00
C LYS A 32 11.81 5.33 -1.45
N LYS A 33 11.21 4.20 -1.93
CA LYS A 33 11.35 3.66 -3.23
C LYS A 33 10.77 4.63 -4.22
N TYR A 34 9.60 5.20 -3.84
CA TYR A 34 8.74 5.94 -4.62
C TYR A 34 8.66 7.44 -4.28
N HIS A 35 9.49 7.95 -3.34
CA HIS A 35 9.70 9.36 -3.06
C HIS A 35 10.51 10.10 -4.13
N PRO A 36 10.50 11.45 -4.22
CA PRO A 36 11.54 12.17 -4.95
C PRO A 36 12.89 11.94 -4.26
N ASP A 37 14.04 11.87 -4.96
CA ASP A 37 14.39 12.30 -6.30
C ASP A 37 13.93 11.41 -7.45
N THR A 38 13.25 10.25 -7.21
CA THR A 38 13.02 9.20 -8.22
C THR A 38 12.02 9.61 -9.28
N ASN A 39 11.25 10.64 -8.91
CA ASN A 39 9.83 10.77 -9.18
C ASN A 39 9.72 11.71 -10.37
N LYS A 40 10.87 12.35 -10.61
CA LYS A 40 11.37 12.94 -11.80
C LYS A 40 11.63 11.98 -12.95
N ASP A 41 12.21 10.79 -12.65
CA ASP A 41 12.66 9.83 -13.63
C ASP A 41 11.70 8.69 -13.88
N ASP A 42 10.53 8.73 -13.25
CA ASP A 42 9.42 7.89 -13.57
C ASP A 42 8.23 8.78 -13.30
N PRO A 43 7.39 9.09 -14.23
CA PRO A 43 6.04 9.52 -13.96
C PRO A 43 5.19 8.47 -13.29
N LYS A 44 5.62 7.18 -13.26
CA LYS A 44 4.81 6.17 -12.62
C LYS A 44 5.05 6.14 -11.11
N ALA A 45 6.22 6.58 -10.62
CA ALA A 45 6.62 6.47 -9.23
C ALA A 45 5.68 7.20 -8.26
N LYS A 46 5.21 8.40 -8.65
CA LYS A 46 4.24 9.17 -7.91
C LYS A 46 2.87 8.47 -7.81
N GLU A 47 2.46 7.73 -8.87
CA GLU A 47 1.24 6.94 -8.94
C GLU A 47 1.29 5.77 -7.97
N LYS A 48 2.45 5.08 -7.93
CA LYS A 48 2.85 4.03 -7.09
C LYS A 48 2.91 4.41 -5.62
N PHE A 49 3.54 5.56 -5.30
CA PHE A 49 3.53 6.21 -3.97
C PHE A 49 2.12 6.51 -3.51
N SER A 50 1.22 6.93 -4.42
CA SER A 50 -0.17 7.17 -4.09
C SER A 50 -0.87 5.89 -3.64
N GLN A 51 -0.54 4.72 -4.27
CA GLN A 51 -1.06 3.44 -3.79
C GLN A 51 -0.60 3.12 -2.39
N LEU A 52 0.68 3.38 -2.02
CA LEU A 52 1.27 2.99 -0.82
C LEU A 52 0.54 3.61 0.35
N ALA A 53 0.21 4.94 0.28
CA ALA A 53 -0.58 5.60 1.30
C ALA A 53 -2.00 5.10 1.38
N GLU A 54 -2.69 4.90 0.24
CA GLU A 54 -4.09 4.47 0.19
C GLU A 54 -4.23 3.07 0.74
N ALA A 55 -3.28 2.18 0.35
CA ALA A 55 -3.17 0.84 0.85
C ALA A 55 -2.86 0.76 2.32
N TYR A 56 -1.85 1.52 2.79
CA TYR A 56 -1.35 1.55 4.16
C TYR A 56 -2.36 1.93 5.14
N GLU A 57 -2.99 3.01 4.78
CA GLU A 57 -3.95 3.70 5.62
C GLU A 57 -5.12 2.82 6.02
N VAL A 58 -5.60 1.96 5.10
CA VAL A 58 -6.55 0.90 5.42
C VAL A 58 -5.91 -0.20 6.25
N LEU A 59 -4.73 -0.72 5.87
CA LEU A 59 -4.18 -1.91 6.36
C LEU A 59 -3.50 -1.72 7.70
N SER A 60 -3.37 -0.46 8.10
CA SER A 60 -2.63 0.03 9.24
C SER A 60 -3.57 0.02 10.39
N ASP A 61 -4.88 -0.28 10.14
CA ASP A 61 -5.73 -0.53 11.28
C ASP A 61 -6.10 -1.96 11.36
N GLU A 62 -6.27 -2.36 12.61
CA GLU A 62 -6.98 -3.53 13.01
C GLU A 62 -8.40 -3.56 12.54
N VAL A 63 -9.08 -2.40 12.52
CA VAL A 63 -10.48 -2.35 12.09
C VAL A 63 -10.62 -2.36 10.59
N LYS A 64 -9.92 -1.39 9.97
CA LYS A 64 -9.90 -1.11 8.56
C LYS A 64 -9.31 -2.20 7.73
N ARG A 65 -8.17 -2.81 8.16
CA ARG A 65 -7.63 -3.96 7.45
C ARG A 65 -8.63 -5.11 7.42
N LYS A 66 -9.24 -5.42 8.57
CA LYS A 66 -10.18 -6.45 8.79
C LYS A 66 -11.49 -6.32 8.06
N GLN A 67 -12.10 -5.11 8.00
CA GLN A 67 -13.30 -4.88 7.21
C GLN A 67 -13.02 -5.02 5.73
N TYR A 68 -11.88 -4.47 5.24
CA TYR A 68 -11.41 -4.61 3.88
C TYR A 68 -11.21 -6.08 3.49
N ASP A 69 -10.58 -6.88 4.37
CA ASP A 69 -10.42 -8.31 4.19
C ASP A 69 -11.75 -9.06 4.11
N ALA A 70 -12.80 -8.58 4.83
CA ALA A 70 -14.05 -9.27 5.01
C ALA A 70 -14.97 -9.00 3.86
N TYR A 71 -14.98 -7.72 3.44
CA TYR A 71 -15.78 -7.21 2.35
C TYR A 71 -15.15 -7.36 0.98
N GLY A 72 -13.83 -7.61 0.87
CA GLY A 72 -13.14 -7.73 -0.40
C GLY A 72 -13.32 -9.09 -1.04
N SER A 73 -14.58 -9.46 -1.33
CA SER A 73 -14.94 -10.72 -1.96
C SER A 73 -14.41 -10.89 -3.42
N HIS A 1 -13.71 1.89 -18.14
CA HIS A 1 -14.55 1.71 -16.90
C HIS A 1 -13.95 0.86 -15.80
N MET A 2 -13.30 -0.28 -16.15
CA MET A 2 -12.74 -1.20 -15.18
C MET A 2 -11.31 -0.83 -14.85
N LEU A 3 -10.98 -0.84 -13.53
CA LEU A 3 -9.65 -0.64 -13.02
C LEU A 3 -8.91 -1.96 -12.92
N ALA A 4 -7.56 -1.93 -13.07
CA ALA A 4 -6.72 -3.06 -12.76
C ALA A 4 -6.68 -3.31 -11.25
N LYS A 5 -6.60 -4.60 -10.83
CA LYS A 5 -6.81 -4.95 -9.44
C LYS A 5 -5.49 -5.14 -8.73
N GLU A 6 -5.29 -4.38 -7.63
CA GLU A 6 -4.22 -4.60 -6.67
C GLU A 6 -4.91 -4.82 -5.35
N ASP A 7 -4.37 -5.70 -4.46
CA ASP A 7 -4.80 -5.73 -3.10
C ASP A 7 -3.79 -4.88 -2.36
N TYR A 8 -4.16 -4.19 -1.29
CA TYR A 8 -3.28 -3.28 -0.56
C TYR A 8 -2.04 -3.90 0.04
N TYR A 9 -2.08 -5.22 0.21
CA TYR A 9 -1.09 -6.08 0.80
C TYR A 9 0.09 -6.15 -0.13
N GLN A 10 -0.26 -6.26 -1.42
CA GLN A 10 0.62 -6.52 -2.54
C GLN A 10 1.39 -5.28 -2.89
N ILE A 11 0.70 -4.15 -2.69
CA ILE A 11 1.16 -2.80 -2.86
C ILE A 11 2.32 -2.56 -1.92
N LEU A 12 2.15 -3.08 -0.69
CA LEU A 12 3.00 -2.91 0.43
C LEU A 12 4.05 -4.01 0.51
N GLY A 13 3.88 -5.14 -0.22
CA GLY A 13 4.81 -6.25 -0.18
C GLY A 13 4.65 -7.05 1.09
N VAL A 14 3.45 -6.97 1.71
CA VAL A 14 3.17 -7.52 3.01
C VAL A 14 2.33 -8.76 2.81
N PRO A 15 2.37 -9.74 3.70
CA PRO A 15 1.52 -10.92 3.64
C PRO A 15 0.09 -10.61 3.95
N ARG A 16 -0.78 -11.56 3.60
CA ARG A 16 -2.19 -11.61 3.90
C ARG A 16 -2.44 -11.71 5.40
N ASN A 17 -1.43 -12.21 6.14
CA ASN A 17 -1.46 -12.46 7.57
C ASN A 17 -0.68 -11.37 8.29
N ALA A 18 -0.36 -10.25 7.59
CA ALA A 18 0.37 -9.13 8.14
C ALA A 18 -0.30 -8.46 9.30
N SER A 19 0.54 -7.97 10.21
CA SER A 19 0.11 -7.17 11.34
C SER A 19 0.38 -5.77 11.00
N GLN A 20 -0.26 -4.86 11.73
CA GLN A 20 -0.15 -3.46 11.39
C GLN A 20 1.20 -2.88 11.72
N LYS A 21 1.93 -3.50 12.67
CA LYS A 21 3.33 -3.28 12.90
C LYS A 21 4.17 -3.66 11.66
N GLU A 22 3.87 -4.78 10.99
CA GLU A 22 4.52 -5.24 9.77
C GLU A 22 4.32 -4.29 8.62
N ILE A 23 3.08 -3.81 8.50
CA ILE A 23 2.67 -2.83 7.58
C ILE A 23 3.33 -1.50 7.78
N LYS A 24 3.58 -1.13 9.05
CA LYS A 24 4.34 0.09 9.35
C LYS A 24 5.77 0.02 8.83
N LYS A 25 6.42 -1.16 8.91
CA LYS A 25 7.69 -1.44 8.45
C LYS A 25 7.87 -1.40 6.96
N ALA A 26 6.94 -2.02 6.21
CA ALA A 26 6.93 -1.91 4.76
C ALA A 26 6.69 -0.51 4.30
N TYR A 27 5.79 0.24 4.96
CA TYR A 27 5.40 1.56 4.52
C TYR A 27 6.59 2.50 4.40
N TYR A 28 7.56 2.45 5.33
CA TYR A 28 8.74 3.29 5.32
C TYR A 28 9.61 3.02 4.10
N GLN A 29 9.78 1.71 3.90
CA GLN A 29 10.68 0.97 3.07
C GLN A 29 10.46 1.26 1.60
N LEU A 30 9.18 1.23 1.28
CA LEU A 30 8.47 1.56 0.07
C LEU A 30 8.29 3.02 -0.20
N ALA A 31 8.00 3.79 0.85
CA ALA A 31 7.81 5.23 0.75
C ALA A 31 9.04 5.95 0.26
N LYS A 32 10.23 5.45 0.65
CA LYS A 32 11.55 5.84 0.21
C LYS A 32 11.74 5.62 -1.28
N LYS A 33 11.19 4.49 -1.83
CA LYS A 33 11.37 4.02 -3.15
C LYS A 33 10.78 5.01 -4.12
N TYR A 34 9.61 5.54 -3.73
CA TYR A 34 8.73 6.28 -4.50
C TYR A 34 8.64 7.76 -4.12
N HIS A 35 9.56 8.24 -3.26
CA HIS A 35 9.71 9.63 -2.82
C HIS A 35 10.47 10.45 -3.90
N PRO A 36 10.49 11.79 -3.98
CA PRO A 36 11.53 12.50 -4.73
C PRO A 36 12.90 12.23 -4.10
N ASP A 37 14.04 12.17 -4.82
CA ASP A 37 14.43 12.66 -6.12
C ASP A 37 13.95 11.85 -7.33
N THR A 38 13.23 10.71 -7.14
CA THR A 38 13.03 9.67 -8.16
C THR A 38 12.09 10.13 -9.27
N ASN A 39 11.31 11.16 -8.91
CA ASN A 39 9.89 11.23 -9.17
C ASN A 39 9.68 12.19 -10.32
N LYS A 40 10.82 12.74 -10.67
CA LYS A 40 11.24 13.56 -11.75
C LYS A 40 11.42 12.75 -13.01
N ASP A 41 12.03 11.54 -12.89
CA ASP A 41 12.34 10.70 -14.05
C ASP A 41 11.25 9.77 -14.48
N ASP A 42 10.49 9.45 -13.49
CA ASP A 42 9.39 8.65 -13.33
C ASP A 42 8.28 9.52 -12.77
N PRO A 43 7.38 10.10 -13.52
CA PRO A 43 6.11 10.62 -13.03
C PRO A 43 5.22 9.51 -12.50
N LYS A 44 5.64 8.27 -12.71
CA LYS A 44 5.04 7.06 -12.19
C LYS A 44 5.16 6.97 -10.68
N ALA A 45 6.31 7.39 -10.10
CA ALA A 45 6.65 7.18 -8.71
C ALA A 45 5.68 7.82 -7.72
N LYS A 46 5.20 9.05 -7.98
CA LYS A 46 4.18 9.70 -7.19
C LYS A 46 2.83 8.98 -7.26
N GLU A 47 2.48 8.37 -8.43
CA GLU A 47 1.27 7.57 -8.61
C GLU A 47 1.32 6.32 -7.75
N LYS A 48 2.47 5.63 -7.71
CA LYS A 48 2.86 4.55 -6.93
C LYS A 48 2.90 4.83 -5.44
N PHE A 49 3.49 5.97 -5.01
CA PHE A 49 3.47 6.50 -3.65
C PHE A 49 2.04 6.73 -3.16
N SER A 50 1.14 7.17 -4.06
CA SER A 50 -0.28 7.32 -3.74
C SER A 50 -0.92 5.98 -3.37
N GLN A 51 -0.55 4.86 -4.07
CA GLN A 51 -0.98 3.53 -3.69
C GLN A 51 -0.52 3.13 -2.32
N LEU A 52 0.75 3.40 -1.93
CA LEU A 52 1.35 3.00 -0.75
C LEU A 52 0.62 3.56 0.45
N ALA A 53 0.28 4.89 0.43
CA ALA A 53 -0.47 5.53 1.48
C ALA A 53 -1.90 5.04 1.57
N GLU A 54 -2.61 4.89 0.44
CA GLU A 54 -4.00 4.47 0.40
C GLU A 54 -4.14 3.05 0.87
N ALA A 55 -3.21 2.18 0.44
CA ALA A 55 -3.11 0.81 0.89
C ALA A 55 -2.77 0.68 2.35
N TYR A 56 -1.75 1.41 2.83
CA TYR A 56 -1.25 1.39 4.21
C TYR A 56 -2.25 1.73 5.21
N GLU A 57 -2.89 2.82 4.89
CA GLU A 57 -3.84 3.50 5.75
C GLU A 57 -5.00 2.60 6.16
N VAL A 58 -5.48 1.75 5.23
CA VAL A 58 -6.44 0.69 5.52
C VAL A 58 -5.81 -0.43 6.32
N LEU A 59 -4.63 -0.95 5.92
CA LEU A 59 -4.02 -2.15 6.37
C LEU A 59 -3.33 -1.95 7.71
N SER A 60 -3.28 -0.68 8.13
CA SER A 60 -2.55 -0.15 9.27
C SER A 60 -3.47 -0.22 10.44
N ASP A 61 -4.76 -0.58 10.21
CA ASP A 61 -5.59 -0.89 11.35
C ASP A 61 -5.89 -2.34 11.37
N GLU A 62 -6.06 -2.83 12.59
CA GLU A 62 -6.74 -4.05 12.87
C GLU A 62 -8.17 -4.09 12.38
N VAL A 63 -8.90 -2.97 12.45
CA VAL A 63 -10.30 -2.94 12.03
C VAL A 63 -10.45 -2.83 10.53
N LYS A 64 -9.79 -1.80 9.99
CA LYS A 64 -9.80 -1.40 8.61
C LYS A 64 -9.22 -2.43 7.69
N ARG A 65 -8.07 -3.03 8.09
CA ARG A 65 -7.49 -4.11 7.31
C ARG A 65 -8.45 -5.29 7.17
N LYS A 66 -9.07 -5.70 8.30
CA LYS A 66 -9.97 -6.76 8.43
C LYS A 66 -11.28 -6.61 7.72
N GLN A 67 -11.92 -5.42 7.75
CA GLN A 67 -13.13 -5.16 7.00
C GLN A 67 -12.87 -5.20 5.51
N TYR A 68 -11.74 -4.63 5.04
CA TYR A 68 -11.28 -4.71 3.66
C TYR A 68 -11.09 -6.15 3.18
N ASP A 69 -10.47 -7.01 4.03
CA ASP A 69 -10.31 -8.43 3.79
C ASP A 69 -11.66 -9.16 3.68
N ALA A 70 -12.67 -8.73 4.47
CA ALA A 70 -13.96 -9.39 4.63
C ALA A 70 -14.82 -9.14 3.42
N TYR A 71 -14.62 -7.95 2.84
CA TYR A 71 -15.17 -7.48 1.60
C TYR A 71 -14.40 -7.95 0.38
N GLY A 72 -13.30 -8.71 0.55
CA GLY A 72 -12.43 -9.16 -0.54
C GLY A 72 -12.96 -10.37 -1.26
N SER A 73 -14.14 -10.25 -1.89
CA SER A 73 -14.81 -11.33 -2.60
C SER A 73 -14.01 -11.91 -3.80
N HIS A 1 -15.24 0.07 -18.36
CA HIS A 1 -16.09 0.15 -17.11
C HIS A 1 -15.47 -0.42 -15.83
N MET A 2 -14.76 -1.56 -15.90
CA MET A 2 -14.17 -2.19 -14.73
C MET A 2 -12.88 -1.50 -14.32
N LEU A 3 -12.76 -1.18 -13.01
CA LEU A 3 -11.59 -0.56 -12.42
C LEU A 3 -10.67 -1.68 -11.96
N ALA A 4 -9.36 -1.58 -12.26
CA ALA A 4 -8.38 -2.60 -11.97
C ALA A 4 -8.14 -2.85 -10.48
N LYS A 5 -8.04 -4.14 -10.07
CA LYS A 5 -7.93 -4.50 -8.68
C LYS A 5 -6.50 -4.79 -8.30
N GLU A 6 -6.02 -4.14 -7.21
CA GLU A 6 -4.80 -4.49 -6.52
C GLU A 6 -5.20 -4.83 -5.11
N ASP A 7 -4.47 -5.73 -4.42
CA ASP A 7 -4.59 -5.83 -3.00
C ASP A 7 -3.48 -5.00 -2.44
N TYR A 8 -3.73 -4.34 -1.31
CA TYR A 8 -2.86 -3.42 -0.62
C TYR A 8 -1.58 -3.99 -0.06
N TYR A 9 -1.56 -5.32 0.09
CA TYR A 9 -0.54 -6.13 0.69
C TYR A 9 0.63 -6.15 -0.23
N GLN A 10 0.29 -6.27 -1.52
CA GLN A 10 1.15 -6.51 -2.65
C GLN A 10 1.86 -5.24 -3.01
N ILE A 11 1.14 -4.13 -2.79
CA ILE A 11 1.54 -2.75 -2.95
C ILE A 11 2.69 -2.47 -2.02
N LEU A 12 2.54 -3.00 -0.79
CA LEU A 12 3.39 -2.80 0.32
C LEU A 12 4.46 -3.87 0.44
N GLY A 13 4.33 -5.00 -0.28
CA GLY A 13 5.30 -6.10 -0.18
C GLY A 13 5.18 -6.83 1.13
N VAL A 14 3.98 -6.76 1.75
CA VAL A 14 3.70 -7.31 3.06
C VAL A 14 2.95 -8.61 2.85
N PRO A 15 3.02 -9.56 3.76
CA PRO A 15 2.29 -10.81 3.66
C PRO A 15 0.82 -10.63 3.87
N ARG A 16 0.07 -11.64 3.44
CA ARG A 16 -1.36 -11.80 3.60
C ARG A 16 -1.73 -11.91 5.08
N ASN A 17 -0.74 -12.32 5.91
CA ASN A 17 -0.86 -12.60 7.32
C ASN A 17 -0.24 -11.46 8.12
N ALA A 18 0.04 -10.30 7.47
CA ALA A 18 0.63 -9.14 8.12
C ALA A 18 -0.17 -8.58 9.26
N SER A 19 0.59 -8.01 10.20
CA SER A 19 0.07 -7.41 11.41
C SER A 19 0.28 -5.97 11.17
N GLN A 20 -0.47 -5.08 11.82
CA GLN A 20 -0.51 -3.70 11.35
C GLN A 20 0.79 -2.96 11.61
N LYS A 21 1.55 -3.40 12.64
CA LYS A 21 2.91 -3.00 12.92
C LYS A 21 3.84 -3.36 11.76
N GLU A 22 3.67 -4.54 11.13
CA GLU A 22 4.43 -5.00 9.97
C GLU A 22 4.21 -4.11 8.78
N ILE A 23 2.94 -3.72 8.60
CA ILE A 23 2.53 -2.82 7.61
C ILE A 23 3.11 -1.44 7.76
N LYS A 24 3.25 -1.03 9.03
CA LYS A 24 3.90 0.24 9.35
C LYS A 24 5.35 0.29 8.91
N LYS A 25 6.10 -0.82 9.04
CA LYS A 25 7.42 -1.00 8.66
C LYS A 25 7.72 -0.95 7.20
N ALA A 26 6.91 -1.66 6.38
CA ALA A 26 7.01 -1.55 4.94
C ALA A 26 6.71 -0.18 4.43
N TYR A 27 5.73 0.51 5.02
CA TYR A 27 5.28 1.81 4.55
C TYR A 27 6.42 2.83 4.50
N TYR A 28 7.34 2.84 5.49
CA TYR A 28 8.45 3.75 5.57
C TYR A 28 9.43 3.54 4.41
N GLN A 29 9.69 2.25 4.21
CA GLN A 29 10.70 1.58 3.44
C GLN A 29 10.54 1.86 1.96
N LEU A 30 9.29 1.73 1.56
CA LEU A 30 8.64 1.98 0.31
C LEU A 30 8.38 3.42 -0.02
N ALA A 31 8.01 4.21 0.98
CA ALA A 31 7.71 5.63 0.85
C ALA A 31 8.88 6.41 0.28
N LYS A 32 10.08 6.03 0.74
CA LYS A 32 11.40 6.46 0.34
C LYS A 32 11.68 6.16 -1.11
N LYS A 33 11.14 5.04 -1.67
CA LYS A 33 11.33 4.60 -2.99
C LYS A 33 10.71 5.59 -3.92
N TYR A 34 9.50 6.06 -3.55
CA TYR A 34 8.61 6.69 -4.38
C TYR A 34 8.37 8.15 -4.01
N HIS A 35 9.17 8.69 -3.06
CA HIS A 35 9.41 10.10 -2.77
C HIS A 35 10.17 10.83 -3.88
N PRO A 36 10.13 12.17 -3.99
CA PRO A 36 11.20 12.92 -4.68
C PRO A 36 12.51 12.78 -3.91
N ASP A 37 13.72 12.83 -4.51
CA ASP A 37 14.15 13.28 -5.83
C ASP A 37 13.92 12.27 -6.98
N THR A 38 13.36 11.06 -6.73
CA THR A 38 13.39 9.89 -7.64
C THR A 38 12.55 10.13 -8.90
N ASN A 39 11.67 11.12 -8.72
CA ASN A 39 10.33 11.19 -9.22
C ASN A 39 10.34 12.11 -10.42
N LYS A 40 11.54 12.63 -10.70
CA LYS A 40 11.89 13.54 -11.75
C LYS A 40 11.71 12.96 -13.14
N ASP A 41 12.13 11.68 -13.33
CA ASP A 41 11.98 11.02 -14.63
C ASP A 41 11.11 9.82 -14.69
N ASP A 42 10.49 9.48 -13.57
CA ASP A 42 9.47 8.59 -13.35
C ASP A 42 8.32 9.41 -12.79
N PRO A 43 7.33 9.84 -13.53
CA PRO A 43 6.05 10.31 -12.97
C PRO A 43 5.28 9.15 -12.36
N LYS A 44 5.79 7.93 -12.58
CA LYS A 44 5.32 6.68 -12.05
C LYS A 44 5.48 6.62 -10.55
N ALA A 45 6.63 7.09 -10.01
CA ALA A 45 7.02 6.92 -8.62
C ALA A 45 6.05 7.55 -7.64
N LYS A 46 5.54 8.77 -7.91
CA LYS A 46 4.49 9.35 -7.09
C LYS A 46 3.17 8.59 -7.16
N GLU A 47 2.80 7.98 -8.31
CA GLU A 47 1.61 7.13 -8.47
C GLU A 47 1.68 5.88 -7.61
N LYS A 48 2.86 5.24 -7.55
CA LYS A 48 3.27 4.15 -6.78
C LYS A 48 3.22 4.42 -5.29
N PHE A 49 3.69 5.61 -4.85
CA PHE A 49 3.60 6.16 -3.48
C PHE A 49 2.26 6.36 -2.92
N SER A 50 1.54 6.89 -3.84
CA SER A 50 0.13 7.19 -3.71
C SER A 50 -0.66 5.91 -3.43
N GLN A 51 -0.24 4.78 -4.05
CA GLN A 51 -0.71 3.46 -3.66
C GLN A 51 -0.32 3.08 -2.25
N LEU A 52 0.93 3.31 -1.80
CA LEU A 52 1.48 2.88 -0.59
C LEU A 52 0.70 3.45 0.57
N ALA A 53 0.37 4.77 0.52
CA ALA A 53 -0.44 5.42 1.54
C ALA A 53 -1.85 4.89 1.61
N GLU A 54 -2.54 4.70 0.47
CA GLU A 54 -3.90 4.20 0.42
C GLU A 54 -3.98 2.77 0.92
N ALA A 55 -3.00 1.95 0.49
CA ALA A 55 -2.82 0.59 0.92
C ALA A 55 -2.49 0.43 2.38
N TYR A 56 -1.55 1.24 2.89
CA TYR A 56 -1.12 1.25 4.28
C TYR A 56 -2.18 1.52 5.22
N GLU A 57 -2.85 2.61 4.88
CA GLU A 57 -3.83 3.25 5.73
C GLU A 57 -4.95 2.31 6.10
N VAL A 58 -5.48 1.52 5.12
CA VAL A 58 -6.49 0.50 5.33
C VAL A 58 -5.91 -0.64 6.15
N LEU A 59 -4.71 -1.13 5.80
CA LEU A 59 -4.17 -2.35 6.35
C LEU A 59 -3.54 -2.14 7.70
N SER A 60 -3.50 -0.86 8.10
CA SER A 60 -2.85 -0.36 9.28
C SER A 60 -3.85 -0.48 10.39
N ASP A 61 -5.11 -0.88 10.06
CA ASP A 61 -5.99 -1.23 11.16
C ASP A 61 -6.30 -2.68 11.17
N GLU A 62 -6.52 -3.19 12.38
CA GLU A 62 -7.14 -4.45 12.66
C GLU A 62 -8.55 -4.47 12.09
N VAL A 63 -9.28 -3.33 12.11
CA VAL A 63 -10.66 -3.29 11.64
C VAL A 63 -10.73 -3.19 10.14
N LYS A 64 -10.07 -2.16 9.61
CA LYS A 64 -10.02 -1.79 8.22
C LYS A 64 -9.35 -2.81 7.35
N ARG A 65 -8.21 -3.40 7.83
CA ARG A 65 -7.56 -4.45 7.07
C ARG A 65 -8.53 -5.62 6.85
N LYS A 66 -9.22 -6.03 7.92
CA LYS A 66 -10.20 -7.02 7.99
C LYS A 66 -11.49 -6.77 7.24
N GLN A 67 -12.07 -5.55 7.32
CA GLN A 67 -13.25 -5.19 6.55
C GLN A 67 -12.96 -5.16 5.06
N TYR A 68 -11.79 -4.67 4.62
CA TYR A 68 -11.37 -4.74 3.23
C TYR A 68 -11.29 -6.19 2.76
N ASP A 69 -10.76 -7.10 3.60
CA ASP A 69 -10.79 -8.54 3.32
C ASP A 69 -12.20 -9.12 3.23
N ALA A 70 -13.18 -8.53 3.95
CA ALA A 70 -14.52 -9.06 4.11
C ALA A 70 -15.35 -8.65 2.92
N TYR A 71 -15.18 -7.38 2.53
CA TYR A 71 -15.86 -6.74 1.43
C TYR A 71 -15.21 -7.03 0.09
N GLY A 72 -13.94 -7.47 0.05
CA GLY A 72 -13.27 -7.93 -1.17
C GLY A 72 -13.40 -9.41 -1.39
N SER A 73 -14.08 -10.14 -0.48
CA SER A 73 -14.25 -11.59 -0.54
C SER A 73 -15.06 -12.08 -1.78
N HIS A 1 -17.41 -1.32 -18.51
CA HIS A 1 -15.92 -1.55 -18.43
C HIS A 1 -15.45 -2.25 -17.16
N MET A 2 -14.58 -3.28 -17.28
CA MET A 2 -14.04 -3.97 -16.13
C MET A 2 -12.82 -3.25 -15.60
N LEU A 3 -12.83 -2.91 -14.28
CA LEU A 3 -11.72 -2.24 -13.62
C LEU A 3 -10.76 -3.26 -13.04
N ALA A 4 -9.44 -2.98 -13.12
CA ALA A 4 -8.45 -3.67 -12.33
C ALA A 4 -8.39 -3.04 -10.94
N LYS A 5 -8.15 -3.85 -9.88
CA LYS A 5 -8.12 -3.38 -8.53
C LYS A 5 -6.95 -4.14 -7.99
N GLU A 6 -6.09 -3.50 -7.18
CA GLU A 6 -4.94 -4.18 -6.66
C GLU A 6 -5.05 -4.09 -5.16
N ASP A 7 -4.83 -5.20 -4.40
CA ASP A 7 -5.07 -5.20 -2.99
C ASP A 7 -3.95 -4.49 -2.29
N TYR A 8 -4.24 -3.85 -1.16
CA TYR A 8 -3.34 -3.01 -0.40
C TYR A 8 -2.10 -3.70 0.13
N TYR A 9 -2.19 -5.02 0.25
CA TYR A 9 -1.22 -5.94 0.77
C TYR A 9 -0.07 -6.01 -0.18
N GLN A 10 -0.44 -6.05 -1.47
CA GLN A 10 0.39 -6.28 -2.61
C GLN A 10 1.18 -5.05 -2.94
N ILE A 11 0.52 -3.91 -2.69
CA ILE A 11 1.01 -2.56 -2.82
C ILE A 11 2.18 -2.38 -1.90
N LEU A 12 2.01 -2.93 -0.68
CA LEU A 12 2.89 -2.79 0.42
C LEU A 12 3.91 -3.92 0.48
N GLY A 13 3.69 -5.04 -0.26
CA GLY A 13 4.60 -6.18 -0.22
C GLY A 13 4.46 -6.96 1.05
N VAL A 14 3.29 -6.84 1.70
CA VAL A 14 3.02 -7.39 3.01
C VAL A 14 2.19 -8.64 2.83
N PRO A 15 2.26 -9.62 3.73
CA PRO A 15 1.51 -10.85 3.65
C PRO A 15 0.05 -10.62 3.91
N ARG A 16 -0.74 -11.66 3.56
CA ARG A 16 -2.17 -11.77 3.74
C ARG A 16 -2.51 -11.77 5.21
N ASN A 17 -1.52 -12.25 6.00
CA ASN A 17 -1.56 -12.52 7.41
C ASN A 17 -0.73 -11.51 8.17
N ALA A 18 -0.48 -10.34 7.55
CA ALA A 18 0.21 -9.22 8.16
C ALA A 18 -0.43 -8.68 9.40
N SER A 19 0.44 -8.15 10.26
CA SER A 19 0.04 -7.51 11.50
C SER A 19 0.35 -6.09 11.23
N GLN A 20 -0.28 -5.13 11.92
CA GLN A 20 -0.19 -3.75 11.45
C GLN A 20 1.20 -3.16 11.67
N LYS A 21 1.97 -3.70 12.64
CA LYS A 21 3.38 -3.42 12.83
C LYS A 21 4.22 -3.79 11.61
N GLU A 22 3.88 -4.91 10.91
CA GLU A 22 4.53 -5.36 9.68
C GLU A 22 4.34 -4.37 8.57
N ILE A 23 3.10 -3.87 8.48
CA ILE A 23 2.68 -2.89 7.58
C ILE A 23 3.37 -1.56 7.78
N LYS A 24 3.61 -1.22 9.05
CA LYS A 24 4.37 -0.02 9.41
C LYS A 24 5.80 -0.08 8.91
N LYS A 25 6.45 -1.26 8.94
CA LYS A 25 7.70 -1.56 8.46
C LYS A 25 7.86 -1.49 6.97
N ALA A 26 6.91 -2.10 6.22
CA ALA A 26 6.90 -1.97 4.78
C ALA A 26 6.70 -0.56 4.33
N TYR A 27 5.81 0.20 4.99
CA TYR A 27 5.46 1.54 4.58
C TYR A 27 6.67 2.46 4.46
N TYR A 28 7.65 2.37 5.39
CA TYR A 28 8.85 3.18 5.39
C TYR A 28 9.71 2.90 4.16
N GLN A 29 9.85 1.58 3.95
CA GLN A 29 10.73 0.82 3.11
C GLN A 29 10.50 1.14 1.65
N LEU A 30 9.21 1.12 1.33
CA LEU A 30 8.51 1.46 0.13
C LEU A 30 8.38 2.92 -0.14
N ALA A 31 8.13 3.69 0.92
CA ALA A 31 7.97 5.14 0.82
C ALA A 31 9.21 5.82 0.27
N LYS A 32 10.39 5.32 0.66
CA LYS A 32 11.70 5.68 0.17
C LYS A 32 11.86 5.43 -1.31
N LYS A 33 11.28 4.30 -1.83
CA LYS A 33 11.40 3.81 -3.15
C LYS A 33 10.81 4.79 -4.11
N TYR A 34 9.66 5.35 -3.70
CA TYR A 34 8.76 6.07 -4.48
C TYR A 34 8.65 7.55 -4.14
N HIS A 35 9.41 8.10 -3.17
CA HIS A 35 9.39 9.53 -2.82
C HIS A 35 10.34 10.33 -3.73
N PRO A 36 10.29 11.65 -3.96
CA PRO A 36 11.42 12.36 -4.58
C PRO A 36 12.67 12.26 -3.72
N ASP A 37 13.91 12.17 -4.25
CA ASP A 37 14.51 12.55 -5.52
C ASP A 37 14.21 11.64 -6.71
N THR A 38 13.49 10.50 -6.56
CA THR A 38 13.41 9.42 -7.55
C THR A 38 12.64 9.79 -8.79
N ASN A 39 11.82 10.84 -8.62
CA ASN A 39 10.43 10.91 -9.05
C ASN A 39 10.36 11.82 -10.24
N LYS A 40 11.56 12.29 -10.54
CA LYS A 40 12.12 12.97 -11.64
C LYS A 40 12.36 12.01 -12.79
N ASP A 41 12.88 10.81 -12.46
CA ASP A 41 13.13 9.73 -13.39
C ASP A 41 12.03 8.70 -13.53
N ASP A 42 10.90 8.90 -12.86
CA ASP A 42 9.68 8.20 -13.14
C ASP A 42 8.59 9.20 -12.83
N PRO A 43 7.77 9.64 -13.74
CA PRO A 43 6.47 10.18 -13.42
C PRO A 43 5.52 9.19 -12.80
N LYS A 44 5.82 7.87 -12.82
CA LYS A 44 4.88 6.92 -12.25
C LYS A 44 5.10 6.78 -10.75
N ALA A 45 6.31 7.07 -10.23
CA ALA A 45 6.68 6.85 -8.83
C ALA A 45 5.79 7.60 -7.84
N LYS A 46 5.39 8.85 -8.15
CA LYS A 46 4.48 9.65 -7.37
C LYS A 46 3.07 9.06 -7.27
N GLU A 47 2.59 8.39 -8.35
CA GLU A 47 1.32 7.70 -8.41
C GLU A 47 1.33 6.48 -7.50
N LYS A 48 2.44 5.73 -7.53
CA LYS A 48 2.82 4.63 -6.78
C LYS A 48 2.99 4.90 -5.30
N PHE A 49 3.66 6.00 -4.92
CA PHE A 49 3.69 6.56 -3.56
C PHE A 49 2.30 6.86 -3.04
N SER A 50 1.40 7.35 -3.91
CA SER A 50 0.01 7.57 -3.52
C SER A 50 -0.69 6.26 -3.15
N GLN A 51 -0.39 5.15 -3.86
CA GLN A 51 -0.90 3.83 -3.49
C GLN A 51 -0.45 3.39 -2.13
N LEU A 52 0.83 3.60 -1.74
CA LEU A 52 1.42 3.16 -0.56
C LEU A 52 0.70 3.74 0.65
N ALA A 53 0.42 5.07 0.65
CA ALA A 53 -0.33 5.71 1.70
C ALA A 53 -1.77 5.25 1.78
N GLU A 54 -2.47 5.13 0.63
CA GLU A 54 -3.87 4.72 0.57
C GLU A 54 -4.04 3.29 1.06
N ALA A 55 -3.12 2.40 0.63
CA ALA A 55 -3.03 1.04 1.09
C ALA A 55 -2.71 0.89 2.55
N TYR A 56 -1.68 1.61 3.02
CA TYR A 56 -1.16 1.57 4.40
C TYR A 56 -2.15 1.93 5.41
N GLU A 57 -2.76 3.03 5.09
CA GLU A 57 -3.71 3.72 5.97
C GLU A 57 -4.88 2.83 6.34
N VAL A 58 -5.38 2.02 5.37
CA VAL A 58 -6.33 0.97 5.62
C VAL A 58 -5.72 -0.19 6.41
N LEU A 59 -4.56 -0.70 6.00
CA LEU A 59 -4.02 -1.94 6.42
C LEU A 59 -3.35 -1.85 7.78
N SER A 60 -3.21 -0.60 8.25
CA SER A 60 -2.48 -0.19 9.43
C SER A 60 -3.43 -0.32 10.57
N ASP A 61 -4.73 -0.55 10.29
CA ASP A 61 -5.61 -0.86 11.39
C ASP A 61 -6.00 -2.29 11.39
N GLU A 62 -6.24 -2.78 12.61
CA GLU A 62 -6.91 -4.01 12.92
C GLU A 62 -8.33 -3.96 12.37
N VAL A 63 -9.03 -2.79 12.42
CA VAL A 63 -10.41 -2.70 11.98
C VAL A 63 -10.52 -2.58 10.48
N LYS A 64 -9.80 -1.57 9.96
CA LYS A 64 -9.76 -1.18 8.57
C LYS A 64 -9.17 -2.22 7.67
N ARG A 65 -8.05 -2.87 8.07
CA ARG A 65 -7.50 -3.97 7.29
C ARG A 65 -8.51 -5.10 7.11
N LYS A 66 -9.17 -5.48 8.21
CA LYS A 66 -10.14 -6.50 8.32
C LYS A 66 -11.42 -6.28 7.55
N GLN A 67 -12.00 -5.06 7.56
CA GLN A 67 -13.17 -4.77 6.76
C GLN A 67 -12.90 -4.82 5.27
N TYR A 68 -11.77 -4.25 4.79
CA TYR A 68 -11.39 -4.38 3.40
C TYR A 68 -11.02 -5.79 2.98
N ASP A 69 -10.41 -6.59 3.88
CA ASP A 69 -10.17 -8.01 3.67
C ASP A 69 -11.47 -8.80 3.50
N ALA A 70 -12.58 -8.33 4.10
CA ALA A 70 -13.87 -8.99 4.12
C ALA A 70 -14.58 -8.73 2.82
N TYR A 71 -14.46 -7.47 2.35
CA TYR A 71 -15.03 -6.98 1.13
C TYR A 71 -14.23 -7.31 -0.12
N GLY A 72 -12.93 -7.65 0.01
CA GLY A 72 -12.10 -8.08 -1.11
C GLY A 72 -12.24 -9.54 -1.42
N SER A 73 -13.47 -9.98 -1.73
CA SER A 73 -13.76 -11.38 -2.02
C SER A 73 -13.38 -11.84 -3.45
N HIS A 1 -17.84 0.68 -16.38
CA HIS A 1 -16.35 0.52 -16.22
C HIS A 1 -15.87 0.25 -14.81
N MET A 2 -14.85 -0.63 -14.66
CA MET A 2 -14.22 -0.92 -13.39
C MET A 2 -12.72 -0.82 -13.58
N LEU A 3 -11.99 -0.39 -12.53
CA LEU A 3 -10.55 -0.24 -12.54
C LEU A 3 -9.90 -1.54 -12.12
N ALA A 4 -8.69 -1.83 -12.66
CA ALA A 4 -7.86 -2.91 -12.17
C ALA A 4 -7.16 -2.49 -10.89
N LYS A 5 -7.18 -3.35 -9.85
CA LYS A 5 -6.69 -3.02 -8.53
C LYS A 5 -5.79 -4.13 -8.03
N GLU A 6 -4.77 -3.75 -7.26
CA GLU A 6 -3.93 -4.64 -6.48
C GLU A 6 -4.55 -4.77 -5.10
N ASP A 7 -4.32 -5.88 -4.36
CA ASP A 7 -4.60 -5.86 -2.96
C ASP A 7 -3.48 -5.15 -2.26
N TYR A 8 -3.79 -4.44 -1.19
CA TYR A 8 -2.93 -3.55 -0.45
C TYR A 8 -1.71 -4.18 0.19
N TYR A 9 -1.78 -5.49 0.37
CA TYR A 9 -0.84 -6.34 1.03
C TYR A 9 0.37 -6.46 0.16
N GLN A 10 0.07 -6.60 -1.14
CA GLN A 10 0.96 -6.91 -2.22
C GLN A 10 1.74 -5.68 -2.60
N ILE A 11 1.05 -4.54 -2.47
CA ILE A 11 1.52 -3.20 -2.70
C ILE A 11 2.64 -2.91 -1.74
N LEU A 12 2.43 -3.36 -0.49
CA LEU A 12 3.26 -3.14 0.62
C LEU A 12 4.29 -4.23 0.81
N GLY A 13 4.11 -5.42 0.19
CA GLY A 13 5.03 -6.54 0.38
C GLY A 13 4.84 -7.19 1.73
N VAL A 14 3.62 -7.08 2.28
CA VAL A 14 3.28 -7.54 3.60
C VAL A 14 2.45 -8.80 3.44
N PRO A 15 2.42 -9.70 4.42
CA PRO A 15 1.62 -10.91 4.37
C PRO A 15 0.14 -10.63 4.51
N ARG A 16 -0.64 -11.65 4.17
CA ARG A 16 -2.08 -11.75 4.33
C ARG A 16 -2.48 -11.72 5.80
N ASN A 17 -1.53 -12.14 6.67
CA ASN A 17 -1.68 -12.32 8.10
C ASN A 17 -0.96 -11.19 8.82
N ALA A 18 -0.64 -10.08 8.10
CA ALA A 18 0.01 -8.92 8.66
C ALA A 18 -0.72 -8.27 9.80
N SER A 19 0.10 -7.71 10.71
CA SER A 19 -0.39 -6.99 11.86
C SER A 19 -0.03 -5.59 11.54
N GLN A 20 -0.70 -4.59 12.11
CA GLN A 20 -0.62 -3.27 11.54
C GLN A 20 0.75 -2.63 11.76
N LYS A 21 1.48 -3.05 12.82
CA LYS A 21 2.86 -2.69 13.02
C LYS A 21 3.79 -3.18 11.92
N GLU A 22 3.49 -4.34 11.28
CA GLU A 22 4.21 -4.90 10.14
C GLU A 22 4.08 -4.01 8.94
N ILE A 23 2.85 -3.53 8.74
CA ILE A 23 2.46 -2.64 7.75
C ILE A 23 3.10 -1.28 7.88
N LYS A 24 3.27 -0.84 9.13
CA LYS A 24 3.98 0.40 9.42
C LYS A 24 5.43 0.35 8.98
N LYS A 25 6.11 -0.79 9.15
CA LYS A 25 7.40 -1.10 8.77
C LYS A 25 7.66 -1.13 7.29
N ALA A 26 6.79 -1.82 6.52
CA ALA A 26 6.87 -1.79 5.07
C ALA A 26 6.66 -0.42 4.49
N TYR A 27 5.72 0.36 5.07
CA TYR A 27 5.35 1.65 4.53
C TYR A 27 6.53 2.59 4.42
N TYR A 28 7.47 2.59 5.40
CA TYR A 28 8.63 3.43 5.42
C TYR A 28 9.56 3.09 4.26
N GLN A 29 9.75 1.78 4.13
CA GLN A 29 10.71 1.00 3.40
C GLN A 29 10.56 1.23 1.91
N LEU A 30 9.29 1.18 1.51
CA LEU A 30 8.64 1.47 0.26
C LEU A 30 8.47 2.91 -0.09
N ALA A 31 8.11 3.72 0.92
CA ALA A 31 7.88 5.16 0.75
C ALA A 31 9.14 5.87 0.29
N LYS A 32 10.30 5.42 0.78
CA LYS A 32 11.65 5.80 0.39
C LYS A 32 11.93 5.54 -1.06
N LYS A 33 11.42 4.40 -1.62
CA LYS A 33 11.67 3.90 -2.91
C LYS A 33 11.14 4.88 -3.92
N TYR A 34 9.93 5.40 -3.61
CA TYR A 34 9.11 6.16 -4.43
C TYR A 34 9.00 7.63 -4.02
N HIS A 35 9.87 8.09 -3.11
CA HIS A 35 9.93 9.45 -2.57
C HIS A 35 10.54 10.44 -3.57
N PRO A 36 10.28 11.75 -3.59
CA PRO A 36 11.12 12.69 -4.36
C PRO A 36 12.55 12.70 -3.81
N ASP A 37 13.62 12.82 -4.61
CA ASP A 37 13.79 13.30 -5.98
C ASP A 37 13.41 12.36 -7.12
N THR A 38 12.93 11.10 -6.88
CA THR A 38 12.78 10.06 -7.90
C THR A 38 11.70 10.38 -8.92
N ASN A 39 10.85 11.31 -8.50
CA ASN A 39 9.42 11.31 -8.73
C ASN A 39 9.17 12.29 -9.85
N LYS A 40 10.23 13.07 -10.07
CA LYS A 40 10.63 13.82 -11.23
C LYS A 40 11.01 12.94 -12.42
N ASP A 41 11.76 11.85 -12.17
CA ASP A 41 12.39 11.04 -13.20
C ASP A 41 11.59 9.81 -13.58
N ASP A 42 10.40 9.66 -13.02
CA ASP A 42 9.44 8.71 -13.46
C ASP A 42 8.13 9.42 -13.17
N PRO A 43 7.26 9.66 -14.10
CA PRO A 43 5.87 9.93 -13.83
C PRO A 43 5.14 8.75 -13.22
N LYS A 44 5.72 7.53 -13.24
CA LYS A 44 5.04 6.40 -12.62
C LYS A 44 5.25 6.39 -11.12
N ALA A 45 6.38 6.92 -10.60
CA ALA A 45 6.80 6.82 -9.21
C ALA A 45 5.81 7.44 -8.23
N LYS A 46 5.22 8.60 -8.58
CA LYS A 46 4.19 9.25 -7.80
C LYS A 46 2.89 8.43 -7.73
N GLU A 47 2.54 7.69 -8.80
CA GLU A 47 1.39 6.80 -8.89
C GLU A 47 1.57 5.60 -7.97
N LYS A 48 2.78 5.03 -7.95
CA LYS A 48 3.28 4.01 -7.14
C LYS A 48 3.32 4.36 -5.67
N PHE A 49 3.86 5.54 -5.29
CA PHE A 49 3.79 6.14 -3.96
C PHE A 49 2.36 6.33 -3.49
N SER A 50 1.45 6.72 -4.40
CA SER A 50 0.03 6.85 -4.10
C SER A 50 -0.58 5.52 -3.67
N GLN A 51 -0.18 4.39 -4.32
CA GLN A 51 -0.59 3.07 -3.90
C GLN A 51 -0.16 2.72 -2.51
N LEU A 52 1.10 3.03 -2.11
CA LEU A 52 1.68 2.70 -0.89
C LEU A 52 0.92 3.33 0.26
N ALA A 53 0.57 4.63 0.14
CA ALA A 53 -0.24 5.34 1.11
C ALA A 53 -1.66 4.82 1.18
N GLU A 54 -2.34 4.58 0.04
CA GLU A 54 -3.72 4.11 0.00
C GLU A 54 -3.84 2.72 0.58
N ALA A 55 -2.88 1.84 0.23
CA ALA A 55 -2.76 0.52 0.79
C ALA A 55 -2.50 0.49 2.27
N TYR A 56 -1.52 1.31 2.72
CA TYR A 56 -1.10 1.43 4.11
C TYR A 56 -2.17 1.86 5.01
N GLU A 57 -2.79 2.92 4.56
CA GLU A 57 -3.81 3.65 5.29
C GLU A 57 -5.00 2.78 5.67
N VAL A 58 -5.43 1.86 4.76
CA VAL A 58 -6.40 0.83 5.07
C VAL A 58 -5.82 -0.21 6.01
N LEU A 59 -4.63 -0.76 5.71
CA LEU A 59 -4.14 -1.97 6.34
C LEU A 59 -3.52 -1.71 7.68
N SER A 60 -3.39 -0.41 8.00
CA SER A 60 -2.75 0.13 9.16
C SER A 60 -3.78 0.10 10.25
N ASP A 61 -5.05 -0.23 9.91
CA ASP A 61 -5.99 -0.45 10.97
C ASP A 61 -6.37 -1.88 11.09
N GLU A 62 -6.66 -2.25 12.33
CA GLU A 62 -7.35 -3.44 12.74
C GLU A 62 -8.74 -3.45 12.14
N VAL A 63 -9.42 -2.28 12.03
CA VAL A 63 -10.79 -2.25 11.51
C VAL A 63 -10.82 -2.28 10.00
N LYS A 64 -10.08 -1.32 9.41
CA LYS A 64 -9.96 -1.08 8.00
C LYS A 64 -9.32 -2.20 7.22
N ARG A 65 -8.22 -2.80 7.76
CA ARG A 65 -7.66 -3.99 7.13
C ARG A 65 -8.67 -5.13 7.05
N LYS A 66 -9.37 -5.40 8.15
CA LYS A 66 -10.34 -6.39 8.32
C LYS A 66 -11.58 -6.23 7.48
N GLN A 67 -12.13 -5.01 7.34
CA GLN A 67 -13.25 -4.77 6.45
C GLN A 67 -12.87 -4.97 4.98
N TYR A 68 -11.66 -4.52 4.55
CA TYR A 68 -11.17 -4.80 3.21
C TYR A 68 -11.02 -6.31 2.96
N ASP A 69 -10.47 -7.05 3.95
CA ASP A 69 -10.34 -8.49 3.89
C ASP A 69 -11.69 -9.22 3.80
N ALA A 70 -12.76 -8.60 4.32
CA ALA A 70 -14.10 -9.14 4.41
C ALA A 70 -14.81 -8.96 3.09
N TYR A 71 -14.59 -7.77 2.50
CA TYR A 71 -15.13 -7.36 1.23
C TYR A 71 -14.36 -7.88 0.03
N GLY A 72 -13.09 -8.33 0.19
CA GLY A 72 -12.26 -8.86 -0.88
C GLY A 72 -12.57 -10.30 -1.22
N SER A 73 -13.84 -10.57 -1.62
CA SER A 73 -14.33 -11.89 -1.97
C SER A 73 -13.63 -12.52 -3.20
N HIS A 1 -15.60 -0.64 -17.59
CA HIS A 1 -15.79 0.35 -16.46
C HIS A 1 -14.92 0.14 -15.23
N MET A 2 -14.70 -1.11 -14.79
CA MET A 2 -13.95 -1.42 -13.59
C MET A 2 -12.45 -1.27 -13.80
N LEU A 3 -11.76 -0.65 -12.82
CA LEU A 3 -10.33 -0.42 -12.85
C LEU A 3 -9.63 -1.61 -12.23
N ALA A 4 -8.64 -2.15 -12.98
CA ALA A 4 -7.88 -3.31 -12.60
C ALA A 4 -6.79 -2.98 -11.60
N LYS A 5 -6.70 -3.74 -10.50
CA LYS A 5 -5.89 -3.38 -9.36
C LYS A 5 -5.49 -4.65 -8.66
N GLU A 6 -4.48 -4.53 -7.79
CA GLU A 6 -3.95 -5.56 -6.93
C GLU A 6 -4.10 -5.08 -5.51
N ASP A 7 -4.09 -6.00 -4.52
CA ASP A 7 -4.58 -5.71 -3.19
C ASP A 7 -3.58 -4.93 -2.37
N TYR A 8 -4.02 -4.22 -1.33
CA TYR A 8 -3.19 -3.32 -0.53
C TYR A 8 -2.00 -3.96 0.16
N TYR A 9 -2.05 -5.28 0.28
CA TYR A 9 -1.09 -6.15 0.91
C TYR A 9 0.10 -6.26 0.00
N GLN A 10 -0.23 -6.41 -1.28
CA GLN A 10 0.63 -6.74 -2.39
C GLN A 10 1.39 -5.52 -2.81
N ILE A 11 0.72 -4.35 -2.65
CA ILE A 11 1.22 -3.02 -2.84
C ILE A 11 2.37 -2.77 -1.92
N LEU A 12 2.21 -3.24 -0.68
CA LEU A 12 3.07 -3.03 0.42
C LEU A 12 4.09 -4.14 0.57
N GLY A 13 3.89 -5.30 -0.10
CA GLY A 13 4.78 -6.45 0.05
C GLY A 13 4.59 -7.13 1.38
N VAL A 14 3.39 -6.98 1.96
CA VAL A 14 3.04 -7.49 3.28
C VAL A 14 2.19 -8.73 3.07
N PRO A 15 2.16 -9.66 4.02
CA PRO A 15 1.33 -10.84 3.93
C PRO A 15 -0.13 -10.55 4.13
N ARG A 16 -0.94 -11.53 3.76
CA ARG A 16 -2.38 -11.57 3.94
C ARG A 16 -2.76 -11.59 5.41
N ASN A 17 -1.83 -12.05 6.29
CA ASN A 17 -2.04 -12.20 7.71
C ASN A 17 -1.25 -11.15 8.47
N ALA A 18 -0.85 -10.07 7.78
CA ALA A 18 -0.13 -8.94 8.36
C ALA A 18 -0.83 -8.27 9.51
N SER A 19 0.00 -7.76 10.43
CA SER A 19 -0.44 -7.06 11.61
C SER A 19 -0.06 -5.65 11.30
N GLN A 20 -0.69 -4.65 11.95
CA GLN A 20 -0.57 -3.30 11.44
C GLN A 20 0.81 -2.71 11.67
N LYS A 21 1.55 -3.25 12.67
CA LYS A 21 2.97 -3.00 12.87
C LYS A 21 3.82 -3.43 11.68
N GLU A 22 3.49 -4.58 11.03
CA GLU A 22 4.15 -5.11 9.84
C GLU A 22 3.99 -4.19 8.67
N ILE A 23 2.77 -3.65 8.54
CA ILE A 23 2.38 -2.69 7.63
C ILE A 23 3.10 -1.37 7.79
N LYS A 24 3.37 -0.99 9.05
CA LYS A 24 4.17 0.20 9.32
C LYS A 24 5.59 0.08 8.80
N LYS A 25 6.21 -1.11 8.91
CA LYS A 25 7.47 -1.46 8.48
C LYS A 25 7.67 -1.46 6.99
N ALA A 26 6.70 -2.06 6.26
CA ALA A 26 6.66 -1.98 4.81
C ALA A 26 6.50 -0.60 4.31
N TYR A 27 5.60 0.20 4.91
CA TYR A 27 5.28 1.52 4.43
C TYR A 27 6.49 2.43 4.35
N TYR A 28 7.39 2.40 5.36
CA TYR A 28 8.59 3.21 5.40
C TYR A 28 9.53 2.89 4.25
N GLN A 29 9.73 1.57 4.07
CA GLN A 29 10.70 0.89 3.26
C GLN A 29 10.52 1.19 1.78
N LEU A 30 9.25 1.07 1.39
CA LEU A 30 8.59 1.36 0.14
C LEU A 30 8.42 2.81 -0.18
N ALA A 31 8.08 3.58 0.85
CA ALA A 31 7.90 5.02 0.72
C ALA A 31 9.15 5.72 0.21
N LYS A 32 10.32 5.26 0.69
CA LYS A 32 11.66 5.66 0.30
C LYS A 32 11.93 5.41 -1.17
N LYS A 33 11.38 4.30 -1.74
CA LYS A 33 11.57 3.84 -3.07
C LYS A 33 11.00 4.86 -4.03
N TYR A 34 9.82 5.38 -3.66
CA TYR A 34 8.96 6.15 -4.42
C TYR A 34 8.87 7.62 -4.01
N HIS A 35 9.75 8.08 -3.09
CA HIS A 35 9.99 9.46 -2.74
C HIS A 35 10.71 10.29 -3.83
N PRO A 36 10.70 11.62 -3.80
CA PRO A 36 11.74 12.41 -4.48
C PRO A 36 13.10 12.12 -3.84
N ASP A 37 14.25 12.12 -4.56
CA ASP A 37 14.59 12.64 -5.87
C ASP A 37 14.18 11.83 -7.09
N THR A 38 13.49 10.66 -6.96
CA THR A 38 13.32 9.70 -8.07
C THR A 38 12.41 10.21 -9.17
N ASN A 39 11.63 11.22 -8.77
CA ASN A 39 10.21 11.32 -9.07
C ASN A 39 10.07 12.38 -10.13
N LYS A 40 11.22 13.01 -10.31
CA LYS A 40 11.67 13.94 -11.28
C LYS A 40 11.75 13.35 -12.66
N ASP A 41 12.27 12.09 -12.79
CA ASP A 41 12.36 11.42 -14.07
C ASP A 41 11.56 10.18 -14.30
N ASP A 42 10.80 9.79 -13.29
CA ASP A 42 9.76 8.89 -13.26
C ASP A 42 8.55 9.67 -12.75
N PRO A 43 7.62 10.14 -13.54
CA PRO A 43 6.32 10.61 -13.07
C PRO A 43 5.48 9.46 -12.53
N LYS A 44 5.97 8.23 -12.73
CA LYS A 44 5.39 7.01 -12.22
C LYS A 44 5.49 6.92 -10.72
N ALA A 45 6.62 7.33 -10.12
CA ALA A 45 6.95 7.11 -8.72
C ALA A 45 5.96 7.73 -7.74
N LYS A 46 5.49 8.96 -8.00
CA LYS A 46 4.44 9.61 -7.22
C LYS A 46 3.08 8.89 -7.34
N GLU A 47 2.77 8.28 -8.51
CA GLU A 47 1.58 7.46 -8.71
C GLU A 47 1.64 6.18 -7.87
N LYS A 48 2.80 5.51 -7.84
CA LYS A 48 3.18 4.39 -7.09
C LYS A 48 3.19 4.64 -5.60
N PHE A 49 3.76 5.78 -5.14
CA PHE A 49 3.68 6.30 -3.77
C PHE A 49 2.24 6.50 -3.33
N SER A 50 1.36 6.96 -4.25
CA SER A 50 -0.04 7.12 -3.95
C SER A 50 -0.73 5.80 -3.62
N GLN A 51 -0.33 4.68 -4.27
CA GLN A 51 -0.76 3.35 -3.85
C GLN A 51 -0.35 2.98 -2.46
N LEU A 52 0.92 3.24 -2.05
CA LEU A 52 1.50 2.84 -0.85
C LEU A 52 0.75 3.44 0.33
N ALA A 53 0.44 4.76 0.26
CA ALA A 53 -0.33 5.46 1.26
C ALA A 53 -1.76 4.99 1.36
N GLU A 54 -2.47 4.80 0.22
CA GLU A 54 -3.86 4.36 0.20
C GLU A 54 -3.99 2.95 0.76
N ALA A 55 -3.05 2.07 0.36
CA ALA A 55 -2.94 0.73 0.86
C ALA A 55 -2.63 0.65 2.34
N TYR A 56 -1.62 1.43 2.79
CA TYR A 56 -1.17 1.49 4.17
C TYR A 56 -2.20 1.91 5.11
N GLU A 57 -2.79 3.00 4.73
CA GLU A 57 -3.76 3.73 5.53
C GLU A 57 -4.97 2.89 5.92
N VAL A 58 -5.46 2.04 4.99
CA VAL A 58 -6.48 1.04 5.30
C VAL A 58 -5.92 -0.05 6.18
N LEU A 59 -4.75 -0.62 5.84
CA LEU A 59 -4.26 -1.86 6.41
C LEU A 59 -3.60 -1.65 7.75
N SER A 60 -3.47 -0.36 8.09
CA SER A 60 -2.79 0.16 9.26
C SER A 60 -3.78 0.10 10.38
N ASP A 61 -5.07 -0.21 10.06
CA ASP A 61 -5.98 -0.46 11.16
C ASP A 61 -6.37 -1.89 11.23
N GLU A 62 -6.62 -2.31 12.47
CA GLU A 62 -7.31 -3.51 12.84
C GLU A 62 -8.72 -3.48 12.28
N VAL A 63 -9.39 -2.28 12.24
CA VAL A 63 -10.78 -2.21 11.78
C VAL A 63 -10.86 -2.18 10.26
N LYS A 64 -10.11 -1.22 9.70
CA LYS A 64 -10.03 -0.93 8.28
C LYS A 64 -9.42 -2.03 7.46
N ARG A 65 -8.33 -2.65 7.95
CA ARG A 65 -7.79 -3.82 7.25
C ARG A 65 -8.81 -4.95 7.16
N LYS A 66 -9.49 -5.26 8.28
CA LYS A 66 -10.47 -6.27 8.44
C LYS A 66 -11.74 -6.09 7.63
N GLN A 67 -12.29 -4.85 7.57
CA GLN A 67 -13.41 -4.53 6.71
C GLN A 67 -13.05 -4.68 5.23
N TYR A 68 -11.85 -4.22 4.80
CA TYR A 68 -11.32 -4.43 3.45
C TYR A 68 -11.17 -5.90 3.11
N ASP A 69 -10.61 -6.71 4.03
CA ASP A 69 -10.39 -8.13 3.89
C ASP A 69 -11.69 -8.92 3.69
N ALA A 70 -12.82 -8.41 4.22
CA ALA A 70 -14.08 -9.10 4.32
C ALA A 70 -14.79 -9.11 2.98
N TYR A 71 -14.33 -8.17 2.13
CA TYR A 71 -14.77 -7.93 0.79
C TYR A 71 -13.85 -8.63 -0.22
N GLY A 72 -12.84 -9.39 0.23
CA GLY A 72 -11.90 -10.07 -0.65
C GLY A 72 -12.41 -11.43 -1.05
N SER A 73 -12.36 -11.74 -2.36
CA SER A 73 -12.78 -13.03 -2.88
C SER A 73 -11.77 -14.20 -2.68
N HIS A 1 -15.49 -4.71 -18.46
CA HIS A 1 -16.08 -3.84 -17.37
C HIS A 1 -15.14 -3.44 -16.25
N MET A 2 -14.28 -4.36 -15.77
CA MET A 2 -13.40 -4.11 -14.65
C MET A 2 -12.05 -3.58 -15.11
N LEU A 3 -11.58 -2.49 -14.46
CA LEU A 3 -10.26 -1.93 -14.65
C LEU A 3 -9.25 -2.54 -13.70
N ALA A 4 -7.94 -2.42 -14.02
CA ALA A 4 -6.87 -2.91 -13.18
C ALA A 4 -6.73 -2.11 -11.89
N LYS A 5 -6.51 -2.81 -10.76
CA LYS A 5 -6.58 -2.22 -9.45
C LYS A 5 -5.66 -3.13 -8.70
N GLU A 6 -4.85 -2.59 -7.77
CA GLU A 6 -3.84 -3.38 -7.13
C GLU A 6 -4.17 -3.37 -5.66
N ASP A 7 -4.05 -4.52 -4.95
CA ASP A 7 -4.50 -4.59 -3.58
C ASP A 7 -3.47 -3.94 -2.69
N TYR A 8 -3.87 -3.36 -1.56
CA TYR A 8 -2.99 -2.58 -0.70
C TYR A 8 -1.80 -3.30 -0.11
N TYR A 9 -1.86 -4.62 -0.13
CA TYR A 9 -0.91 -5.58 0.37
C TYR A 9 0.28 -5.57 -0.54
N GLN A 10 -0.04 -5.53 -1.84
CA GLN A 10 0.83 -5.72 -2.97
C GLN A 10 1.64 -4.48 -3.18
N ILE A 11 0.99 -3.34 -2.88
CA ILE A 11 1.47 -1.99 -2.88
C ILE A 11 2.59 -1.88 -1.89
N LEU A 12 2.38 -2.51 -0.71
CA LEU A 12 3.21 -2.46 0.41
C LEU A 12 4.23 -3.59 0.42
N GLY A 13 4.06 -4.62 -0.43
CA GLY A 13 4.96 -5.77 -0.48
C GLY A 13 4.77 -6.67 0.70
N VAL A 14 3.56 -6.63 1.29
CA VAL A 14 3.24 -7.29 2.54
C VAL A 14 2.34 -8.47 2.20
N PRO A 15 2.30 -9.53 3.00
CA PRO A 15 1.40 -10.65 2.80
C PRO A 15 -0.03 -10.31 3.12
N ARG A 16 -0.92 -11.20 2.67
CA ARG A 16 -2.34 -11.23 2.99
C ARG A 16 -2.57 -11.48 4.47
N ASN A 17 -1.57 -12.09 5.14
CA ASN A 17 -1.58 -12.53 6.52
C ASN A 17 -0.79 -11.56 7.38
N ALA A 18 -0.47 -10.36 6.83
CA ALA A 18 0.28 -9.32 7.53
C ALA A 18 -0.38 -8.81 8.77
N SER A 19 0.48 -8.38 9.70
CA SER A 19 0.05 -7.69 10.89
C SER A 19 0.28 -6.26 10.66
N GLN A 20 -0.39 -5.43 11.46
CA GLN A 20 -0.32 -4.00 11.22
C GLN A 20 1.03 -3.43 11.60
N LYS A 21 1.76 -4.08 12.52
CA LYS A 21 3.16 -3.86 12.77
C LYS A 21 4.02 -4.14 11.54
N GLU A 22 3.74 -5.23 10.78
CA GLU A 22 4.43 -5.58 9.54
C GLU A 22 4.26 -4.54 8.48
N ILE A 23 3.01 -4.05 8.37
CA ILE A 23 2.62 -3.00 7.53
C ILE A 23 3.28 -1.69 7.84
N LYS A 24 3.52 -1.44 9.14
CA LYS A 24 4.27 -0.26 9.57
C LYS A 24 5.69 -0.24 9.03
N LYS A 25 6.38 -1.40 9.01
CA LYS A 25 7.66 -1.62 8.56
C LYS A 25 7.88 -1.44 7.09
N ALA A 26 6.97 -2.03 6.27
CA ALA A 26 6.99 -1.82 4.84
C ALA A 26 6.75 -0.39 4.45
N TYR A 27 5.84 0.31 5.14
CA TYR A 27 5.46 1.66 4.81
C TYR A 27 6.65 2.61 4.77
N TYR A 28 7.61 2.48 5.72
CA TYR A 28 8.79 3.31 5.79
C TYR A 28 9.67 3.13 4.57
N GLN A 29 9.85 1.84 4.27
CA GLN A 29 10.78 1.16 3.42
C GLN A 29 10.59 1.55 1.97
N LEU A 30 9.31 1.53 1.61
CA LEU A 30 8.65 1.91 0.39
C LEU A 30 8.45 3.37 0.18
N ALA A 31 8.11 4.07 1.25
CA ALA A 31 7.88 5.52 1.17
C ALA A 31 9.11 6.28 0.71
N LYS A 32 10.29 5.77 1.09
CA LYS A 32 11.61 6.15 0.63
C LYS A 32 11.82 5.88 -0.85
N LYS A 33 11.36 4.70 -1.38
CA LYS A 33 11.58 4.19 -2.64
C LYS A 33 10.87 5.04 -3.67
N TYR A 34 9.64 5.47 -3.34
CA TYR A 34 8.75 6.13 -4.17
C TYR A 34 8.71 7.64 -3.95
N HIS A 35 9.65 8.17 -3.15
CA HIS A 35 9.90 9.59 -2.90
C HIS A 35 10.70 10.23 -4.07
N PRO A 36 10.76 11.55 -4.31
CA PRO A 36 11.78 12.14 -5.18
C PRO A 36 13.18 11.92 -4.58
N ASP A 37 14.29 11.77 -5.35
CA ASP A 37 14.64 12.17 -6.69
C ASP A 37 14.08 11.31 -7.83
N THR A 38 13.33 10.20 -7.54
CA THR A 38 13.03 9.12 -8.50
C THR A 38 12.04 9.53 -9.57
N ASN A 39 11.34 10.62 -9.24
CA ASN A 39 9.90 10.71 -9.43
C ASN A 39 9.63 11.65 -10.59
N LYS A 40 10.78 12.16 -11.03
CA LYS A 40 11.09 13.04 -12.08
C LYS A 40 11.07 12.35 -13.41
N ASP A 41 11.64 11.12 -13.48
CA ASP A 41 11.55 10.29 -14.67
C ASP A 41 10.84 8.97 -14.60
N ASP A 42 10.17 8.71 -13.49
CA ASP A 42 9.11 7.85 -13.30
C ASP A 42 7.96 8.74 -12.81
N PRO A 43 6.99 9.17 -13.56
CA PRO A 43 5.75 9.76 -13.06
C PRO A 43 4.90 8.74 -12.32
N LYS A 44 5.30 7.45 -12.43
CA LYS A 44 4.70 6.33 -11.75
C LYS A 44 4.90 6.41 -10.25
N ALA A 45 6.09 6.80 -9.77
CA ALA A 45 6.48 6.69 -8.38
C ALA A 45 5.60 7.48 -7.41
N LYS A 46 5.20 8.72 -7.78
CA LYS A 46 4.25 9.51 -7.02
C LYS A 46 2.86 8.89 -6.97
N GLU A 47 2.42 8.18 -8.06
CA GLU A 47 1.17 7.44 -8.09
C GLU A 47 1.18 6.27 -7.12
N LYS A 48 2.29 5.49 -7.10
CA LYS A 48 2.62 4.43 -6.27
C LYS A 48 2.72 4.80 -4.80
N PHE A 49 3.40 5.92 -4.48
CA PHE A 49 3.47 6.56 -3.16
C PHE A 49 2.09 6.93 -2.63
N SER A 50 1.20 7.38 -3.53
CA SER A 50 -0.16 7.74 -3.19
C SER A 50 -0.94 6.52 -2.79
N GLN A 51 -0.70 5.32 -3.42
CA GLN A 51 -1.22 4.14 -2.97
C GLN A 51 -0.68 3.78 -1.62
N LEU A 52 0.65 3.95 -1.36
CA LEU A 52 1.29 3.49 -0.24
C LEU A 52 0.72 4.05 1.05
N ALA A 53 0.41 5.37 1.09
CA ALA A 53 -0.32 5.95 2.21
C ALA A 53 -1.72 5.41 2.35
N GLU A 54 -2.49 5.29 1.25
CA GLU A 54 -3.87 4.82 1.28
C GLU A 54 -3.93 3.36 1.69
N ALA A 55 -3.01 2.54 1.14
CA ALA A 55 -2.83 1.16 1.42
C ALA A 55 -2.47 0.88 2.85
N TYR A 56 -1.47 1.63 3.36
CA TYR A 56 -1.01 1.54 4.75
C TYR A 56 -2.05 1.85 5.72
N GLU A 57 -2.66 2.98 5.44
CA GLU A 57 -3.61 3.60 6.33
C GLU A 57 -4.81 2.70 6.63
N VAL A 58 -5.31 1.96 5.63
CA VAL A 58 -6.29 0.89 5.80
C VAL A 58 -5.69 -0.31 6.51
N LEU A 59 -4.53 -0.81 6.06
CA LEU A 59 -4.02 -2.12 6.47
C LEU A 59 -3.32 -2.08 7.80
N SER A 60 -3.18 -0.85 8.31
CA SER A 60 -2.49 -0.47 9.53
C SER A 60 -3.48 -0.64 10.64
N ASP A 61 -4.75 -0.96 10.32
CA ASP A 61 -5.64 -1.35 11.39
C ASP A 61 -6.04 -2.78 11.30
N GLU A 62 -6.26 -3.34 12.48
CA GLU A 62 -6.94 -4.57 12.74
C GLU A 62 -8.37 -4.48 12.22
N VAL A 63 -9.04 -3.29 12.32
CA VAL A 63 -10.42 -3.16 11.88
C VAL A 63 -10.52 -2.94 10.39
N LYS A 64 -9.79 -1.92 9.92
CA LYS A 64 -9.74 -1.46 8.56
C LYS A 64 -9.14 -2.44 7.59
N ARG A 65 -8.03 -3.12 7.97
CA ARG A 65 -7.50 -4.19 7.12
C ARG A 65 -8.52 -5.31 6.92
N LYS A 66 -9.18 -5.74 7.99
CA LYS A 66 -10.14 -6.76 8.05
C LYS A 66 -11.42 -6.51 7.30
N GLN A 67 -12.00 -5.28 7.36
CA GLN A 67 -13.17 -4.95 6.56
C GLN A 67 -12.84 -4.93 5.08
N TYR A 68 -11.68 -4.36 4.70
CA TYR A 68 -11.16 -4.35 3.34
C TYR A 68 -10.95 -5.76 2.79
N ASP A 69 -10.38 -6.67 3.61
CA ASP A 69 -10.22 -8.07 3.27
C ASP A 69 -11.57 -8.78 3.07
N ALA A 70 -12.62 -8.39 3.83
CA ALA A 70 -13.87 -9.11 3.96
C ALA A 70 -14.77 -8.78 2.80
N TYR A 71 -14.75 -7.48 2.44
CA TYR A 71 -15.54 -6.88 1.42
C TYR A 71 -14.84 -6.84 0.06
N GLY A 72 -13.57 -7.26 -0.02
CA GLY A 72 -12.79 -7.27 -1.25
C GLY A 72 -13.07 -8.46 -2.12
N SER A 73 -14.33 -8.61 -2.58
CA SER A 73 -14.77 -9.74 -3.40
C SER A 73 -14.06 -9.86 -4.77
N HIS A 1 -15.75 -0.74 -17.62
CA HIS A 1 -16.49 -0.23 -16.40
C HIS A 1 -15.65 0.44 -15.34
N MET A 2 -14.48 -0.14 -14.99
CA MET A 2 -13.61 0.39 -13.96
C MET A 2 -12.20 -0.04 -14.23
N LEU A 3 -11.22 0.65 -13.62
CA LEU A 3 -9.80 0.36 -13.74
C LEU A 3 -9.41 -0.81 -12.84
N ALA A 4 -8.38 -1.59 -13.25
CA ALA A 4 -7.83 -2.66 -12.44
C ALA A 4 -7.08 -2.13 -11.21
N LYS A 5 -7.16 -2.88 -10.09
CA LYS A 5 -6.63 -2.49 -8.80
C LYS A 5 -5.84 -3.63 -8.23
N GLU A 6 -4.81 -3.28 -7.43
CA GLU A 6 -4.06 -4.21 -6.61
C GLU A 6 -4.74 -4.33 -5.26
N ASP A 7 -4.53 -5.46 -4.53
CA ASP A 7 -4.85 -5.51 -3.14
C ASP A 7 -3.73 -4.83 -2.40
N TYR A 8 -4.02 -4.16 -1.29
CA TYR A 8 -3.12 -3.30 -0.56
C TYR A 8 -1.90 -3.96 0.04
N TYR A 9 -1.95 -5.28 0.16
CA TYR A 9 -1.00 -6.16 0.80
C TYR A 9 0.21 -6.21 -0.08
N GLN A 10 -0.10 -6.32 -1.37
CA GLN A 10 0.77 -6.61 -2.48
C GLN A 10 1.54 -5.39 -2.87
N ILE A 11 0.87 -4.24 -2.68
CA ILE A 11 1.34 -2.89 -2.83
C ILE A 11 2.47 -2.65 -1.88
N LEU A 12 2.27 -3.15 -0.65
CA LEU A 12 3.11 -2.98 0.47
C LEU A 12 4.14 -4.09 0.60
N GLY A 13 3.96 -5.22 -0.13
CA GLY A 13 4.87 -6.36 -0.03
C GLY A 13 4.68 -7.12 1.26
N VAL A 14 3.46 -6.99 1.86
CA VAL A 14 3.13 -7.53 3.15
C VAL A 14 2.26 -8.76 2.91
N PRO A 15 2.21 -9.73 3.80
CA PRO A 15 1.33 -10.88 3.70
C PRO A 15 -0.11 -10.54 3.93
N ARG A 16 -0.97 -11.49 3.55
CA ARG A 16 -2.39 -11.52 3.82
C ARG A 16 -2.66 -11.63 5.32
N ASN A 17 -1.66 -12.16 6.07
CA ASN A 17 -1.71 -12.48 7.48
C ASN A 17 -0.95 -11.42 8.26
N ALA A 18 -0.65 -10.26 7.62
CA ALA A 18 0.04 -9.16 8.25
C ALA A 18 -0.68 -8.56 9.44
N SER A 19 0.15 -8.04 10.35
CA SER A 19 -0.33 -7.37 11.55
C SER A 19 0.01 -5.96 11.27
N GLN A 20 -0.66 -4.99 11.93
CA GLN A 20 -0.58 -3.62 11.45
C GLN A 20 0.80 -3.01 11.69
N LYS A 21 1.52 -3.54 12.71
CA LYS A 21 2.91 -3.27 13.01
C LYS A 21 3.82 -3.64 11.83
N GLU A 22 3.53 -4.78 11.16
CA GLU A 22 4.24 -5.27 9.97
C GLU A 22 4.07 -4.33 8.81
N ILE A 23 2.82 -3.85 8.65
CA ILE A 23 2.44 -2.90 7.70
C ILE A 23 3.11 -1.56 7.89
N LYS A 24 3.30 -1.18 9.17
CA LYS A 24 4.04 0.03 9.49
C LYS A 24 5.49 -0.03 9.03
N LYS A 25 6.15 -1.20 9.14
CA LYS A 25 7.43 -1.51 8.72
C LYS A 25 7.66 -1.48 7.24
N ALA A 26 6.76 -2.09 6.44
CA ALA A 26 6.83 -1.97 5.00
C ALA A 26 6.63 -0.57 4.51
N TYR A 27 5.70 0.19 5.12
CA TYR A 27 5.35 1.52 4.66
C TYR A 27 6.55 2.45 4.60
N TYR A 28 7.48 2.38 5.58
CA TYR A 28 8.65 3.23 5.62
C TYR A 28 9.56 2.97 4.44
N GLN A 29 9.75 1.66 4.24
CA GLN A 29 10.71 0.93 3.47
C GLN A 29 10.55 1.18 1.99
N LEU A 30 9.28 1.12 1.61
CA LEU A 30 8.64 1.42 0.35
C LEU A 30 8.48 2.87 0.04
N ALA A 31 8.13 3.66 1.05
CA ALA A 31 7.93 5.10 0.90
C ALA A 31 9.18 5.83 0.44
N LYS A 32 10.35 5.33 0.89
CA LYS A 32 11.69 5.70 0.47
C LYS A 32 11.93 5.41 -0.99
N LYS A 33 11.40 4.27 -1.53
CA LYS A 33 11.63 3.75 -2.83
C LYS A 33 11.09 4.71 -3.86
N TYR A 34 9.91 5.24 -3.53
CA TYR A 34 9.09 6.01 -4.35
C TYR A 34 9.03 7.49 -3.97
N HIS A 35 9.97 7.95 -3.11
CA HIS A 35 10.11 9.32 -2.63
C HIS A 35 10.73 10.23 -3.70
N PRO A 36 10.55 11.55 -3.78
CA PRO A 36 11.41 12.40 -4.64
C PRO A 36 12.86 12.36 -4.14
N ASP A 37 13.90 12.42 -4.99
CA ASP A 37 14.04 12.83 -6.38
C ASP A 37 13.54 11.86 -7.46
N THR A 38 13.02 10.65 -7.12
CA THR A 38 12.73 9.57 -8.09
C THR A 38 11.61 9.92 -9.03
N ASN A 39 10.83 10.91 -8.59
CA ASN A 39 9.40 11.00 -8.75
C ASN A 39 9.16 11.95 -9.90
N LYS A 40 10.25 12.69 -10.16
CA LYS A 40 10.63 13.38 -11.35
C LYS A 40 10.98 12.47 -12.52
N ASP A 41 11.71 11.36 -12.26
CA ASP A 41 12.31 10.51 -13.27
C ASP A 41 11.47 9.29 -13.62
N ASP A 42 10.27 9.21 -13.04
CA ASP A 42 9.27 8.27 -13.42
C ASP A 42 8.01 9.05 -13.14
N PRO A 43 7.14 9.30 -14.08
CA PRO A 43 5.76 9.65 -13.80
C PRO A 43 4.98 8.55 -13.12
N LYS A 44 5.49 7.30 -13.09
CA LYS A 44 4.77 6.24 -12.40
C LYS A 44 5.00 6.29 -10.91
N ALA A 45 6.18 6.76 -10.43
CA ALA A 45 6.62 6.67 -9.06
C ALA A 45 5.70 7.38 -8.07
N LYS A 46 5.17 8.56 -8.45
CA LYS A 46 4.19 9.30 -7.67
C LYS A 46 2.86 8.57 -7.52
N GLU A 47 2.45 7.79 -8.56
CA GLU A 47 1.22 6.99 -8.56
C GLU A 47 1.35 5.84 -7.59
N LYS A 48 2.52 5.18 -7.60
CA LYS A 48 2.98 4.14 -6.80
C LYS A 48 3.12 4.51 -5.34
N PHE A 49 3.76 5.65 -5.00
CA PHE A 49 3.80 6.27 -3.68
C PHE A 49 2.41 6.58 -3.16
N SER A 50 1.50 7.03 -4.04
CA SER A 50 0.10 7.26 -3.66
C SER A 50 -0.57 5.94 -3.26
N GLN A 51 -0.26 4.81 -3.95
CA GLN A 51 -0.79 3.52 -3.55
C GLN A 51 -0.34 3.10 -2.19
N LEU A 52 0.95 3.32 -1.82
CA LEU A 52 1.55 2.88 -0.65
C LEU A 52 0.83 3.48 0.55
N ALA A 53 0.52 4.80 0.52
CA ALA A 53 -0.27 5.46 1.54
C ALA A 53 -1.70 4.97 1.60
N GLU A 54 -2.39 4.81 0.45
CA GLU A 54 -3.78 4.37 0.41
C GLU A 54 -3.93 2.95 0.93
N ALA A 55 -2.99 2.07 0.51
CA ALA A 55 -2.87 0.71 0.96
C ALA A 55 -2.58 0.59 2.42
N TYR A 56 -1.58 1.36 2.91
CA TYR A 56 -1.14 1.40 4.30
C TYR A 56 -2.19 1.77 5.23
N GLU A 57 -2.82 2.87 4.87
CA GLU A 57 -3.80 3.56 5.68
C GLU A 57 -4.99 2.68 6.03
N VAL A 58 -5.47 1.85 5.07
CA VAL A 58 -6.44 0.81 5.32
C VAL A 58 -5.87 -0.31 6.18
N LEU A 59 -4.68 -0.84 5.84
CA LEU A 59 -4.18 -2.08 6.41
C LEU A 59 -3.54 -1.89 7.75
N SER A 60 -3.41 -0.62 8.14
CA SER A 60 -2.75 -0.11 9.31
C SER A 60 -3.75 -0.22 10.42
N ASP A 61 -5.03 -0.49 10.09
CA ASP A 61 -5.97 -0.76 11.15
C ASP A 61 -6.35 -2.19 11.21
N GLU A 62 -6.62 -2.62 12.44
CA GLU A 62 -7.31 -3.82 12.81
C GLU A 62 -8.70 -3.80 12.23
N VAL A 63 -9.40 -2.63 12.17
CA VAL A 63 -10.75 -2.57 11.68
C VAL A 63 -10.81 -2.54 10.17
N LYS A 64 -10.08 -1.55 9.62
CA LYS A 64 -9.98 -1.25 8.21
C LYS A 64 -9.35 -2.34 7.39
N ARG A 65 -8.25 -2.96 7.88
CA ARG A 65 -7.68 -4.11 7.19
C ARG A 65 -8.69 -5.25 7.08
N LYS A 66 -9.37 -5.58 8.18
CA LYS A 66 -10.32 -6.60 8.34
C LYS A 66 -11.58 -6.48 7.51
N GLN A 67 -12.18 -5.27 7.44
CA GLN A 67 -13.32 -5.04 6.58
C GLN A 67 -12.95 -5.16 5.10
N TYR A 68 -11.78 -4.60 4.70
CA TYR A 68 -11.24 -4.74 3.36
C TYR A 68 -10.99 -6.20 2.99
N ASP A 69 -10.41 -6.99 3.90
CA ASP A 69 -10.10 -8.41 3.73
C ASP A 69 -11.34 -9.26 3.50
N ALA A 70 -12.50 -8.81 4.02
CA ALA A 70 -13.76 -9.53 3.99
C ALA A 70 -14.34 -9.45 2.60
N TYR A 71 -14.20 -8.24 2.01
CA TYR A 71 -14.59 -7.92 0.67
C TYR A 71 -13.54 -8.31 -0.37
N GLY A 72 -12.27 -8.50 0.02
CA GLY A 72 -11.20 -8.96 -0.87
C GLY A 72 -11.05 -10.45 -0.84
N SER A 73 -12.18 -11.17 -1.03
CA SER A 73 -12.25 -12.63 -0.99
C SER A 73 -11.48 -13.32 -2.16
N HIS A 1 -13.98 2.23 -18.08
CA HIS A 1 -14.75 2.35 -16.79
C HIS A 1 -14.27 1.50 -15.64
N MET A 2 -13.85 0.23 -15.89
CA MET A 2 -13.36 -0.65 -14.85
C MET A 2 -11.90 -0.34 -14.54
N LEU A 3 -11.59 -0.10 -13.25
CA LEU A 3 -10.24 0.14 -12.79
C LEU A 3 -9.59 -1.17 -12.41
N ALA A 4 -8.34 -1.40 -12.86
CA ALA A 4 -7.55 -2.52 -12.40
C ALA A 4 -6.99 -2.24 -11.01
N LYS A 5 -7.17 -3.19 -10.07
CA LYS A 5 -6.84 -2.97 -8.67
C LYS A 5 -5.87 -4.02 -8.19
N GLU A 6 -4.93 -3.61 -7.31
CA GLU A 6 -3.98 -4.47 -6.65
C GLU A 6 -4.50 -4.75 -5.24
N ASP A 7 -4.10 -5.88 -4.62
CA ASP A 7 -4.42 -6.11 -3.22
C ASP A 7 -3.39 -5.50 -2.30
N TYR A 8 -3.80 -4.81 -1.22
CA TYR A 8 -2.98 -3.87 -0.46
C TYR A 8 -1.78 -4.46 0.23
N TYR A 9 -1.75 -5.78 0.31
CA TYR A 9 -0.76 -6.63 0.91
C TYR A 9 0.43 -6.67 0.00
N GLN A 10 0.14 -6.84 -1.29
CA GLN A 10 1.07 -7.08 -2.37
C GLN A 10 1.77 -5.84 -2.79
N ILE A 11 1.04 -4.73 -2.62
CA ILE A 11 1.46 -3.37 -2.82
C ILE A 11 2.61 -3.09 -1.89
N LEU A 12 2.46 -3.60 -0.66
CA LEU A 12 3.28 -3.30 0.45
C LEU A 12 4.36 -4.36 0.65
N GLY A 13 4.22 -5.55 0.03
CA GLY A 13 5.14 -6.65 0.26
C GLY A 13 4.94 -7.27 1.61
N VAL A 14 3.72 -7.14 2.16
CA VAL A 14 3.37 -7.58 3.49
C VAL A 14 2.60 -8.88 3.36
N PRO A 15 2.63 -9.78 4.34
CA PRO A 15 1.92 -11.04 4.29
C PRO A 15 0.44 -10.87 4.44
N ARG A 16 -0.26 -11.95 4.09
CA ARG A 16 -1.69 -12.14 4.22
C ARG A 16 -2.13 -12.11 5.68
N ASN A 17 -1.20 -12.41 6.60
CA ASN A 17 -1.43 -12.52 8.02
C ASN A 17 -0.74 -11.38 8.76
N ALA A 18 -0.41 -10.29 8.05
CA ALA A 18 0.25 -9.12 8.60
C ALA A 18 -0.46 -8.47 9.77
N SER A 19 0.37 -7.88 10.64
CA SER A 19 -0.10 -7.19 11.83
C SER A 19 0.16 -5.77 11.49
N GLN A 20 -0.51 -4.80 12.12
CA GLN A 20 -0.48 -3.45 11.58
C GLN A 20 0.89 -2.80 11.77
N LYS A 21 1.66 -3.26 12.79
CA LYS A 21 3.05 -2.93 12.98
C LYS A 21 3.92 -3.38 11.82
N GLU A 22 3.65 -4.57 11.23
CA GLU A 22 4.35 -5.13 10.07
C GLU A 22 4.14 -4.25 8.87
N ILE A 23 2.90 -3.78 8.72
CA ILE A 23 2.50 -2.87 7.74
C ILE A 23 3.16 -1.53 7.86
N LYS A 24 3.37 -1.06 9.11
CA LYS A 24 4.13 0.16 9.35
C LYS A 24 5.56 0.07 8.88
N LYS A 25 6.22 -1.10 9.03
CA LYS A 25 7.51 -1.40 8.64
C LYS A 25 7.74 -1.41 7.16
N ALA A 26 6.85 -2.09 6.38
CA ALA A 26 6.93 -2.03 4.94
C ALA A 26 6.71 -0.65 4.39
N TYR A 27 5.79 0.12 4.97
CA TYR A 27 5.42 1.43 4.47
C TYR A 27 6.62 2.35 4.38
N TYR A 28 7.56 2.32 5.35
CA TYR A 28 8.73 3.16 5.36
C TYR A 28 9.64 2.84 4.18
N GLN A 29 9.81 1.53 4.02
CA GLN A 29 10.76 0.77 3.26
C GLN A 29 10.58 1.02 1.78
N LEU A 30 9.31 0.99 1.40
CA LEU A 30 8.66 1.30 0.17
C LEU A 30 8.48 2.74 -0.16
N ALA A 31 8.12 3.55 0.85
CA ALA A 31 7.90 4.98 0.69
C ALA A 31 9.15 5.71 0.26
N LYS A 32 10.32 5.22 0.69
CA LYS A 32 11.66 5.59 0.28
C LYS A 32 11.90 5.34 -1.19
N LYS A 33 11.39 4.21 -1.74
CA LYS A 33 11.62 3.72 -3.05
C LYS A 33 11.06 4.69 -4.05
N TYR A 34 9.86 5.19 -3.71
CA TYR A 34 9.04 5.98 -4.51
C TYR A 34 8.95 7.43 -4.04
N HIS A 35 9.88 7.85 -3.17
CA HIS A 35 10.00 9.20 -2.61
C HIS A 35 10.49 10.22 -3.66
N PRO A 36 10.23 11.53 -3.62
CA PRO A 36 10.98 12.49 -4.45
C PRO A 36 12.45 12.51 -4.04
N ASP A 37 13.45 12.67 -4.94
CA ASP A 37 13.48 13.17 -6.30
C ASP A 37 13.01 12.23 -7.41
N THR A 38 12.60 10.97 -7.13
CA THR A 38 12.39 9.92 -8.16
C THR A 38 11.22 10.24 -9.08
N ASN A 39 10.38 11.12 -8.56
CA ASN A 39 8.94 11.04 -8.63
C ASN A 39 8.50 11.94 -9.75
N LYS A 40 9.46 12.79 -10.08
CA LYS A 40 9.49 13.89 -10.98
C LYS A 40 9.64 13.50 -12.44
N ASP A 41 10.56 12.55 -12.74
CA ASP A 41 10.84 12.15 -14.11
C ASP A 41 10.38 10.78 -14.54
N ASP A 42 9.72 10.09 -13.64
CA ASP A 42 9.00 8.92 -13.75
C ASP A 42 7.61 9.34 -13.31
N PRO A 43 6.63 9.55 -14.15
CA PRO A 43 5.25 9.79 -13.73
C PRO A 43 4.63 8.56 -13.07
N LYS A 44 5.31 7.41 -13.17
CA LYS A 44 4.91 6.17 -12.57
C LYS A 44 5.09 6.17 -11.07
N ALA A 45 6.20 6.73 -10.56
CA ALA A 45 6.60 6.67 -9.17
C ALA A 45 5.62 7.30 -8.20
N LYS A 46 4.99 8.45 -8.57
CA LYS A 46 3.96 9.05 -7.77
C LYS A 46 2.68 8.20 -7.73
N GLU A 47 2.37 7.47 -8.83
CA GLU A 47 1.22 6.58 -8.93
C GLU A 47 1.40 5.39 -8.00
N LYS A 48 2.62 4.82 -7.96
CA LYS A 48 3.11 3.82 -7.13
C LYS A 48 3.15 4.19 -5.67
N PHE A 49 3.70 5.38 -5.30
CA PHE A 49 3.65 5.96 -3.96
C PHE A 49 2.22 6.15 -3.47
N SER A 50 1.30 6.54 -4.37
CA SER A 50 -0.12 6.66 -4.04
C SER A 50 -0.71 5.32 -3.60
N GLN A 51 -0.32 4.20 -4.26
CA GLN A 51 -0.72 2.86 -3.84
C GLN A 51 -0.24 2.52 -2.46
N LEU A 52 1.02 2.82 -2.09
CA LEU A 52 1.63 2.49 -0.89
C LEU A 52 0.89 3.13 0.27
N ALA A 53 0.53 4.43 0.15
CA ALA A 53 -0.25 5.13 1.14
C ALA A 53 -1.68 4.62 1.26
N GLU A 54 -2.39 4.37 0.14
CA GLU A 54 -3.76 3.91 0.15
C GLU A 54 -3.86 2.52 0.75
N ALA A 55 -2.91 1.63 0.36
CA ALA A 55 -2.78 0.30 0.89
C ALA A 55 -2.44 0.27 2.35
N TYR A 56 -1.45 1.09 2.78
CA TYR A 56 -0.98 1.19 4.16
C TYR A 56 -2.02 1.59 5.11
N GLU A 57 -2.64 2.68 4.72
CA GLU A 57 -3.58 3.42 5.52
C GLU A 57 -4.78 2.58 5.93
N VAL A 58 -5.28 1.73 5.01
CA VAL A 58 -6.30 0.75 5.33
C VAL A 58 -5.75 -0.35 6.22
N LEU A 59 -4.58 -0.93 5.89
CA LEU A 59 -4.13 -2.16 6.50
C LEU A 59 -3.46 -1.92 7.83
N SER A 60 -3.30 -0.63 8.15
CA SER A 60 -2.58 -0.11 9.29
C SER A 60 -3.58 -0.09 10.41
N ASP A 61 -4.87 -0.39 10.12
CA ASP A 61 -5.77 -0.59 11.23
C ASP A 61 -6.21 -2.01 11.31
N GLU A 62 -6.47 -2.41 12.56
CA GLU A 62 -7.21 -3.58 12.93
C GLU A 62 -8.62 -3.50 12.37
N VAL A 63 -9.25 -2.30 12.33
CA VAL A 63 -10.63 -2.17 11.87
C VAL A 63 -10.70 -2.16 10.36
N LYS A 64 -9.94 -1.24 9.77
CA LYS A 64 -9.85 -0.97 8.37
C LYS A 64 -9.29 -2.10 7.55
N ARG A 65 -8.21 -2.77 8.03
CA ARG A 65 -7.70 -3.96 7.35
C ARG A 65 -8.76 -5.04 7.26
N LYS A 66 -9.48 -5.29 8.37
CA LYS A 66 -10.53 -6.22 8.51
C LYS A 66 -11.77 -5.93 7.69
N GLN A 67 -12.26 -4.66 7.64
CA GLN A 67 -13.39 -4.29 6.81
C GLN A 67 -13.10 -4.42 5.32
N TYR A 68 -11.87 -4.10 4.88
CA TYR A 68 -11.38 -4.40 3.54
C TYR A 68 -11.41 -5.88 3.21
N ASP A 69 -10.94 -6.74 4.15
CA ASP A 69 -11.01 -8.20 4.03
C ASP A 69 -12.43 -8.73 3.94
N ALA A 70 -13.34 -8.13 4.75
CA ALA A 70 -14.74 -8.52 4.86
C ALA A 70 -15.54 -8.40 3.59
N TYR A 71 -15.29 -7.36 2.78
CA TYR A 71 -16.32 -6.75 1.97
C TYR A 71 -16.55 -7.48 0.64
N GLY A 72 -15.60 -8.33 0.18
CA GLY A 72 -15.82 -9.09 -1.03
C GLY A 72 -14.60 -9.87 -1.39
N SER A 73 -14.69 -10.63 -2.51
CA SER A 73 -13.60 -11.50 -3.00
C SER A 73 -12.30 -10.75 -3.37
N HIS A 1 -16.52 -3.01 -18.48
CA HIS A 1 -17.13 -2.51 -17.21
C HIS A 1 -16.30 -2.71 -15.95
N MET A 2 -15.66 -3.88 -15.77
CA MET A 2 -14.86 -4.18 -14.60
C MET A 2 -13.48 -3.57 -14.70
N LEU A 3 -13.02 -2.92 -13.62
CA LEU A 3 -11.71 -2.30 -13.53
C LEU A 3 -10.67 -3.28 -13.02
N ALA A 4 -9.42 -3.16 -13.51
CA ALA A 4 -8.28 -3.85 -12.94
C ALA A 4 -7.85 -3.16 -11.65
N LYS A 5 -7.30 -3.93 -10.68
CA LYS A 5 -7.06 -3.42 -9.36
C LYS A 5 -5.88 -4.12 -8.74
N GLU A 6 -5.31 -3.50 -7.68
CA GLU A 6 -4.26 -4.09 -6.86
C GLU A 6 -4.86 -4.35 -5.50
N ASP A 7 -4.42 -5.43 -4.79
CA ASP A 7 -4.69 -5.54 -3.39
C ASP A 7 -3.59 -4.76 -2.71
N TYR A 8 -3.87 -4.13 -1.56
CA TYR A 8 -2.98 -3.27 -0.83
C TYR A 8 -1.73 -3.93 -0.28
N TYR A 9 -1.80 -5.25 -0.16
CA TYR A 9 -0.83 -6.16 0.39
C TYR A 9 0.36 -6.22 -0.52
N GLN A 10 0.02 -6.24 -1.81
CA GLN A 10 0.90 -6.44 -2.93
C GLN A 10 1.67 -5.21 -3.21
N ILE A 11 0.99 -4.07 -2.97
CA ILE A 11 1.46 -2.72 -3.07
C ILE A 11 2.59 -2.54 -2.10
N LEU A 12 2.39 -3.09 -0.89
CA LEU A 12 3.22 -2.96 0.23
C LEU A 12 4.26 -4.07 0.30
N GLY A 13 4.08 -5.19 -0.44
CA GLY A 13 4.99 -6.32 -0.36
C GLY A 13 4.83 -7.08 0.93
N VAL A 14 3.61 -7.01 1.52
CA VAL A 14 3.32 -7.57 2.82
C VAL A 14 2.51 -8.83 2.61
N PRO A 15 2.59 -9.81 3.51
CA PRO A 15 1.85 -11.05 3.40
C PRO A 15 0.38 -10.87 3.67
N ARG A 16 -0.38 -11.91 3.29
CA ARG A 16 -1.79 -12.08 3.52
C ARG A 16 -2.13 -12.17 5.00
N ASN A 17 -1.14 -12.58 5.82
CA ASN A 17 -1.26 -12.80 7.24
C ASN A 17 -0.53 -11.72 8.01
N ALA A 18 -0.23 -10.59 7.34
CA ALA A 18 0.45 -9.45 7.94
C ALA A 18 -0.26 -8.86 9.14
N SER A 19 0.55 -8.26 10.01
CA SER A 19 0.07 -7.50 11.14
C SER A 19 0.30 -6.09 10.81
N GLN A 20 -0.37 -5.20 11.52
CA GLN A 20 -0.28 -3.80 11.18
C GLN A 20 1.06 -3.19 11.52
N LYS A 21 1.78 -3.79 12.48
CA LYS A 21 3.19 -3.55 12.73
C LYS A 21 4.06 -3.93 11.53
N GLU A 22 3.79 -5.07 10.85
CA GLU A 22 4.47 -5.54 9.65
C GLU A 22 4.30 -4.60 8.50
N ILE A 23 3.07 -4.09 8.37
CA ILE A 23 2.70 -3.10 7.45
C ILE A 23 3.39 -1.78 7.66
N LYS A 24 3.62 -1.42 8.94
CA LYS A 24 4.41 -0.23 9.26
C LYS A 24 5.84 -0.33 8.76
N LYS A 25 6.47 -1.52 8.84
CA LYS A 25 7.74 -1.84 8.42
C LYS A 25 7.96 -1.77 6.93
N ALA A 26 7.02 -2.35 6.15
CA ALA A 26 7.04 -2.17 4.71
C ALA A 26 6.86 -0.75 4.29
N TYR A 27 5.95 -0.01 4.94
CA TYR A 27 5.60 1.34 4.54
C TYR A 27 6.82 2.26 4.49
N TYR A 28 7.77 2.13 5.44
CA TYR A 28 8.97 2.94 5.49
C TYR A 28 9.86 2.70 4.29
N GLN A 29 10.00 1.40 4.01
CA GLN A 29 10.90 0.68 3.17
C GLN A 29 10.70 1.05 1.72
N LEU A 30 9.41 1.07 1.38
CA LEU A 30 8.73 1.50 0.19
C LEU A 30 8.59 2.97 -0.01
N ALA A 31 8.30 3.69 1.08
CA ALA A 31 8.14 5.15 1.04
C ALA A 31 9.39 5.84 0.56
N LYS A 32 10.56 5.31 0.97
CA LYS A 32 11.89 5.69 0.57
C LYS A 32 12.10 5.52 -0.92
N LYS A 33 11.53 4.46 -1.54
CA LYS A 33 11.69 4.07 -2.88
C LYS A 33 11.14 5.14 -3.79
N TYR A 34 9.98 5.69 -3.37
CA TYR A 34 9.16 6.51 -4.14
C TYR A 34 9.01 7.94 -3.64
N HIS A 35 9.82 8.39 -2.66
CA HIS A 35 9.85 9.76 -2.12
C HIS A 35 10.59 10.72 -3.06
N PRO A 36 10.40 12.05 -3.11
CA PRO A 36 11.34 12.93 -3.81
C PRO A 36 12.72 12.90 -3.16
N ASP A 37 13.85 12.95 -3.90
CA ASP A 37 14.12 13.41 -5.25
C ASP A 37 13.77 12.48 -6.42
N THR A 38 13.19 11.28 -6.21
CA THR A 38 12.97 10.26 -7.27
C THR A 38 11.92 10.70 -8.28
N ASN A 39 11.11 11.68 -7.82
CA ASN A 39 9.69 11.81 -8.06
C ASN A 39 9.53 12.89 -9.11
N LYS A 40 10.68 13.55 -9.29
CA LYS A 40 11.06 14.59 -10.17
C LYS A 40 11.35 14.04 -11.55
N ASP A 41 12.06 12.88 -11.57
CA ASP A 41 12.55 12.22 -12.76
C ASP A 41 11.77 10.95 -13.10
N ASP A 42 10.57 10.76 -12.52
CA ASP A 42 9.63 9.79 -12.97
C ASP A 42 8.32 10.48 -12.68
N PRO A 43 7.45 10.74 -13.60
CA PRO A 43 6.05 11.00 -13.32
C PRO A 43 5.33 9.79 -12.76
N LYS A 44 5.91 8.58 -12.84
CA LYS A 44 5.23 7.40 -12.30
C LYS A 44 5.39 7.32 -10.79
N ALA A 45 6.54 7.75 -10.24
CA ALA A 45 6.94 7.54 -8.87
C ALA A 45 5.97 8.13 -7.84
N LYS A 46 5.40 9.32 -8.13
CA LYS A 46 4.39 9.94 -7.31
C LYS A 46 3.07 9.18 -7.30
N GLU A 47 2.72 8.48 -8.41
CA GLU A 47 1.53 7.65 -8.53
C GLU A 47 1.66 6.43 -7.63
N LYS A 48 2.87 5.82 -7.65
CA LYS A 48 3.33 4.72 -6.95
C LYS A 48 3.41 4.96 -5.45
N PHE A 49 3.99 6.09 -5.00
CA PHE A 49 3.95 6.60 -3.62
C PHE A 49 2.52 6.81 -3.15
N SER A 50 1.63 7.29 -4.05
CA SER A 50 0.22 7.43 -3.73
C SER A 50 -0.46 6.11 -3.45
N GLN A 51 -0.07 5.00 -4.14
CA GLN A 51 -0.52 3.66 -3.79
C GLN A 51 -0.10 3.23 -2.42
N LEU A 52 1.17 3.49 -1.99
CA LEU A 52 1.73 3.03 -0.81
C LEU A 52 0.98 3.56 0.39
N ALA A 53 0.66 4.88 0.40
CA ALA A 53 -0.12 5.51 1.45
C ALA A 53 -1.55 5.02 1.49
N GLU A 54 -2.24 4.90 0.34
CA GLU A 54 -3.63 4.48 0.27
C GLU A 54 -3.79 3.05 0.72
N ALA A 55 -2.85 2.17 0.29
CA ALA A 55 -2.77 0.80 0.70
C ALA A 55 -2.49 0.63 2.18
N TYR A 56 -1.47 1.36 2.69
CA TYR A 56 -1.00 1.32 4.07
C TYR A 56 -2.02 1.69 5.05
N GLU A 57 -2.62 2.79 4.73
CA GLU A 57 -3.59 3.48 5.57
C GLU A 57 -4.78 2.59 5.90
N VAL A 58 -5.24 1.77 4.92
CA VAL A 58 -6.19 0.70 5.17
C VAL A 58 -5.59 -0.43 5.98
N LEU A 59 -4.42 -0.95 5.61
CA LEU A 59 -3.91 -2.20 6.04
C LEU A 59 -3.26 -2.09 7.42
N SER A 60 -3.10 -0.84 7.87
CA SER A 60 -2.34 -0.42 9.03
C SER A 60 -3.32 -0.41 10.16
N ASP A 61 -4.62 -0.67 9.87
CA ASP A 61 -5.49 -0.97 10.99
C ASP A 61 -5.89 -2.40 10.98
N GLU A 62 -6.11 -2.88 12.19
CA GLU A 62 -6.88 -4.04 12.48
C GLU A 62 -8.30 -3.96 11.99
N VAL A 63 -8.92 -2.77 12.05
CA VAL A 63 -10.31 -2.62 11.64
C VAL A 63 -10.45 -2.53 10.14
N LYS A 64 -9.71 -1.57 9.58
CA LYS A 64 -9.66 -1.22 8.18
C LYS A 64 -9.12 -2.31 7.30
N ARG A 65 -8.03 -3.00 7.70
CA ARG A 65 -7.57 -4.14 6.92
C ARG A 65 -8.64 -5.23 6.82
N LYS A 66 -9.29 -5.56 7.95
CA LYS A 66 -10.33 -6.50 8.09
C LYS A 66 -11.63 -6.18 7.39
N GLN A 67 -12.13 -4.93 7.45
CA GLN A 67 -13.32 -4.54 6.72
C GLN A 67 -13.12 -4.58 5.21
N TYR A 68 -11.97 -4.11 4.69
CA TYR A 68 -11.67 -4.27 3.29
C TYR A 68 -11.52 -5.72 2.84
N ASP A 69 -10.98 -6.62 3.70
CA ASP A 69 -11.04 -8.05 3.45
C ASP A 69 -12.45 -8.61 3.37
N ALA A 70 -13.43 -7.97 4.06
CA ALA A 70 -14.77 -8.46 4.21
C ALA A 70 -15.59 -8.06 3.01
N TYR A 71 -15.37 -6.80 2.58
CA TYR A 71 -16.01 -6.19 1.45
C TYR A 71 -15.36 -6.53 0.12
N GLY A 72 -14.09 -7.00 0.11
CA GLY A 72 -13.41 -7.46 -1.10
C GLY A 72 -13.68 -8.92 -1.36
N SER A 73 -14.96 -9.29 -1.44
CA SER A 73 -15.40 -10.67 -1.64
C SER A 73 -14.99 -11.29 -3.00
N HIS A 1 -13.83 -2.07 -16.99
CA HIS A 1 -13.64 -0.86 -16.12
C HIS A 1 -12.25 -0.22 -16.18
N MET A 2 -12.18 1.13 -15.97
CA MET A 2 -10.97 1.92 -16.10
C MET A 2 -9.87 1.59 -15.09
N LEU A 3 -10.23 1.38 -13.80
CA LEU A 3 -9.26 1.16 -12.76
C LEU A 3 -8.92 -0.32 -12.62
N ALA A 4 -7.61 -0.65 -12.54
CA ALA A 4 -7.15 -2.00 -12.26
C ALA A 4 -7.24 -2.31 -10.78
N LYS A 5 -7.55 -3.57 -10.42
CA LYS A 5 -7.73 -3.97 -9.04
C LYS A 5 -6.41 -4.45 -8.46
N GLU A 6 -5.96 -3.82 -7.36
CA GLU A 6 -4.82 -4.25 -6.56
C GLU A 6 -5.36 -4.49 -5.17
N ASP A 7 -4.81 -5.46 -4.41
CA ASP A 7 -5.10 -5.55 -3.01
C ASP A 7 -4.01 -4.76 -2.32
N TYR A 8 -4.32 -4.08 -1.21
CA TYR A 8 -3.39 -3.21 -0.48
C TYR A 8 -2.17 -3.87 0.10
N TYR A 9 -2.23 -5.20 0.22
CA TYR A 9 -1.27 -6.08 0.82
C TYR A 9 -0.08 -6.16 -0.11
N GLN A 10 -0.43 -6.25 -1.39
CA GLN A 10 0.42 -6.52 -2.53
C GLN A 10 1.20 -5.29 -2.89
N ILE A 11 0.54 -4.14 -2.68
CA ILE A 11 1.00 -2.80 -2.85
C ILE A 11 2.16 -2.57 -1.93
N LEU A 12 2.00 -3.09 -0.70
CA LEU A 12 2.87 -2.94 0.40
C LEU A 12 3.89 -4.06 0.50
N GLY A 13 3.69 -5.18 -0.22
CA GLY A 13 4.61 -6.32 -0.14
C GLY A 13 4.46 -7.06 1.17
N VAL A 14 3.25 -6.95 1.76
CA VAL A 14 2.93 -7.49 3.06
C VAL A 14 2.04 -8.70 2.83
N PRO A 15 2.00 -9.66 3.73
CA PRO A 15 1.14 -10.81 3.62
C PRO A 15 -0.30 -10.47 3.89
N ARG A 16 -1.16 -11.43 3.55
CA ARG A 16 -2.59 -11.46 3.80
C ARG A 16 -2.90 -11.51 5.28
N ASN A 17 -1.94 -12.05 6.07
CA ASN A 17 -2.05 -12.28 7.48
C ASN A 17 -1.17 -11.32 8.26
N ALA A 18 -0.79 -10.20 7.62
CA ALA A 18 -0.04 -9.10 8.21
C ALA A 18 -0.70 -8.49 9.42
N SER A 19 0.18 -8.02 10.31
CA SER A 19 -0.24 -7.37 11.54
C SER A 19 0.13 -5.96 11.28
N GLN A 20 -0.51 -4.99 11.96
CA GLN A 20 -0.45 -3.63 11.47
C GLN A 20 0.92 -3.00 11.67
N LYS A 21 1.68 -3.49 12.67
CA LYS A 21 3.09 -3.18 12.83
C LYS A 21 3.95 -3.63 11.67
N GLU A 22 3.60 -4.74 10.99
CA GLU A 22 4.27 -5.26 9.80
C GLU A 22 4.09 -4.30 8.65
N ILE A 23 2.86 -3.80 8.53
CA ILE A 23 2.45 -2.83 7.60
C ILE A 23 3.15 -1.51 7.79
N LYS A 24 3.39 -1.15 9.06
CA LYS A 24 4.16 0.05 9.37
C LYS A 24 5.58 -0.02 8.85
N LYS A 25 6.24 -1.18 8.92
CA LYS A 25 7.51 -1.47 8.46
C LYS A 25 7.69 -1.44 6.97
N ALA A 26 6.77 -2.08 6.23
CA ALA A 26 6.80 -2.01 4.78
C ALA A 26 6.59 -0.63 4.25
N TYR A 27 5.72 0.16 4.89
CA TYR A 27 5.36 1.48 4.45
C TYR A 27 6.58 2.39 4.31
N TYR A 28 7.57 2.30 5.23
CA TYR A 28 8.77 3.10 5.20
C TYR A 28 9.62 2.77 3.98
N GLN A 29 9.75 1.46 3.80
CA GLN A 29 10.66 0.70 3.01
C GLN A 29 10.45 0.95 1.53
N LEU A 30 9.16 0.92 1.20
CA LEU A 30 8.47 1.23 -0.02
C LEU A 30 8.32 2.67 -0.35
N ALA A 31 8.05 3.48 0.68
CA ALA A 31 7.86 4.92 0.50
C ALA A 31 9.09 5.58 -0.08
N LYS A 32 10.28 5.12 0.34
CA LYS A 32 11.59 5.49 -0.16
C LYS A 32 11.76 5.17 -1.63
N LYS A 33 11.20 4.02 -2.11
CA LYS A 33 11.31 3.48 -3.41
C LYS A 33 10.70 4.41 -4.42
N TYR A 34 9.55 4.98 -4.02
CA TYR A 34 8.65 5.67 -4.80
C TYR A 34 8.56 7.18 -4.54
N HIS A 35 9.32 7.77 -3.59
CA HIS A 35 9.29 9.20 -3.28
C HIS A 35 10.20 10.00 -4.24
N PRO A 36 10.11 11.31 -4.53
CA PRO A 36 11.22 12.02 -5.19
C PRO A 36 12.47 12.01 -4.32
N ASP A 37 13.71 11.91 -4.85
CA ASP A 37 14.28 12.18 -6.15
C ASP A 37 14.04 11.11 -7.24
N THR A 38 13.36 9.97 -6.97
CA THR A 38 13.29 8.80 -7.87
C THR A 38 12.52 9.08 -9.15
N ASN A 39 11.71 10.15 -9.05
CA ASN A 39 10.35 10.25 -9.54
C ASN A 39 10.40 11.16 -10.75
N LYS A 40 11.63 11.63 -10.94
CA LYS A 40 12.25 12.24 -12.05
C LYS A 40 12.34 11.29 -13.22
N ASP A 41 12.70 10.02 -12.93
CA ASP A 41 12.87 8.95 -13.90
C ASP A 41 11.72 7.96 -13.99
N ASP A 42 10.59 8.23 -13.31
CA ASP A 42 9.36 7.53 -13.54
C ASP A 42 8.28 8.54 -13.25
N PRO A 43 7.44 8.94 -14.15
CA PRO A 43 6.14 9.49 -13.82
C PRO A 43 5.21 8.51 -13.14
N LYS A 44 5.52 7.20 -13.13
CA LYS A 44 4.62 6.27 -12.47
C LYS A 44 4.90 6.17 -10.99
N ALA A 45 6.12 6.51 -10.51
CA ALA A 45 6.52 6.35 -9.12
C ALA A 45 5.65 7.13 -8.14
N LYS A 46 5.24 8.37 -8.49
CA LYS A 46 4.32 9.19 -7.73
C LYS A 46 2.92 8.58 -7.61
N GLU A 47 2.45 7.86 -8.66
CA GLU A 47 1.17 7.16 -8.69
C GLU A 47 1.19 5.98 -7.72
N LYS A 48 2.30 5.23 -7.71
CA LYS A 48 2.66 4.14 -6.91
C LYS A 48 2.80 4.49 -5.44
N PHE A 49 3.50 5.61 -5.12
CA PHE A 49 3.58 6.23 -3.79
C PHE A 49 2.21 6.60 -3.26
N SER A 50 1.31 7.07 -4.12
CA SER A 50 -0.08 7.33 -3.74
C SER A 50 -0.79 6.05 -3.32
N GLN A 51 -0.54 4.90 -3.99
CA GLN A 51 -1.09 3.63 -3.57
C GLN A 51 -0.61 3.21 -2.20
N LEU A 52 0.68 3.41 -1.85
CA LEU A 52 1.30 2.97 -0.69
C LEU A 52 0.62 3.57 0.53
N ALA A 53 0.34 4.90 0.50
CA ALA A 53 -0.40 5.57 1.55
C ALA A 53 -1.84 5.09 1.67
N GLU A 54 -2.56 4.93 0.55
CA GLU A 54 -3.95 4.50 0.54
C GLU A 54 -4.09 3.09 1.06
N ALA A 55 -3.19 2.20 0.62
CA ALA A 55 -3.07 0.85 1.09
C ALA A 55 -2.70 0.72 2.55
N TYR A 56 -1.68 1.47 2.98
CA TYR A 56 -1.17 1.49 4.35
C TYR A 56 -2.17 1.87 5.34
N GLU A 57 -2.77 2.98 5.03
CA GLU A 57 -3.68 3.69 5.89
C GLU A 57 -4.89 2.84 6.29
N VAL A 58 -5.42 2.02 5.35
CA VAL A 58 -6.42 1.01 5.65
C VAL A 58 -5.82 -0.13 6.47
N LEU A 59 -4.67 -0.70 6.05
CA LEU A 59 -4.19 -1.96 6.56
C LEU A 59 -3.47 -1.82 7.88
N SER A 60 -3.29 -0.56 8.27
CA SER A 60 -2.55 -0.10 9.42
C SER A 60 -3.50 -0.13 10.57
N ASP A 61 -4.81 -0.41 10.31
CA ASP A 61 -5.67 -0.68 11.44
C ASP A 61 -6.08 -2.11 11.47
N GLU A 62 -6.26 -2.54 12.71
CA GLU A 62 -7.03 -3.69 13.06
C GLU A 62 -8.46 -3.65 12.61
N VAL A 63 -9.09 -2.46 12.63
CA VAL A 63 -10.48 -2.33 12.21
C VAL A 63 -10.62 -2.28 10.71
N LYS A 64 -9.89 -1.32 10.13
CA LYS A 64 -9.86 -0.99 8.73
C LYS A 64 -9.30 -2.08 7.85
N ARG A 65 -8.19 -2.75 8.26
CA ARG A 65 -7.71 -3.90 7.51
C ARG A 65 -8.75 -5.00 7.44
N LYS A 66 -9.38 -5.32 8.58
CA LYS A 66 -10.36 -6.31 8.76
C LYS A 66 -11.66 -6.11 8.03
N GLN A 67 -12.23 -4.87 8.01
CA GLN A 67 -13.42 -4.58 7.24
C GLN A 67 -13.15 -4.69 5.73
N TYR A 68 -11.99 -4.18 5.27
CA TYR A 68 -11.52 -4.31 3.90
C TYR A 68 -11.37 -5.77 3.49
N ASP A 69 -10.77 -6.61 4.35
CA ASP A 69 -10.62 -8.04 4.14
C ASP A 69 -11.97 -8.76 4.04
N ALA A 70 -13.02 -8.26 4.74
CA ALA A 70 -14.28 -8.93 4.92
C ALA A 70 -15.18 -8.65 3.73
N TYR A 71 -15.14 -7.38 3.30
CA TYR A 71 -15.98 -6.82 2.28
C TYR A 71 -15.33 -6.78 0.90
N GLY A 72 -13.99 -6.93 0.79
CA GLY A 72 -13.29 -6.95 -0.49
C GLY A 72 -13.31 -8.30 -1.14
N SER A 73 -14.52 -8.79 -1.49
CA SER A 73 -14.68 -10.09 -2.13
C SER A 73 -14.29 -10.14 -3.63
N HIS A 1 -13.08 0.15 -11.86
CA HIS A 1 -13.21 -0.50 -13.22
C HIS A 1 -12.26 0.02 -14.29
N MET A 2 -11.99 1.35 -14.31
CA MET A 2 -11.02 1.97 -15.22
C MET A 2 -9.59 1.53 -14.95
N LEU A 3 -9.20 1.46 -13.66
CA LEU A 3 -7.94 0.91 -13.21
C LEU A 3 -8.06 -0.57 -12.90
N ALA A 4 -6.91 -1.30 -12.93
CA ALA A 4 -6.87 -2.72 -12.59
C ALA A 4 -6.90 -2.91 -11.08
N LYS A 5 -7.59 -3.98 -10.60
CA LYS A 5 -7.73 -4.23 -9.18
C LYS A 5 -6.40 -4.66 -8.55
N GLU A 6 -6.02 -3.97 -7.46
CA GLU A 6 -4.88 -4.32 -6.64
C GLU A 6 -5.43 -4.57 -5.26
N ASP A 7 -4.83 -5.50 -4.47
CA ASP A 7 -5.14 -5.58 -3.08
C ASP A 7 -4.12 -4.67 -2.43
N TYR A 8 -4.44 -3.97 -1.34
CA TYR A 8 -3.53 -3.06 -0.65
C TYR A 8 -2.27 -3.69 -0.08
N TYR A 9 -2.31 -5.01 0.07
CA TYR A 9 -1.31 -5.88 0.62
C TYR A 9 -0.15 -5.94 -0.33
N GLN A 10 -0.50 -6.02 -1.62
CA GLN A 10 0.36 -6.26 -2.74
C GLN A 10 1.12 -5.01 -3.08
N ILE A 11 0.44 -3.88 -2.85
CA ILE A 11 0.87 -2.52 -2.99
C ILE A 11 2.02 -2.30 -2.04
N LEU A 12 1.86 -2.86 -0.82
CA LEU A 12 2.73 -2.70 0.28
C LEU A 12 3.78 -3.80 0.33
N GLY A 13 3.61 -4.90 -0.43
CA GLY A 13 4.55 -6.01 -0.43
C GLY A 13 4.43 -6.83 0.82
N VAL A 14 3.25 -6.75 1.47
CA VAL A 14 3.00 -7.33 2.77
C VAL A 14 2.19 -8.60 2.57
N PRO A 15 2.29 -9.58 3.44
CA PRO A 15 1.54 -10.81 3.34
C PRO A 15 0.08 -10.61 3.66
N ARG A 16 -0.70 -11.63 3.30
CA ARG A 16 -2.11 -11.78 3.58
C ARG A 16 -2.39 -11.88 5.07
N ASN A 17 -1.38 -12.33 5.85
CA ASN A 17 -1.47 -12.56 7.28
C ASN A 17 -0.67 -11.51 8.03
N ALA A 18 -0.39 -10.37 7.36
CA ALA A 18 0.30 -9.23 7.94
C ALA A 18 -0.37 -8.64 9.14
N SER A 19 0.46 -8.07 10.01
CA SER A 19 0.02 -7.30 11.15
C SER A 19 0.27 -5.90 10.83
N GLN A 20 -0.37 -5.01 11.56
CA GLN A 20 -0.28 -3.60 11.24
C GLN A 20 1.08 -3.01 11.57
N LYS A 21 1.83 -3.65 12.50
CA LYS A 21 3.24 -3.41 12.71
C LYS A 21 4.06 -3.72 11.47
N GLU A 22 3.78 -4.85 10.76
CA GLU A 22 4.42 -5.27 9.53
C GLU A 22 4.19 -4.29 8.42
N ILE A 23 2.94 -3.82 8.32
CA ILE A 23 2.52 -2.82 7.44
C ILE A 23 3.18 -1.50 7.66
N LYS A 24 3.44 -1.16 8.94
CA LYS A 24 4.20 0.05 9.26
C LYS A 24 5.63 0.00 8.73
N LYS A 25 6.29 -1.18 8.78
CA LYS A 25 7.55 -1.45 8.30
C LYS A 25 7.72 -1.37 6.82
N ALA A 26 6.78 -1.98 6.06
CA ALA A 26 6.76 -1.85 4.61
C ALA A 26 6.52 -0.44 4.16
N TYR A 27 5.64 0.31 4.85
CA TYR A 27 5.27 1.65 4.46
C TYR A 27 6.47 2.58 4.35
N TYR A 28 7.47 2.46 5.25
CA TYR A 28 8.68 3.28 5.23
C TYR A 28 9.51 3.01 3.98
N GLN A 29 9.65 1.70 3.74
CA GLN A 29 10.53 0.97 2.89
C GLN A 29 10.29 1.28 1.43
N LEU A 30 9.00 1.24 1.12
CA LEU A 30 8.29 1.57 -0.08
C LEU A 30 8.14 3.02 -0.37
N ALA A 31 7.89 3.80 0.69
CA ALA A 31 7.72 5.25 0.56
C ALA A 31 8.95 5.93 -0.02
N LYS A 32 10.14 5.44 0.37
CA LYS A 32 11.44 5.80 -0.16
C LYS A 32 11.58 5.48 -1.64
N LYS A 33 11.01 4.36 -2.11
CA LYS A 33 11.10 3.83 -3.42
C LYS A 33 10.49 4.78 -4.41
N TYR A 34 9.35 5.36 -3.98
CA TYR A 34 8.44 6.08 -4.76
C TYR A 34 8.32 7.58 -4.45
N HIS A 35 9.09 8.14 -3.48
CA HIS A 35 9.10 9.57 -3.17
C HIS A 35 10.04 10.34 -4.12
N PRO A 36 10.02 11.65 -4.39
CA PRO A 36 11.14 12.32 -5.07
C PRO A 36 12.41 12.26 -4.21
N ASP A 37 13.64 12.14 -4.75
CA ASP A 37 14.18 12.40 -6.08
C ASP A 37 13.90 11.36 -7.17
N THR A 38 13.19 10.24 -6.89
CA THR A 38 13.13 9.06 -7.77
C THR A 38 12.36 9.32 -9.05
N ASN A 39 11.57 10.39 -8.97
CA ASN A 39 10.21 10.49 -9.46
C ASN A 39 10.24 11.30 -10.74
N LYS A 40 11.45 11.80 -10.94
CA LYS A 40 12.11 12.31 -12.08
C LYS A 40 12.37 11.22 -13.11
N ASP A 41 12.79 10.03 -12.64
CA ASP A 41 13.06 8.86 -13.46
C ASP A 41 11.92 7.87 -13.61
N ASP A 42 10.77 8.16 -12.99
CA ASP A 42 9.54 7.50 -13.26
C ASP A 42 8.47 8.52 -13.02
N PRO A 43 7.68 8.94 -13.96
CA PRO A 43 6.38 9.55 -13.69
C PRO A 43 5.41 8.60 -13.05
N LYS A 44 5.67 7.26 -13.02
CA LYS A 44 4.73 6.36 -12.39
C LYS A 44 4.94 6.30 -10.88
N ALA A 45 6.15 6.65 -10.36
CA ALA A 45 6.48 6.52 -8.95
C ALA A 45 5.57 7.36 -8.03
N LYS A 46 5.20 8.58 -8.43
CA LYS A 46 4.24 9.42 -7.72
C LYS A 46 2.83 8.82 -7.63
N GLU A 47 2.38 8.11 -8.70
CA GLU A 47 1.10 7.41 -8.76
C GLU A 47 1.06 6.24 -7.79
N LYS A 48 2.15 5.46 -7.74
CA LYS A 48 2.49 4.40 -6.89
C LYS A 48 2.60 4.77 -5.43
N PHE A 49 3.29 5.89 -5.11
CA PHE A 49 3.38 6.51 -3.78
C PHE A 49 2.01 6.88 -3.25
N SER A 50 1.12 7.35 -4.14
CA SER A 50 -0.27 7.60 -3.76
C SER A 50 -0.99 6.32 -3.36
N GLN A 51 -0.71 5.17 -4.04
CA GLN A 51 -1.28 3.89 -3.64
C GLN A 51 -0.81 3.48 -2.26
N LEU A 52 0.49 3.69 -1.90
CA LEU A 52 1.10 3.24 -0.74
C LEU A 52 0.39 3.81 0.48
N ALA A 53 0.09 5.13 0.49
CA ALA A 53 -0.65 5.76 1.57
C ALA A 53 -2.08 5.27 1.66
N GLU A 54 -2.80 5.14 0.51
CA GLU A 54 -4.19 4.73 0.47
C GLU A 54 -4.34 3.31 0.95
N ALA A 55 -3.43 2.42 0.50
CA ALA A 55 -3.34 1.05 0.92
C ALA A 55 -2.97 0.86 2.37
N TYR A 56 -1.94 1.59 2.84
CA TYR A 56 -1.40 1.52 4.21
C TYR A 56 -2.38 1.85 5.25
N GLU A 57 -3.00 2.96 4.98
CA GLU A 57 -3.90 3.63 5.88
C GLU A 57 -5.08 2.75 6.27
N VAL A 58 -5.60 1.94 5.32
CA VAL A 58 -6.56 0.90 5.59
C VAL A 58 -5.93 -0.28 6.32
N LEU A 59 -4.76 -0.79 5.88
CA LEU A 59 -4.20 -2.02 6.29
C LEU A 59 -3.49 -1.91 7.63
N SER A 60 -3.37 -0.66 8.09
CA SER A 60 -2.60 -0.22 9.24
C SER A 60 -3.52 -0.30 10.42
N ASP A 61 -4.81 -0.63 10.19
CA ASP A 61 -5.65 -0.92 11.33
C ASP A 61 -6.03 -2.36 11.37
N GLU A 62 -6.21 -2.84 12.59
CA GLU A 62 -6.87 -4.07 12.92
C GLU A 62 -8.31 -4.04 12.43
N VAL A 63 -9.01 -2.88 12.49
CA VAL A 63 -10.41 -2.82 12.09
C VAL A 63 -10.55 -2.70 10.59
N LYS A 64 -9.87 -1.69 10.04
CA LYS A 64 -9.88 -1.30 8.65
C LYS A 64 -9.32 -2.34 7.73
N ARG A 65 -8.17 -2.97 8.11
CA ARG A 65 -7.63 -4.07 7.32
C ARG A 65 -8.62 -5.22 7.20
N LYS A 66 -9.23 -5.61 8.31
CA LYS A 66 -10.18 -6.64 8.46
C LYS A 66 -11.49 -6.44 7.73
N GLN A 67 -12.08 -5.22 7.77
CA GLN A 67 -13.28 -4.93 7.01
C GLN A 67 -13.00 -4.95 5.51
N TYR A 68 -11.86 -4.39 5.07
CA TYR A 68 -11.40 -4.45 3.68
C TYR A 68 -11.21 -5.88 3.19
N ASP A 69 -10.60 -6.74 4.01
CA ASP A 69 -10.42 -8.15 3.71
C ASP A 69 -11.75 -8.89 3.55
N ALA A 70 -12.81 -8.44 4.25
CA ALA A 70 -14.08 -9.12 4.31
C ALA A 70 -14.91 -8.71 3.11
N TYR A 71 -14.88 -7.41 2.81
CA TYR A 71 -15.71 -6.76 1.85
C TYR A 71 -15.08 -6.60 0.47
N GLY A 72 -13.74 -6.75 0.33
CA GLY A 72 -13.10 -6.77 -0.98
C GLY A 72 -13.01 -8.16 -1.57
N SER A 73 -13.45 -9.18 -0.81
CA SER A 73 -13.42 -10.59 -1.20
C SER A 73 -14.31 -10.92 -2.43
#